data_2Y55
#
_entry.id   2Y55
#
_cell.length_a   104.234
_cell.length_b   92.284
_cell.length_c   107.105
_cell.angle_alpha   90.00
_cell.angle_beta   94.20
_cell.angle_gamma   90.00
#
_symmetry.space_group_name_H-M   'P 1 21 1'
#
loop_
_entity.id
_entity.type
_entity.pdbx_description
1 polymer 'D-ALANYL-D-ALANINE CARBOXYPEPTIDASE'
2 non-polymer 'PHENYLACETAMIDOMETHYL BORONIC ACID'
3 non-polymer 'SULFATE ION'
4 non-polymer 'MAGNESIUM ION'
5 non-polymer ACETONE
6 water water
#
_entity_poly.entity_id   1
_entity_poly.type   'polypeptide(L)'
_entity_poly.pdbx_seq_one_letter_code
;RLTELREDIDAILEDPALEGAVSGVVVVDTATGEELYSRDGGEQLLPASNMKLFTAAAALEVLGADHSFGTEVAAESAPG
RRGEVQDLYLVGRGDPTLSAEDLDAMAAEVAASGVRTVRGDLYADDTWFDSERLVDDWWPEDEPYAYSAQISALTVAHGE
RFDTGVTEVSVTPAAEGEPADVDLGAAEGYAELDNRAVTGAAGSANTLVIDRPVGTNTIAVTGSLPADAAPVTALRTVDE
PAALAGHLFEEALESNGVTVKGDVGLGGVPADWQDAEVLADHTSAELSEILVPFMKFSNNGHAEMLVKSIGQETAGAGTW
DAGLVGVEEALSGLGVDTAGLVLNDGSGLSRGNLVTADTVVDLLGQAGSAPWAQTWSASLPVAGESDPFVGGTLANRMRG
TAAEGVVEAKTGTMSGVSALSGYVPGPEGELAFSIVNNGHSGPAPLAVQDAIAVRLAEYAGHQAPE
;
_entity_poly.pdbx_strand_id   A,B,C,D
#
loop_
_chem_comp.id
_chem_comp.type
_chem_comp.name
_chem_comp.formula
ACN non-polymer ACETONE 'C3 H6 O'
FP5 non-polymer 'PHENYLACETAMIDOMETHYL BORONIC ACID' 'C9 H12 B N O3'
MG non-polymer 'MAGNESIUM ION' 'Mg 2'
SO4 non-polymer 'SULFATE ION' 'O4 S -2'
#
# COMPACT_ATOMS: atom_id res chain seq x y z
N ARG A 1 25.06 7.11 91.09
CA ARG A 1 25.73 6.70 89.82
C ARG A 1 24.79 6.82 88.63
N LEU A 2 23.57 6.31 88.78
CA LEU A 2 22.54 6.40 87.75
C LEU A 2 21.94 7.82 87.68
N THR A 3 21.96 8.51 88.82
CA THR A 3 21.43 9.87 88.91
C THR A 3 22.35 10.89 88.22
N GLU A 4 23.66 10.69 88.32
CA GLU A 4 24.69 11.54 87.70
C GLU A 4 24.54 11.55 86.18
N LEU A 5 24.38 10.34 85.63
CA LEU A 5 24.21 10.14 84.20
C LEU A 5 23.02 10.92 83.68
N ARG A 6 21.87 10.78 84.35
CA ARG A 6 20.63 11.44 83.94
C ARG A 6 20.80 12.95 83.76
N GLU A 7 21.54 13.59 84.67
CA GLU A 7 21.79 15.02 84.58
C GLU A 7 22.68 15.37 83.41
N ASP A 8 23.71 14.56 83.18
CA ASP A 8 24.65 14.78 82.08
C ASP A 8 23.90 14.85 80.75
N ILE A 9 23.08 13.85 80.50
CA ILE A 9 22.30 13.79 79.28
C ILE A 9 21.35 14.98 79.12
N ASP A 10 20.81 15.48 80.24
CA ASP A 10 20.05 16.73 80.26
C ASP A 10 20.93 17.83 79.66
N ALA A 11 22.13 18.00 80.21
CA ALA A 11 23.04 19.06 79.78
C ALA A 11 23.46 18.95 78.31
N ILE A 12 23.55 17.72 77.79
CA ILE A 12 23.99 17.50 76.41
C ILE A 12 22.87 17.89 75.49
N LEU A 13 21.65 17.88 76.02
CA LEU A 13 20.50 18.28 75.24
C LEU A 13 20.16 19.78 75.38
N GLU A 14 20.95 20.51 76.16
CA GLU A 14 20.82 21.97 76.22
C GLU A 14 21.50 22.61 75.01
N ASP A 15 22.31 21.83 74.30
CA ASP A 15 23.04 22.28 73.11
C ASP A 15 22.21 23.23 72.22
N PRO A 16 22.77 24.40 71.87
CA PRO A 16 22.01 25.33 71.03
C PRO A 16 21.80 24.83 69.59
N ALA A 17 22.46 23.73 69.23
CA ALA A 17 22.21 23.05 67.94
C ALA A 17 20.86 22.31 67.88
N LEU A 18 20.28 21.99 69.03
CA LEU A 18 18.94 21.40 69.13
C LEU A 18 17.81 22.44 69.37
N GLU A 19 18.06 23.68 68.94
CA GLU A 19 17.10 24.77 69.06
C GLU A 19 15.93 24.54 68.08
N GLY A 20 14.70 24.62 68.60
CA GLY A 20 13.49 24.36 67.83
C GLY A 20 13.27 22.91 67.42
N ALA A 21 13.95 22.00 68.13
CA ALA A 21 13.99 20.60 67.77
C ALA A 21 13.32 19.71 68.81
N VAL A 22 12.47 18.79 68.33
CA VAL A 22 11.98 17.73 69.20
C VAL A 22 13.02 16.64 69.11
N SER A 23 13.30 16.02 70.25
CA SER A 23 14.39 15.07 70.34
C SER A 23 14.02 13.90 71.24
N GLY A 24 13.93 12.71 70.62
CA GLY A 24 13.56 11.46 71.29
C GLY A 24 14.80 10.73 71.75
N VAL A 25 14.89 10.53 73.06
CA VAL A 25 16.04 9.90 73.66
C VAL A 25 15.64 8.85 74.71
N VAL A 26 16.00 7.60 74.44
CA VAL A 26 15.61 6.46 75.29
C VAL A 26 16.79 5.50 75.47
N VAL A 27 17.05 5.07 76.71
CA VAL A 27 18.11 4.10 76.97
C VAL A 27 17.62 3.01 77.91
N VAL A 28 17.87 1.78 77.52
CA VAL A 28 17.36 0.63 78.25
C VAL A 28 18.47 -0.38 78.52
N ASP A 29 18.69 -0.69 79.80
CA ASP A 29 19.56 -1.80 80.15
C ASP A 29 18.82 -3.04 79.70
N THR A 30 19.50 -3.88 78.91
CA THR A 30 18.85 -4.99 78.24
C THR A 30 18.75 -6.29 79.07
N ALA A 31 19.66 -6.46 80.03
CA ALA A 31 19.63 -7.62 80.93
C ALA A 31 18.55 -7.51 82.01
N THR A 32 18.10 -6.29 82.30
CA THR A 32 17.06 -6.06 83.30
C THR A 32 15.76 -5.56 82.65
N GLY A 33 15.88 -4.57 81.78
CA GLY A 33 14.72 -3.89 81.20
C GLY A 33 14.46 -2.59 81.93
N GLU A 34 15.31 -2.27 82.90
CA GLU A 34 15.25 -0.99 83.59
C GLU A 34 15.51 0.13 82.58
N GLU A 35 14.65 1.13 82.59
CA GLU A 35 14.81 2.32 81.77
C GLU A 35 15.75 3.32 82.44
N LEU A 36 16.88 3.57 81.79
CA LEU A 36 17.87 4.49 82.30
C LEU A 36 17.58 5.94 81.90
N TYR A 37 17.04 6.15 80.70
CA TYR A 37 16.66 7.49 80.25
C TYR A 37 15.49 7.47 79.28
N SER A 38 14.59 8.45 79.43
CA SER A 38 13.47 8.66 78.50
C SER A 38 13.10 10.12 78.49
N ARG A 39 13.05 10.68 77.30
CA ARG A 39 12.53 12.01 77.08
C ARG A 39 11.80 11.93 75.75
N ASP A 40 10.48 12.10 75.79
CA ASP A 40 9.67 12.04 74.57
C ASP A 40 9.77 10.68 73.85
N GLY A 41 9.89 9.60 74.62
CA GLY A 41 10.04 8.27 74.06
C GLY A 41 8.93 7.83 73.14
N GLY A 42 7.80 8.52 73.23
CA GLY A 42 6.58 8.13 72.50
C GLY A 42 6.11 9.16 71.50
N GLU A 43 6.93 10.19 71.28
CA GLU A 43 6.78 11.14 70.20
C GLU A 43 7.12 10.48 68.84
N GLN A 44 6.26 10.70 67.85
CA GLN A 44 6.49 10.16 66.52
C GLN A 44 7.38 11.11 65.74
N LEU A 45 8.43 10.57 65.14
CA LEU A 45 9.43 11.34 64.45
C LEU A 45 9.92 10.63 63.17
N LEU A 46 10.36 11.42 62.19
CA LEU A 46 10.98 10.88 61.00
C LEU A 46 12.29 10.21 61.41
N PRO A 47 12.54 8.99 60.95
CA PRO A 47 13.70 8.24 61.42
C PRO A 47 14.90 8.30 60.49
N ALA A 48 14.71 8.96 59.35
CA ALA A 48 15.63 8.90 58.24
C ALA A 48 16.06 7.46 58.02
N SER A 49 17.37 7.25 57.98
CA SER A 49 17.93 5.94 57.72
C SER A 49 17.82 4.90 58.84
N ASN A 50 17.45 5.30 60.07
CA ASN A 50 17.18 4.30 61.15
C ASN A 50 16.01 3.36 60.86
N MET A 51 15.15 3.77 59.93
CA MET A 51 14.05 2.94 59.44
C MET A 51 14.57 1.57 58.97
N LYS A 52 15.83 1.56 58.52
CA LYS A 52 16.47 0.31 58.03
C LYS A 52 16.54 -0.74 59.11
N LEU A 53 16.74 -0.29 60.36
CA LEU A 53 16.68 -1.19 61.50
C LEU A 53 15.45 -2.04 61.39
N PHE A 54 14.31 -1.39 61.10
CA PHE A 54 13.06 -2.11 61.02
C PHE A 54 13.04 -3.05 59.84
N THR A 55 13.53 -2.57 58.69
CA THR A 55 13.50 -3.38 57.50
C THR A 55 14.39 -4.61 57.66
N ALA A 56 15.61 -4.37 58.13
CA ALA A 56 16.59 -5.44 58.30
C ALA A 56 16.04 -6.50 59.22
N ALA A 57 15.40 -6.08 60.32
CA ALA A 57 14.84 -7.07 61.23
C ALA A 57 13.82 -7.96 60.51
N ALA A 58 12.89 -7.31 59.79
CA ALA A 58 11.89 -8.05 59.04
C ALA A 58 12.47 -9.02 58.02
N ALA A 59 13.51 -8.59 57.32
CA ALA A 59 14.10 -9.43 56.29
C ALA A 59 14.64 -10.74 56.88
N LEU A 60 15.22 -10.65 58.07
CA LEU A 60 15.76 -11.84 58.71
C LEU A 60 14.62 -12.73 59.16
N GLU A 61 13.56 -12.11 59.69
CA GLU A 61 12.38 -12.84 60.13
C GLU A 61 11.64 -13.56 59.00
N VAL A 62 11.42 -12.83 57.91
CA VAL A 62 10.66 -13.38 56.78
C VAL A 62 11.49 -14.29 55.84
N LEU A 63 12.64 -13.76 55.38
CA LEU A 63 13.54 -14.45 54.39
C LEU A 63 14.56 -15.41 55.01
N GLY A 64 15.04 -15.09 56.21
CA GLY A 64 16.02 -15.96 56.86
C GLY A 64 17.43 -15.43 56.65
N ALA A 65 18.29 -15.63 57.66
CA ALA A 65 19.73 -15.45 57.53
C ALA A 65 20.30 -16.26 56.32
N ASP A 66 19.63 -17.35 55.98
CA ASP A 66 20.10 -18.34 55.02
C ASP A 66 19.67 -18.02 53.58
N HIS A 67 18.80 -17.04 53.41
CA HIS A 67 18.13 -16.79 52.14
C HIS A 67 19.09 -16.22 51.12
N SER A 68 18.98 -16.67 49.88
CA SER A 68 19.85 -16.12 48.87
C SER A 68 19.02 -15.86 47.63
N PHE A 69 19.56 -15.06 46.70
CA PHE A 69 18.83 -14.53 45.55
C PHE A 69 19.35 -15.07 44.22
N GLY A 70 18.45 -15.26 43.26
CA GLY A 70 18.84 -15.86 42.00
C GLY A 70 18.59 -15.05 40.76
N THR A 71 19.41 -15.30 39.73
CA THR A 71 19.26 -14.73 38.39
C THR A 71 19.44 -15.89 37.42
N GLU A 72 18.69 -15.88 36.33
CA GLU A 72 18.73 -16.99 35.34
C GLU A 72 18.67 -16.48 33.92
N VAL A 73 19.12 -17.33 33.00
CA VAL A 73 19.00 -17.07 31.58
C VAL A 73 18.15 -18.16 30.93
N ALA A 74 17.24 -17.77 30.06
CA ALA A 74 16.24 -18.72 29.57
C ALA A 74 15.96 -18.58 28.06
N ALA A 75 15.89 -19.73 27.38
CA ALA A 75 15.40 -19.79 26.01
C ALA A 75 14.18 -20.70 25.99
N GLU A 76 13.42 -20.65 24.90
CA GLU A 76 12.21 -21.45 24.79
C GLU A 76 12.52 -22.95 24.77
N SER A 77 13.65 -23.27 24.14
CA SER A 77 14.22 -24.61 24.11
C SER A 77 15.74 -24.46 23.98
N ALA A 78 16.47 -25.52 24.33
CA ALA A 78 17.93 -25.60 24.19
C ALA A 78 18.38 -25.43 22.75
N PRO A 79 19.65 -25.07 22.52
CA PRO A 79 20.13 -24.94 21.14
C PRO A 79 20.52 -26.30 20.54
N GLY A 80 20.70 -26.35 19.22
CA GLY A 80 21.04 -27.62 18.58
C GLY A 80 22.38 -27.65 17.87
N ARG A 81 22.47 -28.55 16.88
CA ARG A 81 23.64 -28.69 16.01
C ARG A 81 24.21 -27.33 15.58
N ARG A 82 23.32 -26.44 15.14
CA ARG A 82 23.70 -25.13 14.61
C ARG A 82 23.94 -24.10 15.72
N GLY A 83 23.56 -24.45 16.94
CA GLY A 83 23.75 -23.60 18.11
C GLY A 83 22.93 -22.33 18.04
N GLU A 84 21.67 -22.46 17.65
CA GLU A 84 20.81 -21.29 17.58
C GLU A 84 19.62 -21.37 18.54
N VAL A 85 19.41 -20.27 19.27
CA VAL A 85 18.19 -20.04 20.06
C VAL A 85 17.53 -18.81 19.49
N GLN A 86 16.22 -18.65 19.71
CA GLN A 86 15.52 -17.44 19.28
C GLN A 86 15.73 -16.23 20.21
N ASP A 87 14.79 -16.04 21.13
CA ASP A 87 14.85 -14.97 22.10
C ASP A 87 15.47 -15.48 23.37
N LEU A 88 16.28 -14.62 24.00
CA LEU A 88 16.88 -14.92 25.29
C LEU A 88 16.33 -14.06 26.40
N TYR A 89 16.27 -14.62 27.59
CA TYR A 89 15.72 -13.91 28.71
C TYR A 89 16.66 -13.93 29.88
N LEU A 90 17.06 -12.73 30.29
CA LEU A 90 17.75 -12.50 31.55
C LEU A 90 16.67 -12.23 32.60
N VAL A 91 16.53 -13.17 33.53
CA VAL A 91 15.51 -13.07 34.53
C VAL A 91 16.17 -12.89 35.87
N GLY A 92 15.90 -11.74 36.47
CA GLY A 92 16.41 -11.44 37.81
C GLY A 92 15.32 -11.55 38.86
N ARG A 93 15.68 -12.09 40.04
CA ARG A 93 14.74 -12.20 41.15
C ARG A 93 15.24 -11.50 42.42
N GLY A 94 15.54 -10.20 42.30
CA GLY A 94 15.75 -9.34 43.45
C GLY A 94 17.07 -9.53 44.15
N ASP A 95 18.06 -10.05 43.43
CA ASP A 95 19.44 -10.01 43.92
C ASP A 95 19.99 -8.56 44.05
N PRO A 96 20.30 -8.12 45.29
CA PRO A 96 20.81 -6.77 45.44
C PRO A 96 22.34 -6.61 45.16
N THR A 97 23.02 -7.73 44.86
CA THR A 97 24.49 -7.77 44.81
C THR A 97 25.04 -8.34 43.51
N LEU A 98 24.21 -8.41 42.50
CA LEU A 98 24.61 -8.86 41.19
C LEU A 98 25.64 -7.93 40.48
N SER A 99 26.83 -8.45 40.19
CA SER A 99 27.89 -7.66 39.50
C SER A 99 27.95 -7.85 37.97
N ALA A 100 28.74 -7.01 37.30
CA ALA A 100 29.06 -7.15 35.86
C ALA A 100 29.82 -8.42 35.62
N GLU A 101 30.58 -8.82 36.64
CA GLU A 101 31.32 -10.03 36.53
C GLU A 101 30.44 -11.26 36.67
N ASP A 102 29.44 -11.22 37.53
CA ASP A 102 28.47 -12.33 37.55
C ASP A 102 27.74 -12.46 36.21
N LEU A 103 27.49 -11.31 35.57
CA LEU A 103 26.92 -11.26 34.21
C LEU A 103 27.85 -11.91 33.19
N ASP A 104 29.15 -11.67 33.32
CA ASP A 104 30.13 -12.27 32.46
C ASP A 104 30.24 -13.78 32.71
N ALA A 105 30.16 -14.19 33.98
CA ALA A 105 30.18 -15.59 34.30
C ALA A 105 28.92 -16.29 33.70
N MET A 106 27.76 -15.64 33.78
CA MET A 106 26.57 -16.16 33.14
C MET A 106 26.69 -16.17 31.62
N ALA A 107 27.32 -15.15 31.04
CA ALA A 107 27.53 -15.13 29.59
C ALA A 107 28.37 -16.32 29.12
N ALA A 108 29.41 -16.64 29.91
CA ALA A 108 30.25 -17.78 29.62
C ALA A 108 29.47 -19.09 29.75
N GLU A 109 28.55 -19.18 30.73
CA GLU A 109 27.71 -20.38 30.89
C GLU A 109 26.82 -20.60 29.65
N VAL A 110 26.26 -19.51 29.12
CA VAL A 110 25.50 -19.51 27.87
C VAL A 110 26.37 -20.03 26.69
N ALA A 111 27.62 -19.61 26.63
CA ALA A 111 28.58 -20.15 25.65
C ALA A 111 28.92 -21.63 25.90
N ALA A 112 29.08 -22.01 27.17
CA ALA A 112 29.45 -23.38 27.52
C ALA A 112 28.26 -24.35 27.41
N SER A 113 27.08 -23.81 27.11
CA SER A 113 25.88 -24.62 26.97
C SER A 113 25.62 -24.81 25.49
N GLY A 114 26.41 -24.13 24.66
CA GLY A 114 26.33 -24.36 23.22
C GLY A 114 25.59 -23.35 22.38
N VAL A 115 25.14 -22.25 22.97
CA VAL A 115 24.60 -21.17 22.17
C VAL A 115 25.76 -20.40 21.54
N ARG A 116 25.60 -20.07 20.28
CA ARG A 116 26.63 -19.40 19.52
C ARG A 116 25.96 -18.18 18.91
N THR A 117 24.63 -18.26 18.74
CA THR A 117 23.82 -17.15 18.23
C THR A 117 22.45 -17.07 18.91
N VAL A 118 22.13 -15.88 19.42
CA VAL A 118 20.76 -15.54 19.77
C VAL A 118 20.23 -14.89 18.49
N ARG A 119 19.23 -15.50 17.86
CA ARG A 119 18.71 -14.99 16.59
C ARG A 119 17.63 -13.91 16.82
N GLY A 120 16.96 -13.97 17.95
CA GLY A 120 15.88 -13.02 18.23
C GLY A 120 16.33 -11.84 19.06
N ASP A 121 15.46 -11.39 19.95
CA ASP A 121 15.77 -10.26 20.79
C ASP A 121 16.24 -10.79 22.12
N LEU A 122 17.06 -10.00 22.82
CA LEU A 122 17.41 -10.27 24.24
C LEU A 122 16.50 -9.46 25.13
N TYR A 123 15.92 -10.12 26.12
CA TYR A 123 14.94 -9.43 26.93
C TYR A 123 15.42 -9.40 28.36
N ALA A 124 15.19 -8.25 28.99
CA ALA A 124 15.47 -8.08 30.38
C ALA A 124 14.16 -8.28 31.15
N ASP A 125 14.11 -9.34 31.96
CA ASP A 125 12.92 -9.68 32.73
C ASP A 125 13.13 -9.37 34.21
N ASP A 126 12.54 -8.27 34.68
CA ASP A 126 12.56 -7.91 36.12
C ASP A 126 11.17 -7.91 36.74
N THR A 127 10.28 -8.77 36.22
CA THR A 127 8.87 -8.78 36.59
C THR A 127 8.54 -9.53 37.93
N TRP A 128 9.58 -9.99 38.60
CA TRP A 128 9.45 -10.63 39.89
C TRP A 128 9.10 -9.58 40.94
N PHE A 129 9.49 -8.33 40.67
CA PHE A 129 8.96 -7.14 41.36
C PHE A 129 8.06 -6.37 40.37
N ASP A 130 7.15 -5.53 40.88
CA ASP A 130 6.43 -4.57 40.04
C ASP A 130 7.36 -3.50 39.47
N SER A 131 6.84 -2.66 38.60
CA SER A 131 7.70 -1.68 37.99
C SER A 131 7.53 -0.29 38.57
N GLU A 132 7.12 -0.19 39.85
CA GLU A 132 7.09 1.11 40.47
C GLU A 132 8.50 1.31 40.96
N ARG A 133 9.25 2.07 40.18
CA ARG A 133 10.66 2.36 40.43
C ARG A 133 10.99 3.17 41.70
N LEU A 134 10.13 4.15 42.04
CA LEU A 134 10.35 5.10 43.12
C LEU A 134 9.17 5.11 44.09
N VAL A 135 9.44 5.38 45.36
CA VAL A 135 8.35 5.64 46.28
C VAL A 135 7.65 6.97 45.90
N ASP A 136 6.32 7.00 46.07
CA ASP A 136 5.53 8.20 45.78
C ASP A 136 6.16 9.53 46.22
N ASP A 137 6.42 9.73 47.51
CA ASP A 137 6.91 11.03 48.02
C ASP A 137 8.44 11.37 47.97
N TRP A 138 9.26 10.48 47.46
CA TRP A 138 10.68 10.74 47.22
C TRP A 138 10.83 11.89 46.23
N TRP A 139 11.88 12.69 46.37
CA TRP A 139 11.97 14.00 45.72
C TRP A 139 12.59 13.92 44.32
N PRO A 140 11.90 14.45 43.30
CA PRO A 140 12.44 14.27 41.93
C PRO A 140 13.83 14.91 41.71
N GLU A 141 14.10 16.04 42.35
CA GLU A 141 15.42 16.66 42.20
C GLU A 141 16.57 15.75 42.72
N ASP A 142 16.17 14.70 43.43
CA ASP A 142 17.03 13.73 44.08
C ASP A 142 17.34 12.52 43.21
N GLU A 143 16.59 12.34 42.16
CA GLU A 143 16.70 11.09 41.43
C GLU A 143 18.07 10.79 40.76
N PRO A 144 18.90 11.84 40.52
CA PRO A 144 20.15 11.43 39.86
C PRO A 144 21.19 10.75 40.78
N TYR A 145 20.93 10.62 42.08
CA TYR A 145 22.00 10.21 43.03
C TYR A 145 21.84 8.81 43.61
N ALA A 146 22.96 8.16 43.92
CA ALA A 146 22.95 6.71 44.15
C ALA A 146 21.89 6.23 45.10
N TYR A 147 21.67 7.00 46.16
CA TYR A 147 20.79 6.59 47.25
C TYR A 147 19.35 6.66 46.84
N SER A 148 19.11 7.27 45.69
CA SER A 148 17.78 7.41 45.18
C SER A 148 17.52 6.59 43.91
N ALA A 149 18.36 5.58 43.69
CA ALA A 149 18.30 4.81 42.45
C ALA A 149 16.95 4.12 42.29
N GLN A 150 16.54 3.97 41.05
CA GLN A 150 15.30 3.27 40.73
C GLN A 150 15.30 1.83 41.25
N ILE A 151 14.14 1.36 41.73
CA ILE A 151 14.02 -0.01 42.26
C ILE A 151 13.58 -1.02 41.19
N SER A 152 14.21 -2.21 41.18
CA SER A 152 13.91 -3.20 40.15
C SER A 152 14.31 -4.55 40.65
N ALA A 153 13.74 -5.60 40.06
CA ALA A 153 14.11 -6.98 40.42
C ALA A 153 15.46 -7.36 39.84
N LEU A 154 15.82 -6.71 38.72
CA LEU A 154 17.02 -7.06 37.97
C LEU A 154 17.79 -5.80 37.88
N THR A 155 18.70 -5.61 38.82
CA THR A 155 19.55 -4.45 38.81
C THR A 155 21.04 -4.83 38.97
N VAL A 156 21.88 -4.22 38.13
CA VAL A 156 23.32 -4.41 38.21
C VAL A 156 23.92 -3.56 39.33
N ALA A 157 24.50 -4.26 40.31
CA ALA A 157 25.14 -3.67 41.48
C ALA A 157 26.62 -3.24 41.17
N HIS A 158 27.00 -2.00 41.49
CA HIS A 158 28.40 -1.50 41.24
C HIS A 158 29.31 -1.53 42.46
N GLY A 159 30.54 -2.02 42.23
CA GLY A 159 31.58 -2.14 43.23
C GLY A 159 31.31 -3.09 44.38
N GLU A 160 32.26 -3.12 45.31
CA GLU A 160 32.16 -3.96 46.50
C GLU A 160 31.14 -3.49 47.53
N ARG A 161 30.67 -2.27 47.42
CA ARG A 161 29.51 -1.82 48.23
C ARG A 161 28.18 -2.23 47.58
N PHE A 162 28.21 -2.56 46.30
CA PHE A 162 27.05 -3.05 45.58
C PHE A 162 26.05 -1.97 45.63
N ASP A 163 26.44 -0.79 45.15
CA ASP A 163 25.48 0.30 44.93
C ASP A 163 24.71 -0.04 43.67
N THR A 164 23.41 -0.24 43.80
CA THR A 164 22.63 -0.73 42.65
C THR A 164 22.08 0.38 41.71
N GLY A 165 21.82 -0.03 40.47
CA GLY A 165 21.12 0.79 39.50
C GLY A 165 21.87 2.06 39.15
N VAL A 166 23.18 2.08 39.38
CA VAL A 166 23.93 3.29 39.10
C VAL A 166 25.04 3.00 38.14
N THR A 167 25.56 4.01 37.47
CA THR A 167 26.79 3.85 36.71
C THR A 167 27.85 4.77 37.29
N GLU A 168 29.12 4.50 37.05
CA GLU A 168 30.16 5.45 37.44
C GLU A 168 30.51 6.39 36.28
N VAL A 169 30.43 7.69 36.53
CA VAL A 169 30.80 8.69 35.53
C VAL A 169 32.18 9.28 35.88
N SER A 170 33.07 9.36 34.90
CA SER A 170 34.41 9.92 35.15
C SER A 170 34.71 11.04 34.18
N VAL A 171 35.21 12.14 34.72
CA VAL A 171 35.44 13.33 33.93
C VAL A 171 36.89 13.71 34.10
N THR A 172 37.59 13.85 32.96
CA THR A 172 39.03 14.02 32.96
C THR A 172 39.27 15.31 32.24
N PRO A 173 40.10 16.19 32.80
CA PRO A 173 40.46 17.39 32.08
C PRO A 173 41.33 17.02 30.92
N ALA A 174 41.29 17.86 29.89
CA ALA A 174 42.11 17.72 28.70
C ALA A 174 43.09 18.89 28.63
N ALA A 175 43.36 19.44 27.46
CA ALA A 175 44.04 20.73 27.37
C ALA A 175 43.03 21.87 27.57
N GLU A 176 43.46 22.90 28.29
CA GLU A 176 42.66 24.13 28.48
C GLU A 176 41.92 24.58 27.23
N GLY A 177 40.62 24.74 27.36
CA GLY A 177 39.82 25.25 26.25
C GLY A 177 39.15 24.13 25.49
N GLU A 178 39.65 22.91 25.67
CA GLU A 178 39.02 21.76 25.04
C GLU A 178 37.96 21.16 25.90
N PRO A 179 37.02 20.44 25.28
CA PRO A 179 36.04 19.75 26.10
C PRO A 179 36.70 18.83 27.12
N ALA A 180 36.14 18.78 28.31
CA ALA A 180 36.50 17.77 29.27
C ALA A 180 36.20 16.43 28.59
N ASP A 181 36.88 15.39 29.03
CA ASP A 181 36.50 14.09 28.52
C ASP A 181 35.58 13.44 29.51
N VAL A 182 34.48 12.89 29.02
CA VAL A 182 33.51 12.21 29.90
C VAL A 182 33.40 10.75 29.58
N ASP A 183 33.46 9.96 30.64
CA ASP A 183 33.41 8.55 30.53
C ASP A 183 32.19 8.16 31.29
N LEU A 184 31.28 7.45 30.66
CA LEU A 184 30.01 7.07 31.30
C LEU A 184 29.98 5.76 32.09
N GLY A 185 31.11 5.09 32.24
CA GLY A 185 31.15 3.76 32.88
C GLY A 185 30.20 2.74 32.24
N ALA A 186 29.68 1.80 33.07
CA ALA A 186 28.78 0.75 32.60
C ALA A 186 27.77 1.23 31.58
N ALA A 187 27.23 2.42 31.80
CA ALA A 187 26.10 2.91 31.02
C ALA A 187 26.44 3.41 29.61
N GLU A 188 27.69 3.25 29.17
CA GLU A 188 28.10 3.61 27.80
C GLU A 188 27.27 2.80 26.81
N GLY A 189 26.72 3.52 25.82
CA GLY A 189 25.88 2.93 24.79
C GLY A 189 24.50 2.62 25.29
N TYR A 190 24.30 2.78 26.60
CA TYR A 190 22.98 2.76 27.16
C TYR A 190 22.46 4.21 27.28
N ALA A 191 22.92 4.91 28.31
CA ALA A 191 22.55 6.30 28.60
C ALA A 191 23.20 7.27 27.62
N GLU A 192 22.41 8.23 27.14
CA GLU A 192 22.86 9.36 26.33
C GLU A 192 23.82 10.28 27.09
N LEU A 193 24.64 10.97 26.33
CA LEU A 193 25.52 11.96 26.88
C LEU A 193 25.19 13.34 26.31
N ASP A 194 25.11 14.35 27.18
CA ASP A 194 25.18 15.74 26.73
C ASP A 194 26.33 16.45 27.48
N ASN A 195 27.45 16.57 26.79
CA ASN A 195 28.66 17.06 27.40
C ASN A 195 28.87 18.51 26.98
N ARG A 196 28.77 19.44 27.92
CA ARG A 196 29.06 20.83 27.63
C ARG A 196 30.19 21.31 28.52
N ALA A 197 30.76 20.36 29.26
CA ALA A 197 31.85 20.61 30.16
C ALA A 197 33.11 20.97 29.38
N VAL A 198 33.88 21.91 29.91
CA VAL A 198 35.11 22.35 29.26
C VAL A 198 36.31 22.31 30.24
N THR A 199 37.53 22.29 29.70
CA THR A 199 38.73 22.35 30.55
C THR A 199 39.09 23.82 30.69
N GLY A 200 39.22 24.26 31.93
CA GLY A 200 39.59 25.63 32.20
C GLY A 200 41.08 25.73 32.43
N ALA A 201 41.57 26.96 32.48
CA ALA A 201 42.98 27.23 32.74
C ALA A 201 43.46 26.51 34.00
N ALA A 202 44.73 26.11 33.97
CA ALA A 202 45.38 25.41 35.09
C ALA A 202 45.25 26.20 36.39
N GLY A 203 44.67 25.58 37.41
CA GLY A 203 44.47 26.25 38.69
C GLY A 203 43.28 27.20 38.75
N SER A 204 42.40 27.17 37.75
CA SER A 204 41.14 27.92 37.85
C SER A 204 40.11 27.14 38.68
N ALA A 205 38.88 27.65 38.71
CA ALA A 205 37.85 27.14 39.63
C ALA A 205 37.08 25.99 38.99
N ASN A 206 36.90 24.93 39.79
CA ASN A 206 36.11 23.74 39.41
C ASN A 206 34.62 24.02 39.57
N THR A 207 33.87 23.92 38.48
CA THR A 207 32.46 24.27 38.51
C THR A 207 31.63 23.19 37.87
N LEU A 208 32.19 21.99 37.89
CA LEU A 208 31.64 20.86 37.16
C LEU A 208 30.38 20.36 37.82
N VAL A 209 29.32 20.29 37.02
CA VAL A 209 28.07 19.66 37.44
C VAL A 209 27.82 18.41 36.58
N ILE A 210 27.47 17.31 37.26
CA ILE A 210 27.10 16.06 36.60
C ILE A 210 25.66 15.75 37.00
N ASP A 211 24.76 15.75 36.02
CA ASP A 211 23.33 15.63 36.29
C ASP A 211 22.72 14.52 35.45
N ARG A 212 21.57 14.02 35.91
CA ARG A 212 20.63 13.32 35.06
C ARG A 212 19.30 14.06 35.01
N PRO A 213 19.05 14.86 33.96
CA PRO A 213 17.83 15.70 34.01
C PRO A 213 16.56 14.87 34.19
N VAL A 214 15.66 15.36 35.04
CA VAL A 214 14.53 14.58 35.52
C VAL A 214 13.77 13.98 34.34
N GLY A 215 13.35 12.71 34.51
CA GLY A 215 12.61 11.99 33.49
C GLY A 215 13.37 11.84 32.17
N THR A 216 14.70 11.91 32.21
CA THR A 216 15.48 11.49 31.04
C THR A 216 16.43 10.36 31.37
N ASN A 217 17.12 9.86 30.33
CA ASN A 217 18.23 8.90 30.49
C ASN A 217 19.53 9.49 29.93
N THR A 218 19.69 10.79 30.10
CA THR A 218 20.77 11.57 29.46
C THR A 218 21.66 12.04 30.59
N ILE A 219 22.98 11.94 30.45
CA ILE A 219 23.86 12.46 31.51
C ILE A 219 24.36 13.83 31.05
N ALA A 220 23.87 14.86 31.70
CA ALA A 220 24.20 16.16 31.24
C ALA A 220 25.36 16.62 32.07
N VAL A 221 26.48 16.87 31.40
CA VAL A 221 27.61 17.41 32.12
C VAL A 221 27.85 18.86 31.72
N THR A 222 27.94 19.72 32.74
CA THR A 222 28.23 21.16 32.53
C THR A 222 29.35 21.72 33.42
N GLY A 223 29.81 22.93 33.09
CA GLY A 223 30.88 23.58 33.85
C GLY A 223 32.28 23.42 33.27
N SER A 224 33.29 23.54 34.13
CA SER A 224 34.69 23.76 33.72
C SER A 224 35.63 23.01 34.67
N LEU A 225 36.36 22.03 34.15
CA LEU A 225 37.32 21.28 34.98
C LEU A 225 38.71 21.86 34.76
N PRO A 226 39.41 22.21 35.85
CA PRO A 226 40.75 22.79 35.75
C PRO A 226 41.72 21.81 35.09
N ALA A 227 42.54 22.30 34.15
CA ALA A 227 43.54 21.48 33.47
C ALA A 227 44.33 20.61 34.42
N ASP A 228 44.48 21.06 35.65
CA ASP A 228 45.35 20.39 36.60
C ASP A 228 44.58 19.65 37.68
N ALA A 229 43.26 19.60 37.55
CA ALA A 229 42.50 18.91 38.54
C ALA A 229 42.70 17.39 38.40
N ALA A 230 42.65 16.70 39.54
CA ALA A 230 42.49 15.26 39.52
C ALA A 230 41.15 14.93 38.84
N PRO A 231 41.14 13.87 38.01
CA PRO A 231 39.94 13.19 37.49
C PRO A 231 38.82 13.03 38.54
N VAL A 232 37.64 13.52 38.18
CA VAL A 232 36.45 13.47 39.02
C VAL A 232 35.60 12.26 38.66
N THR A 233 35.18 11.51 39.68
CA THR A 233 34.18 10.49 39.44
C THR A 233 32.97 10.62 40.36
N ALA A 234 31.80 10.27 39.81
CA ALA A 234 30.55 10.28 40.55
C ALA A 234 29.65 9.12 40.15
N LEU A 235 28.96 8.54 41.13
CA LEU A 235 27.91 7.56 40.84
C LEU A 235 26.63 8.30 40.51
N ARG A 236 26.11 8.05 39.32
CA ARG A 236 24.81 8.54 38.99
C ARG A 236 23.83 7.38 38.67
N THR A 237 22.57 7.51 39.09
CA THR A 237 21.49 6.55 38.71
C THR A 237 21.16 6.56 37.22
N VAL A 238 20.78 5.42 36.66
CA VAL A 238 20.20 5.41 35.32
C VAL A 238 18.72 5.10 35.37
N ASP A 239 18.04 5.40 34.27
CA ASP A 239 16.62 5.11 34.12
C ASP A 239 16.57 3.68 33.68
N GLU A 240 15.67 2.92 34.30
CA GLU A 240 15.42 1.49 33.99
C GLU A 240 16.64 0.62 34.22
N PRO A 241 16.86 0.26 35.48
CA PRO A 241 18.00 -0.57 35.86
C PRO A 241 18.05 -1.88 35.07
N ALA A 242 16.94 -2.59 34.95
CA ALA A 242 16.94 -3.82 34.18
C ALA A 242 17.50 -3.65 32.76
N ALA A 243 16.97 -2.66 32.04
CA ALA A 243 17.38 -2.40 30.65
C ALA A 243 18.91 -2.26 30.53
N LEU A 244 19.53 -1.63 31.53
CA LEU A 244 20.96 -1.52 31.56
C LEU A 244 21.55 -2.91 31.86
N ALA A 245 20.97 -3.66 32.82
CA ALA A 245 21.38 -5.07 33.07
C ALA A 245 21.44 -5.82 31.73
N GLY A 246 20.37 -5.67 30.94
CA GLY A 246 20.29 -6.18 29.57
C GLY A 246 21.41 -5.75 28.64
N HIS A 247 21.62 -4.44 28.52
CA HIS A 247 22.69 -3.85 27.73
C HIS A 247 24.04 -4.50 28.06
N LEU A 248 24.35 -4.53 29.35
CA LEU A 248 25.61 -5.04 29.85
C LEU A 248 25.75 -6.52 29.55
N PHE A 249 24.60 -7.20 29.51
CA PHE A 249 24.58 -8.61 29.23
C PHE A 249 24.79 -8.96 27.74
N GLU A 250 24.27 -8.14 26.81
CA GLU A 250 24.61 -8.28 25.37
C GLU A 250 26.12 -8.17 25.15
N GLU A 251 26.71 -7.09 25.65
CA GLU A 251 28.16 -6.88 25.69
C GLU A 251 28.94 -8.10 26.23
N ALA A 252 28.38 -8.80 27.24
CA ALA A 252 29.06 -9.94 27.87
C ALA A 252 28.99 -11.19 26.97
N LEU A 253 27.82 -11.40 26.36
CA LEU A 253 27.60 -12.42 25.36
C LEU A 253 28.52 -12.26 24.16
N GLU A 254 28.63 -11.02 23.65
CA GLU A 254 29.60 -10.72 22.57
C GLU A 254 31.03 -11.06 23.00
N SER A 255 31.44 -10.57 24.17
CA SER A 255 32.74 -10.92 24.74
C SER A 255 32.88 -12.45 25.02
N ASN A 256 31.76 -13.17 25.16
CA ASN A 256 31.85 -14.64 25.29
C ASN A 256 31.48 -15.45 24.03
N GLY A 257 31.64 -14.82 22.87
CA GLY A 257 31.43 -15.46 21.58
C GLY A 257 29.99 -15.64 21.14
N VAL A 258 29.04 -15.31 22.01
CA VAL A 258 27.62 -15.49 21.70
C VAL A 258 27.12 -14.21 21.06
N THR A 259 26.78 -14.28 19.78
CA THR A 259 26.28 -13.09 19.04
C THR A 259 24.77 -12.91 19.23
N VAL A 260 24.34 -11.67 19.40
CA VAL A 260 22.92 -11.33 19.42
C VAL A 260 22.64 -10.62 18.08
N LYS A 261 21.62 -11.07 17.36
CA LYS A 261 21.22 -10.46 16.08
C LYS A 261 20.09 -9.44 16.27
N GLY A 262 19.43 -9.47 17.42
CA GLY A 262 18.18 -8.72 17.62
C GLY A 262 18.34 -7.48 18.48
N ASP A 263 17.30 -7.16 19.24
CA ASP A 263 17.31 -6.00 20.14
C ASP A 263 17.47 -6.40 21.61
N VAL A 264 17.79 -5.40 22.43
CA VAL A 264 17.76 -5.55 23.89
C VAL A 264 16.62 -4.67 24.44
N GLY A 265 15.70 -5.30 25.18
CA GLY A 265 14.57 -4.57 25.74
C GLY A 265 14.01 -5.14 27.03
N LEU A 266 13.06 -4.40 27.60
CA LEU A 266 12.30 -4.93 28.72
C LEU A 266 11.28 -5.92 28.17
N GLY A 267 11.19 -7.08 28.84
CA GLY A 267 10.22 -8.11 28.45
C GLY A 267 10.09 -9.20 29.49
N GLY A 268 8.87 -9.71 29.67
CA GLY A 268 8.65 -10.84 30.56
C GLY A 268 8.67 -12.13 29.76
N VAL A 269 9.09 -13.21 30.41
CA VAL A 269 9.13 -14.56 29.81
C VAL A 269 7.71 -14.97 29.51
N PRO A 270 7.40 -15.26 28.21
CA PRO A 270 5.99 -15.49 27.88
C PRO A 270 5.39 -16.64 28.68
N ALA A 271 4.11 -16.48 28.99
CA ALA A 271 3.33 -17.53 29.62
C ALA A 271 3.28 -18.85 28.80
N ASP A 272 3.22 -18.73 27.46
CA ASP A 272 3.11 -19.90 26.55
C ASP A 272 4.39 -20.71 26.28
N TRP A 273 5.47 -20.43 27.01
CA TRP A 273 6.65 -21.30 27.04
C TRP A 273 6.30 -22.51 27.94
N GLN A 274 6.62 -23.70 27.47
CA GLN A 274 6.14 -24.92 28.12
C GLN A 274 7.06 -25.40 29.24
N ASP A 275 8.35 -25.37 28.93
CA ASP A 275 9.41 -25.86 29.80
C ASP A 275 10.65 -25.13 29.27
N ALA A 276 10.90 -23.96 29.85
CA ALA A 276 12.00 -23.10 29.47
C ALA A 276 13.31 -23.81 29.74
N GLU A 277 14.27 -23.59 28.85
CA GLU A 277 15.58 -24.13 29.08
C GLU A 277 16.39 -23.08 29.82
N VAL A 278 16.65 -23.33 31.10
CA VAL A 278 17.54 -22.48 31.87
C VAL A 278 19.00 -22.79 31.45
N LEU A 279 19.56 -21.91 30.62
CA LEU A 279 20.94 -22.06 30.13
C LEU A 279 22.04 -21.53 31.09
N ALA A 280 21.70 -20.62 32.02
CA ALA A 280 22.66 -20.16 33.02
C ALA A 280 21.96 -19.63 34.27
N ASP A 281 22.61 -19.81 35.43
CA ASP A 281 22.15 -19.23 36.68
C ASP A 281 23.30 -18.73 37.58
N HIS A 282 22.95 -17.78 38.45
CA HIS A 282 23.80 -17.28 39.53
C HIS A 282 22.98 -17.19 40.84
N THR A 283 23.63 -17.57 41.93
CA THR A 283 23.08 -17.46 43.25
C THR A 283 23.93 -16.42 43.94
N SER A 284 23.27 -15.51 44.65
CA SER A 284 23.98 -14.50 45.41
C SER A 284 24.52 -15.16 46.68
N ALA A 285 25.29 -14.41 47.47
CA ALA A 285 25.60 -14.79 48.85
C ALA A 285 24.31 -14.78 49.66
N GLU A 286 24.40 -15.32 50.88
CA GLU A 286 23.26 -15.40 51.80
C GLU A 286 23.03 -14.05 52.47
N LEU A 287 21.79 -13.82 52.87
CA LEU A 287 21.38 -12.55 53.48
C LEU A 287 22.30 -12.07 54.60
N SER A 288 22.69 -12.99 55.49
CA SER A 288 23.50 -12.64 56.65
C SER A 288 24.79 -12.00 56.21
N GLU A 289 25.27 -12.43 55.06
CA GLU A 289 26.47 -11.83 54.48
C GLU A 289 26.15 -10.52 53.80
N ILE A 290 25.02 -10.45 53.10
CA ILE A 290 24.62 -9.26 52.39
C ILE A 290 24.23 -8.15 53.39
N LEU A 291 23.88 -8.54 54.61
CA LEU A 291 23.45 -7.55 55.61
C LEU A 291 24.49 -6.47 55.87
N VAL A 292 25.75 -6.92 55.80
CA VAL A 292 26.93 -6.14 56.09
C VAL A 292 27.05 -4.90 55.21
N PRO A 293 27.16 -5.07 53.89
CA PRO A 293 27.29 -3.85 53.07
C PRO A 293 26.02 -3.00 52.98
N PHE A 294 24.88 -3.62 53.24
CA PHE A 294 23.62 -2.93 53.38
C PHE A 294 23.57 -2.03 54.65
N MET A 295 23.86 -2.62 55.81
CA MET A 295 23.71 -1.87 57.08
C MET A 295 24.89 -0.95 57.38
N LYS A 296 26.10 -1.41 57.15
CA LYS A 296 27.29 -0.58 57.40
C LYS A 296 27.24 0.70 56.61
N PHE A 297 26.85 0.62 55.35
CA PHE A 297 26.84 1.81 54.48
C PHE A 297 25.45 2.37 54.24
N SER A 298 24.47 1.79 54.94
CA SER A 298 23.11 2.20 54.81
C SER A 298 22.72 2.18 53.33
N ASN A 299 22.44 1.00 52.79
CA ASN A 299 22.14 0.93 51.35
C ASN A 299 20.63 1.04 51.09
N ASN A 300 20.20 2.15 50.48
CA ASN A 300 18.77 2.39 50.22
C ASN A 300 18.16 1.48 49.16
N GLY A 301 18.78 1.41 47.99
CA GLY A 301 18.46 0.29 47.06
C GLY A 301 18.25 -1.08 47.72
N HIS A 302 19.12 -1.46 48.66
CA HIS A 302 18.97 -2.82 49.27
C HIS A 302 17.73 -2.86 50.11
N ALA A 303 17.53 -1.82 50.90
CA ALA A 303 16.39 -1.72 51.78
C ALA A 303 15.10 -1.97 51.03
N GLU A 304 14.93 -1.31 49.88
CA GLU A 304 13.63 -1.35 49.19
C GLU A 304 13.46 -2.69 48.46
N MET A 305 14.57 -3.22 47.93
CA MET A 305 14.56 -4.51 47.26
C MET A 305 14.15 -5.53 48.27
N LEU A 306 14.73 -5.44 49.46
CA LEU A 306 14.38 -6.31 50.59
C LEU A 306 12.89 -6.24 50.92
N VAL A 307 12.31 -5.02 50.90
CA VAL A 307 10.89 -4.89 51.19
C VAL A 307 10.11 -5.64 50.11
N LYS A 308 10.34 -5.30 48.85
CA LYS A 308 9.73 -6.02 47.74
C LYS A 308 10.01 -7.55 47.74
N SER A 309 11.15 -7.99 48.30
CA SER A 309 11.35 -9.43 48.52
C SER A 309 10.48 -10.01 49.66
N ILE A 310 10.16 -9.20 50.66
CA ILE A 310 9.27 -9.66 51.75
C ILE A 310 7.84 -9.85 51.22
N GLY A 311 7.43 -8.94 50.32
CA GLY A 311 6.11 -9.01 49.66
C GLY A 311 5.95 -10.21 48.74
N GLN A 312 7.05 -10.60 48.09
CA GLN A 312 7.13 -11.88 47.35
C GLN A 312 7.06 -13.07 48.26
N GLU A 313 7.74 -13.01 49.41
CA GLU A 313 7.71 -14.14 50.34
C GLU A 313 6.35 -14.34 51.00
N THR A 314 5.70 -13.27 51.45
CA THR A 314 4.50 -13.46 52.23
C THR A 314 3.23 -13.41 51.42
N ALA A 315 3.35 -13.17 50.11
CA ALA A 315 2.23 -12.91 49.22
C ALA A 315 2.52 -13.14 47.72
N GLY A 316 3.78 -13.25 47.33
CA GLY A 316 4.07 -13.39 45.91
C GLY A 316 3.69 -12.12 45.15
N ALA A 317 4.16 -10.97 45.63
CA ALA A 317 3.93 -9.66 45.03
C ALA A 317 5.05 -8.72 45.42
N GLY A 318 6.02 -8.54 44.52
CA GLY A 318 7.16 -7.65 44.79
C GLY A 318 6.66 -6.22 44.72
N THR A 319 6.09 -5.74 45.82
CA THR A 319 5.36 -4.48 45.85
C THR A 319 5.69 -3.84 47.17
N TRP A 320 5.83 -2.51 47.16
CA TRP A 320 5.89 -1.72 48.42
C TRP A 320 4.66 -1.96 49.29
N ASP A 321 3.46 -2.01 48.71
CA ASP A 321 2.26 -2.21 49.53
C ASP A 321 2.33 -3.49 50.35
N ALA A 322 2.77 -4.55 49.70
CA ALA A 322 2.65 -5.87 50.27
C ALA A 322 3.81 -6.03 51.22
N GLY A 323 4.97 -5.56 50.80
CA GLY A 323 6.15 -5.73 51.63
C GLY A 323 6.05 -4.94 52.92
N LEU A 324 5.42 -3.77 52.87
CA LEU A 324 5.33 -2.97 54.07
C LEU A 324 4.40 -3.59 55.14
N VAL A 325 3.19 -4.02 54.73
CA VAL A 325 2.40 -4.92 55.56
C VAL A 325 3.24 -6.11 56.06
N GLY A 326 4.02 -6.70 55.15
CA GLY A 326 4.99 -7.74 55.51
C GLY A 326 5.91 -7.37 56.67
N VAL A 327 6.56 -6.20 56.59
CA VAL A 327 7.46 -5.76 57.67
C VAL A 327 6.71 -5.53 58.99
N GLU A 328 5.55 -4.87 58.93
CA GLU A 328 4.78 -4.58 60.14
C GLU A 328 4.48 -5.90 60.84
N GLU A 329 3.93 -6.85 60.09
CA GLU A 329 3.62 -8.17 60.61
C GLU A 329 4.83 -8.79 61.28
N ALA A 330 5.94 -8.85 60.54
CA ALA A 330 7.15 -9.48 61.03
C ALA A 330 7.59 -8.90 62.38
N LEU A 331 7.53 -7.58 62.49
CA LEU A 331 7.88 -6.88 63.71
C LEU A 331 6.95 -7.24 64.85
N SER A 332 5.65 -7.28 64.55
CA SER A 332 4.63 -7.71 65.49
C SER A 332 4.94 -9.10 65.96
N GLY A 333 5.20 -9.99 65.00
CA GLY A 333 5.52 -11.38 65.28
C GLY A 333 6.73 -11.52 66.19
N LEU A 334 7.57 -10.49 66.13
CA LEU A 334 8.79 -10.39 66.93
C LEU A 334 8.54 -9.96 68.39
N GLY A 335 7.29 -9.61 68.69
CA GLY A 335 6.95 -9.07 69.99
C GLY A 335 7.04 -7.55 70.04
N VAL A 336 7.28 -6.93 68.89
CA VAL A 336 7.39 -5.48 68.83
C VAL A 336 6.02 -4.81 68.77
N ASP A 337 5.83 -3.78 69.57
CA ASP A 337 4.62 -2.99 69.51
C ASP A 337 4.73 -1.90 68.42
N THR A 338 3.93 -2.03 67.37
CA THR A 338 4.10 -1.21 66.17
C THR A 338 3.05 -0.10 66.03
N ALA A 339 2.43 0.24 67.16
CA ALA A 339 1.43 1.32 67.21
C ALA A 339 1.94 2.64 66.64
N GLY A 340 3.09 3.11 67.14
CA GLY A 340 3.67 4.39 66.70
C GLY A 340 4.27 4.43 65.28
N LEU A 341 4.50 3.26 64.69
CA LEU A 341 5.12 3.18 63.38
C LEU A 341 4.20 3.53 62.25
N VAL A 342 4.65 4.37 61.33
CA VAL A 342 4.01 4.49 60.03
C VAL A 342 5.09 4.11 59.05
N LEU A 343 4.84 3.08 58.26
CA LEU A 343 5.83 2.54 57.33
C LEU A 343 5.53 3.01 55.91
N ASN A 344 6.38 3.85 55.33
CA ASN A 344 6.15 4.28 53.95
C ASN A 344 7.26 3.88 52.99
N ASP A 345 8.33 3.30 53.54
CA ASP A 345 9.37 2.71 52.71
C ASP A 345 10.31 1.92 53.60
N GLY A 346 11.34 1.31 53.00
CA GLY A 346 12.24 0.48 53.77
C GLY A 346 13.56 1.16 54.08
N SER A 347 13.91 2.19 53.32
CA SER A 347 15.20 2.88 53.51
C SER A 347 15.16 3.97 54.51
N GLY A 348 13.99 4.59 54.71
CA GLY A 348 13.89 5.76 55.57
C GLY A 348 13.90 7.04 54.75
N LEU A 349 14.18 6.90 53.46
CA LEU A 349 14.22 8.02 52.58
C LEU A 349 12.91 8.80 52.58
N SER A 350 11.78 8.10 52.65
CA SER A 350 10.50 8.78 52.60
C SER A 350 10.20 9.62 53.83
N ARG A 351 9.68 10.81 53.58
CA ARG A 351 9.21 11.69 54.65
C ARG A 351 7.82 11.32 55.21
N GLY A 352 7.24 10.26 54.65
CA GLY A 352 6.05 9.67 55.24
C GLY A 352 6.33 8.66 56.35
N ASN A 353 7.59 8.22 56.49
CA ASN A 353 7.92 7.32 57.59
C ASN A 353 7.77 8.04 58.94
N LEU A 354 7.37 7.32 59.99
CA LEU A 354 7.38 7.82 61.36
C LEU A 354 7.73 6.70 62.32
N VAL A 355 8.51 6.99 63.35
CA VAL A 355 8.82 6.03 64.42
C VAL A 355 8.69 6.76 65.74
N THR A 356 8.69 6.04 66.85
CA THR A 356 8.95 6.65 68.15
C THR A 356 10.25 6.02 68.65
N ALA A 357 10.88 6.63 69.64
CA ALA A 357 12.12 6.09 70.10
C ALA A 357 11.96 4.91 71.07
N ASP A 358 10.81 4.82 71.74
CA ASP A 358 10.53 3.63 72.56
C ASP A 358 10.41 2.46 71.61
N THR A 359 9.82 2.74 70.46
CA THR A 359 9.62 1.71 69.45
C THR A 359 10.97 1.18 69.00
N VAL A 360 11.90 2.08 68.66
CA VAL A 360 13.21 1.67 68.19
C VAL A 360 13.92 0.82 69.23
N VAL A 361 13.97 1.34 70.46
CA VAL A 361 14.56 0.61 71.59
C VAL A 361 13.88 -0.75 71.80
N ASP A 362 12.57 -0.75 71.60
CA ASP A 362 11.79 -1.97 71.66
C ASP A 362 12.33 -2.98 70.64
N LEU A 363 12.47 -2.51 69.40
CA LEU A 363 13.00 -3.33 68.33
C LEU A 363 14.34 -3.89 68.73
N LEU A 364 15.18 -3.05 69.31
CA LEU A 364 16.53 -3.46 69.66
C LEU A 364 16.52 -4.50 70.75
N GLY A 365 15.54 -4.41 71.65
CA GLY A 365 15.35 -5.45 72.65
C GLY A 365 15.09 -6.77 71.96
N GLN A 366 13.97 -6.83 71.25
CA GLN A 366 13.51 -8.07 70.64
C GLN A 366 14.53 -8.68 69.67
N ALA A 367 15.10 -7.84 68.81
CA ALA A 367 16.10 -8.33 67.88
C ALA A 367 17.35 -8.83 68.59
N GLY A 368 17.57 -8.36 69.81
CA GLY A 368 18.69 -8.82 70.65
C GLY A 368 18.63 -10.26 71.15
N SER A 369 17.44 -10.76 71.43
CA SER A 369 17.27 -12.17 71.89
C SER A 369 16.74 -13.08 70.77
N ALA A 370 16.89 -12.62 69.52
CA ALA A 370 16.45 -13.35 68.34
C ALA A 370 17.47 -14.41 67.94
N PRO A 371 17.00 -15.50 67.29
CA PRO A 371 17.91 -16.55 66.85
C PRO A 371 19.01 -15.98 65.97
N TRP A 372 18.69 -14.90 65.25
CA TRP A 372 19.64 -14.30 64.32
C TRP A 372 20.31 -13.03 64.88
N ALA A 373 20.41 -12.92 66.21
CA ALA A 373 21.03 -11.74 66.86
C ALA A 373 22.44 -11.34 66.39
N GLN A 374 23.35 -12.32 66.26
CA GLN A 374 24.75 -12.02 65.89
C GLN A 374 24.98 -11.51 64.48
N THR A 375 24.37 -12.14 63.49
CA THR A 375 24.33 -11.60 62.13
C THR A 375 23.68 -10.19 62.00
N TRP A 376 22.68 -9.91 62.85
CA TRP A 376 22.05 -8.58 62.99
C TRP A 376 23.04 -7.55 63.55
N SER A 377 23.63 -7.84 64.72
CA SER A 377 24.48 -6.86 65.40
C SER A 377 25.84 -6.70 64.72
N ALA A 378 26.24 -7.72 63.96
CA ALA A 378 27.46 -7.64 63.19
C ALA A 378 27.28 -6.70 61.99
N SER A 379 26.05 -6.46 61.52
CA SER A 379 25.85 -5.52 60.39
C SER A 379 25.87 -4.04 60.77
N LEU A 380 25.71 -3.73 62.05
CA LEU A 380 25.76 -2.34 62.51
C LEU A 380 27.15 -1.71 62.44
N PRO A 381 27.25 -0.50 61.89
CA PRO A 381 28.46 0.28 61.98
C PRO A 381 28.99 0.27 63.40
N VAL A 382 30.31 0.15 63.54
CA VAL A 382 30.97 0.22 64.83
C VAL A 382 31.79 1.52 64.92
N ALA A 383 31.41 2.32 65.91
CA ALA A 383 32.00 3.63 66.17
C ALA A 383 33.52 3.66 66.13
N GLY A 384 34.07 4.57 65.32
CA GLY A 384 35.52 4.85 65.31
C GLY A 384 36.39 3.86 64.58
N GLU A 385 35.77 2.84 64.01
CA GLU A 385 36.51 1.79 63.33
C GLU A 385 36.85 2.16 61.89
N SER A 386 38.15 2.22 61.60
CA SER A 386 38.65 2.86 60.38
C SER A 386 38.42 2.05 59.13
N ASP A 387 38.48 0.73 59.25
CA ASP A 387 38.16 -0.18 58.17
C ASP A 387 36.70 0.00 57.77
N PRO A 388 36.45 0.49 56.55
CA PRO A 388 35.10 0.85 56.11
C PRO A 388 34.04 -0.23 56.30
N PHE A 389 34.42 -1.50 56.16
CA PHE A 389 33.46 -2.59 56.35
C PHE A 389 33.21 -2.99 57.80
N VAL A 390 33.77 -2.21 58.75
CA VAL A 390 33.51 -2.38 60.20
C VAL A 390 32.93 -1.09 60.73
N GLY A 391 33.65 0.00 60.47
CA GLY A 391 33.22 1.31 60.89
C GLY A 391 31.92 1.64 60.20
N GLY A 392 31.93 1.60 58.86
CA GLY A 392 30.81 2.07 58.04
C GLY A 392 30.56 3.57 58.16
N THR A 393 29.29 3.95 58.35
CA THR A 393 28.94 5.37 58.48
C THR A 393 29.34 5.93 59.85
N LEU A 394 30.02 5.10 60.64
CA LEU A 394 30.57 5.55 61.92
C LEU A 394 32.09 5.55 61.99
N ALA A 395 32.74 5.40 60.82
CA ALA A 395 34.18 5.18 60.74
C ALA A 395 34.97 6.35 61.30
N ASN A 396 34.53 7.55 60.93
CA ASN A 396 35.21 8.76 61.34
C ASN A 396 34.40 9.57 62.35
N ARG A 397 33.73 8.84 63.24
CA ARG A 397 33.08 9.42 64.40
C ARG A 397 33.46 8.69 65.69
N MET A 398 33.56 9.46 66.78
CA MET A 398 33.88 8.96 68.15
C MET A 398 35.24 8.27 68.32
N ARG A 399 36.17 8.54 67.39
CA ARG A 399 37.56 8.10 67.54
C ARG A 399 38.19 8.68 68.81
N GLY A 400 39.10 7.93 69.42
CA GLY A 400 39.80 8.38 70.62
C GLY A 400 38.93 8.49 71.86
N THR A 401 37.71 7.93 71.80
CA THR A 401 36.74 8.04 72.90
C THR A 401 36.33 6.69 73.40
N ALA A 402 35.74 6.63 74.59
CA ALA A 402 35.31 5.36 75.16
C ALA A 402 34.35 4.59 74.24
N ALA A 403 33.83 5.28 73.22
CA ALA A 403 32.87 4.68 72.30
C ALA A 403 33.57 3.86 71.23
N GLU A 404 34.81 4.22 70.94
CA GLU A 404 35.58 3.56 69.89
C GLU A 404 35.64 2.06 70.08
N GLY A 405 35.21 1.34 69.04
CA GLY A 405 35.28 -0.11 69.00
C GLY A 405 34.17 -0.84 69.75
N VAL A 406 33.27 -0.08 70.38
CA VAL A 406 32.28 -0.65 71.30
C VAL A 406 30.83 -0.42 70.85
N VAL A 407 30.46 0.86 70.75
CA VAL A 407 29.10 1.26 70.35
C VAL A 407 28.85 0.76 68.93
N GLU A 408 27.77 0.00 68.76
CA GLU A 408 27.30 -0.41 67.43
C GLU A 408 25.96 0.29 67.19
N ALA A 409 25.87 1.13 66.19
CA ALA A 409 24.61 1.81 65.95
C ALA A 409 24.41 2.12 64.49
N LYS A 410 23.15 2.37 64.14
CA LYS A 410 22.76 2.83 62.82
C LYS A 410 22.61 4.37 62.87
N THR A 411 22.94 5.03 61.76
CA THR A 411 22.91 6.49 61.63
C THR A 411 21.75 6.85 60.71
N GLY A 412 21.61 8.13 60.39
CA GLY A 412 20.50 8.55 59.56
C GLY A 412 20.36 10.03 59.60
N THR A 413 20.57 10.64 58.45
CA THR A 413 20.57 12.07 58.38
C THR A 413 20.02 12.55 57.04
N MET A 414 19.08 13.49 57.12
CA MET A 414 18.71 14.32 55.99
C MET A 414 18.30 15.67 56.58
N SER A 415 17.88 16.61 55.71
CA SER A 415 17.40 17.90 56.19
C SER A 415 16.52 17.78 57.41
N GLY A 416 17.02 18.25 58.55
CA GLY A 416 16.18 18.44 59.73
C GLY A 416 15.91 17.17 60.49
N VAL A 417 16.60 16.10 60.10
CA VAL A 417 16.37 14.78 60.66
C VAL A 417 17.69 14.11 60.81
N SER A 418 17.95 13.69 62.04
CA SER A 418 19.12 12.90 62.32
C SER A 418 18.76 11.92 63.41
N ALA A 419 19.46 10.77 63.38
CA ALA A 419 19.17 9.70 64.30
C ALA A 419 20.41 8.85 64.52
N LEU A 420 20.54 8.34 65.74
CA LEU A 420 21.52 7.31 66.13
C LEU A 420 20.87 6.34 67.10
N SER A 421 20.97 5.04 66.83
CA SER A 421 20.30 4.06 67.66
C SER A 421 21.03 2.74 67.59
N GLY A 422 21.26 2.13 68.75
CA GLY A 422 21.91 0.84 68.80
C GLY A 422 22.34 0.42 70.17
N TYR A 423 23.47 -0.25 70.22
CA TYR A 423 23.86 -0.93 71.43
C TYR A 423 25.12 -0.33 72.03
N VAL A 424 25.15 -0.22 73.35
CA VAL A 424 26.40 -0.03 74.05
C VAL A 424 26.64 -1.27 74.91
N PRO A 425 27.40 -2.23 74.38
CA PRO A 425 27.71 -3.41 75.18
C PRO A 425 28.82 -3.09 76.16
N GLY A 426 28.78 -3.65 77.36
CA GLY A 426 29.87 -3.44 78.30
C GLY A 426 29.83 -4.35 79.51
N PRO A 427 30.95 -4.38 80.29
CA PRO A 427 31.09 -5.08 81.57
C PRO A 427 29.84 -4.96 82.44
N GLU A 428 29.42 -3.72 82.71
CA GLU A 428 28.20 -3.43 83.49
C GLU A 428 26.94 -4.13 82.95
N GLY A 429 26.37 -3.61 81.85
CA GLY A 429 25.23 -4.24 81.16
C GLY A 429 25.24 -3.88 79.68
N GLU A 430 24.54 -4.68 78.87
CA GLU A 430 24.41 -4.36 77.45
C GLU A 430 23.30 -3.34 77.29
N LEU A 431 23.67 -2.11 76.98
CA LEU A 431 22.72 -1.02 76.83
C LEU A 431 22.15 -0.91 75.42
N ALA A 432 20.89 -0.52 75.29
CA ALA A 432 20.31 -0.23 73.97
C ALA A 432 19.67 1.15 73.97
N PHE A 433 19.97 1.93 72.94
CA PHE A 433 19.59 3.34 72.93
C PHE A 433 19.11 3.76 71.56
N SER A 434 18.30 4.82 71.56
CA SER A 434 17.84 5.48 70.36
C SER A 434 17.80 7.00 70.58
N ILE A 435 18.36 7.72 69.61
CA ILE A 435 18.43 9.17 69.63
C ILE A 435 17.95 9.66 68.25
N VAL A 436 16.79 10.32 68.23
CA VAL A 436 16.18 10.82 66.99
C VAL A 436 15.87 12.32 67.14
N ASN A 437 16.25 13.11 66.14
CA ASN A 437 16.18 14.57 66.22
C ASN A 437 15.50 15.12 65.01
N ASN A 438 14.47 15.95 65.25
CA ASN A 438 13.71 16.63 64.20
C ASN A 438 13.56 18.08 64.58
N GLY A 439 13.61 18.95 63.58
CA GLY A 439 13.29 20.34 63.81
C GLY A 439 14.51 21.23 63.66
N HIS A 440 15.63 20.80 64.24
CA HIS A 440 16.92 21.50 64.13
C HIS A 440 17.16 22.12 62.76
N SER A 441 17.90 23.22 62.69
CA SER A 441 18.03 23.92 61.41
C SER A 441 19.45 24.13 60.87
N GLY A 442 20.46 23.89 61.68
CA GLY A 442 21.81 24.05 61.17
C GLY A 442 22.38 22.73 60.66
N PRO A 443 23.68 22.51 60.90
CA PRO A 443 24.29 21.19 60.79
C PRO A 443 23.55 20.13 61.60
N ALA A 444 23.75 18.85 61.28
CA ALA A 444 23.13 17.77 62.05
C ALA A 444 23.82 17.60 63.42
N PRO A 445 23.03 17.42 64.50
CA PRO A 445 23.54 17.27 65.87
C PRO A 445 24.37 15.99 66.10
N LEU A 446 25.42 15.83 65.30
CA LEU A 446 26.24 14.63 65.37
C LEU A 446 27.14 14.68 66.60
N ALA A 447 27.52 15.91 66.98
CA ALA A 447 28.32 16.16 68.18
C ALA A 447 27.52 15.71 69.38
N VAL A 448 26.26 16.09 69.38
CA VAL A 448 25.33 15.77 70.45
C VAL A 448 25.14 14.26 70.55
N GLN A 449 24.81 13.64 69.41
CA GLN A 449 24.65 12.18 69.28
C GLN A 449 25.83 11.48 69.86
N ASP A 450 27.00 11.86 69.38
CA ASP A 450 28.28 11.38 69.92
C ASP A 450 28.38 11.56 71.44
N ALA A 451 28.04 12.74 71.95
CA ALA A 451 28.29 13.03 73.38
C ALA A 451 27.60 12.00 74.23
N ILE A 452 26.33 11.77 73.89
CA ILE A 452 25.52 10.83 74.61
C ILE A 452 26.14 9.46 74.49
N ALA A 453 26.24 8.93 73.27
CA ALA A 453 26.84 7.61 73.05
C ALA A 453 28.15 7.41 73.83
N VAL A 454 29.00 8.45 73.87
CA VAL A 454 30.26 8.36 74.62
C VAL A 454 30.01 8.27 76.12
N ARG A 455 29.03 9.01 76.64
CA ARG A 455 28.66 8.88 78.07
C ARG A 455 28.17 7.49 78.43
N LEU A 456 27.32 6.92 77.59
CA LEU A 456 26.81 5.58 77.83
C LEU A 456 27.92 4.54 77.88
N ALA A 457 28.89 4.65 76.96
CA ALA A 457 30.00 3.71 76.91
C ALA A 457 30.83 3.78 78.17
N GLU A 458 30.91 4.96 78.78
CA GLU A 458 31.57 5.15 80.07
C GLU A 458 30.73 4.63 81.23
N TYR A 459 29.42 4.87 81.15
CA TYR A 459 28.51 4.42 82.18
C TYR A 459 28.56 2.90 82.24
N ALA A 460 28.63 2.29 81.06
CA ALA A 460 28.74 0.82 80.89
C ALA A 460 30.10 0.29 81.29
N GLY A 461 31.09 1.20 81.43
CA GLY A 461 32.40 0.87 81.99
C GLY A 461 33.53 0.82 80.99
N HIS A 462 33.57 1.79 80.08
CA HIS A 462 34.68 1.88 79.13
C HIS A 462 35.47 3.17 79.27
N GLN A 463 36.74 3.11 78.87
CA GLN A 463 37.65 4.24 78.90
C GLN A 463 38.08 4.53 77.48
N ALA A 464 38.30 5.79 77.16
CA ALA A 464 38.90 6.18 75.88
C ALA A 464 40.24 5.45 75.68
N PRO A 465 40.43 4.80 74.51
CA PRO A 465 41.75 4.26 74.18
C PRO A 465 42.71 5.37 73.80
N GLU A 466 43.95 5.29 74.30
CA GLU A 466 45.04 6.18 73.92
C GLU A 466 46.22 5.30 73.58
N ARG B 1 -12.12 -17.53 -15.86
CA ARG B 1 -12.16 -16.05 -15.83
C ARG B 1 -12.70 -15.50 -14.51
N LEU B 2 -12.01 -14.49 -14.00
CA LEU B 2 -12.31 -13.78 -12.73
C LEU B 2 -13.57 -14.23 -11.99
N THR B 3 -14.68 -13.55 -12.26
CA THR B 3 -15.89 -13.67 -11.45
C THR B 3 -16.94 -14.64 -12.00
N GLU B 4 -16.56 -15.45 -13.00
CA GLU B 4 -17.42 -16.52 -13.45
C GLU B 4 -17.12 -17.74 -12.60
N LEU B 5 -15.87 -17.88 -12.21
CA LEU B 5 -15.45 -18.94 -11.29
C LEU B 5 -15.97 -18.70 -9.87
N ARG B 6 -15.69 -17.50 -9.35
CA ARG B 6 -16.04 -17.11 -7.98
C ARG B 6 -17.52 -17.29 -7.64
N GLU B 7 -18.38 -17.32 -8.65
CA GLU B 7 -19.82 -17.48 -8.40
C GLU B 7 -20.19 -18.94 -8.16
N ASP B 8 -19.48 -19.83 -8.85
CA ASP B 8 -19.71 -21.27 -8.73
C ASP B 8 -19.32 -21.80 -7.37
N ILE B 9 -18.22 -21.29 -6.85
CA ILE B 9 -17.78 -21.64 -5.52
C ILE B 9 -18.76 -21.14 -4.46
N ASP B 10 -19.06 -19.83 -4.45
CA ASP B 10 -20.08 -19.26 -3.58
C ASP B 10 -21.30 -20.18 -3.56
N ALA B 11 -21.79 -20.47 -4.77
CA ALA B 11 -22.95 -21.32 -4.98
C ALA B 11 -22.77 -22.72 -4.43
N ILE B 12 -21.62 -23.34 -4.65
CA ILE B 12 -21.38 -24.65 -4.06
C ILE B 12 -21.41 -24.59 -2.53
N LEU B 13 -20.83 -23.53 -1.97
CA LEU B 13 -20.69 -23.41 -0.53
C LEU B 13 -22.03 -23.19 0.17
N GLU B 14 -23.09 -23.02 -0.62
CA GLU B 14 -24.45 -22.97 -0.11
C GLU B 14 -25.06 -24.34 0.24
N ASP B 15 -24.35 -25.42 -0.09
CA ASP B 15 -24.75 -26.81 0.23
C ASP B 15 -25.32 -26.94 1.63
N PRO B 16 -26.39 -27.73 1.81
CA PRO B 16 -26.99 -27.96 3.13
C PRO B 16 -26.03 -28.54 4.18
N ALA B 17 -25.08 -29.38 3.78
CA ALA B 17 -24.22 -30.02 4.75
C ALA B 17 -23.31 -29.01 5.45
N LEU B 18 -23.30 -27.78 4.94
CA LEU B 18 -22.47 -26.68 5.44
C LEU B 18 -23.22 -25.62 6.24
N GLU B 19 -24.53 -25.81 6.41
CA GLU B 19 -25.35 -24.88 7.15
C GLU B 19 -24.81 -24.68 8.55
N GLY B 20 -24.61 -23.41 8.90
CA GLY B 20 -24.13 -23.04 10.23
C GLY B 20 -22.65 -23.24 10.49
N ALA B 21 -21.91 -23.72 9.49
CA ALA B 21 -20.47 -23.94 9.61
C ALA B 21 -19.67 -22.76 9.08
N VAL B 22 -18.36 -22.79 9.28
CA VAL B 22 -17.41 -21.79 8.79
C VAL B 22 -16.42 -22.48 7.87
N SER B 23 -16.29 -21.98 6.66
CA SER B 23 -15.41 -22.60 5.69
C SER B 23 -14.37 -21.63 5.16
N GLY B 24 -13.10 -21.90 5.50
CA GLY B 24 -11.97 -21.19 4.93
C GLY B 24 -11.69 -21.78 3.57
N VAL B 25 -11.72 -20.93 2.54
CA VAL B 25 -11.50 -21.37 1.18
C VAL B 25 -10.57 -20.44 0.43
N VAL B 26 -9.40 -20.96 0.04
CA VAL B 26 -8.46 -20.14 -0.70
C VAL B 26 -7.86 -20.87 -1.92
N VAL B 27 -7.92 -20.19 -3.06
CA VAL B 27 -7.43 -20.70 -4.33
C VAL B 27 -6.40 -19.73 -4.96
N VAL B 28 -5.29 -20.28 -5.44
CA VAL B 28 -4.18 -19.48 -5.93
C VAL B 28 -3.50 -20.15 -7.12
N ASP B 29 -3.20 -19.36 -8.14
CA ASP B 29 -2.41 -19.80 -9.28
C ASP B 29 -0.92 -19.83 -8.89
N THR B 30 -0.32 -21.03 -8.81
CA THR B 30 1.12 -21.17 -8.52
C THR B 30 1.93 -20.30 -9.44
N ALA B 31 1.58 -20.37 -10.73
CA ALA B 31 2.36 -19.77 -11.81
C ALA B 31 2.35 -18.24 -11.82
N THR B 32 1.16 -17.64 -11.67
CA THR B 32 1.04 -16.18 -11.73
C THR B 32 0.87 -15.50 -10.35
N GLY B 33 1.03 -16.28 -9.28
CA GLY B 33 0.79 -15.80 -7.91
C GLY B 33 -0.65 -15.36 -7.66
N GLU B 34 -1.50 -15.49 -8.68
CA GLU B 34 -2.84 -14.92 -8.65
C GLU B 34 -3.81 -15.59 -7.66
N GLU B 35 -4.38 -14.74 -6.81
CA GLU B 35 -5.44 -15.15 -5.88
C GLU B 35 -6.79 -15.32 -6.60
N LEU B 36 -7.23 -16.56 -6.81
CA LEU B 36 -8.46 -16.81 -7.56
C LEU B 36 -9.72 -16.62 -6.73
N TYR B 37 -9.85 -17.40 -5.67
CA TYR B 37 -10.99 -17.28 -4.75
C TYR B 37 -10.42 -17.08 -3.36
N SER B 38 -11.11 -16.31 -2.52
CA SER B 38 -10.75 -16.18 -1.10
C SER B 38 -11.93 -15.86 -0.14
N ARG B 39 -12.26 -16.83 0.73
CA ARG B 39 -13.28 -16.59 1.74
C ARG B 39 -12.84 -17.06 3.12
N ASP B 40 -12.84 -16.13 4.07
CA ASP B 40 -12.44 -16.43 5.44
C ASP B 40 -11.03 -17.05 5.48
N GLY B 41 -10.15 -16.54 4.61
CA GLY B 41 -8.83 -17.11 4.46
C GLY B 41 -8.01 -16.81 5.69
N GLY B 42 -8.45 -15.81 6.44
CA GLY B 42 -7.70 -15.37 7.58
C GLY B 42 -8.10 -16.07 8.86
N GLU B 43 -9.13 -16.91 8.78
CA GLU B 43 -9.77 -17.43 9.97
C GLU B 43 -9.02 -18.64 10.56
N GLN B 44 -8.66 -18.56 11.85
CA GLN B 44 -8.07 -19.71 12.54
C GLN B 44 -9.06 -20.85 12.76
N LEU B 45 -8.72 -22.03 12.22
CA LEU B 45 -9.63 -23.17 12.11
C LEU B 45 -8.90 -24.44 12.36
N LEU B 46 -9.58 -25.41 12.96
CA LEU B 46 -8.95 -26.73 13.23
C LEU B 46 -8.68 -27.44 11.90
N PRO B 47 -7.48 -28.00 11.73
CA PRO B 47 -7.09 -28.59 10.45
C PRO B 47 -7.37 -30.10 10.24
N ALA B 48 -7.60 -30.86 11.32
CA ALA B 48 -7.52 -32.33 11.26
C ALA B 48 -6.27 -32.69 10.53
N SER B 49 -6.34 -33.72 9.72
CA SER B 49 -5.15 -34.39 9.18
C SER B 49 -4.25 -33.49 8.35
N ASN B 50 -4.79 -32.34 7.92
CA ASN B 50 -4.03 -31.45 7.04
C ASN B 50 -2.81 -30.87 7.72
N MET B 51 -2.79 -30.90 9.07
CA MET B 51 -1.58 -30.55 9.79
C MET B 51 -0.37 -31.30 9.23
N LYS B 52 -0.58 -32.50 8.68
CA LYS B 52 0.55 -33.30 8.18
C LYS B 52 1.28 -32.61 7.05
N LEU B 53 0.63 -31.69 6.36
CA LEU B 53 1.30 -30.91 5.31
C LEU B 53 2.40 -30.06 5.88
N PHE B 54 2.16 -29.56 7.08
CA PHE B 54 3.12 -28.73 7.73
C PHE B 54 4.23 -29.58 8.28
N THR B 55 3.85 -30.71 8.89
CA THR B 55 4.85 -31.66 9.41
C THR B 55 5.77 -32.14 8.28
N ALA B 56 5.19 -32.71 7.24
CA ALA B 56 5.97 -33.17 6.09
C ALA B 56 6.95 -32.12 5.58
N ALA B 57 6.46 -30.89 5.42
CA ALA B 57 7.31 -29.79 4.97
C ALA B 57 8.48 -29.59 5.92
N ALA B 58 8.18 -29.42 7.20
CA ALA B 58 9.19 -29.16 8.20
C ALA B 58 10.19 -30.30 8.28
N ALA B 59 9.73 -31.52 8.04
CA ALA B 59 10.61 -32.68 8.06
C ALA B 59 11.53 -32.74 6.84
N LEU B 60 11.06 -32.37 5.65
CA LEU B 60 11.95 -32.38 4.50
C LEU B 60 13.04 -31.29 4.65
N GLU B 61 12.62 -30.11 5.11
CA GLU B 61 13.50 -28.98 5.30
C GLU B 61 14.53 -29.35 6.36
N VAL B 62 14.07 -29.60 7.60
CA VAL B 62 14.96 -29.94 8.71
C VAL B 62 15.81 -31.22 8.54
N LEU B 63 15.19 -32.33 8.18
CA LEU B 63 15.87 -33.61 8.20
C LEU B 63 16.42 -34.03 6.86
N GLY B 64 15.90 -33.48 5.78
CA GLY B 64 16.44 -33.76 4.44
C GLY B 64 15.73 -34.90 3.76
N ALA B 65 15.35 -34.69 2.49
CA ALA B 65 14.72 -35.71 1.64
C ALA B 65 15.45 -37.04 1.59
N ASP B 66 16.72 -37.05 1.92
CA ASP B 66 17.47 -38.28 1.83
C ASP B 66 17.79 -38.89 3.20
N HIS B 67 17.19 -38.33 4.26
CA HIS B 67 17.49 -38.78 5.61
C HIS B 67 16.98 -40.18 5.82
N SER B 68 17.64 -40.94 6.67
CA SER B 68 17.17 -42.28 6.92
C SER B 68 17.25 -42.58 8.38
N PHE B 69 16.61 -43.67 8.79
CA PHE B 69 16.44 -43.92 10.21
C PHE B 69 17.10 -45.21 10.61
N GLY B 70 17.91 -45.14 11.67
CA GLY B 70 18.66 -46.30 12.14
C GLY B 70 18.05 -47.04 13.30
N THR B 71 18.21 -48.36 13.27
CA THR B 71 18.04 -49.18 14.47
C THR B 71 19.30 -50.03 14.60
N GLU B 72 19.73 -50.29 15.83
CA GLU B 72 20.85 -51.21 16.05
C GLU B 72 20.77 -52.04 17.33
N VAL B 73 21.65 -53.03 17.41
CA VAL B 73 21.68 -53.92 18.54
C VAL B 73 23.09 -53.85 19.15
N ALA B 74 23.17 -53.62 20.47
CA ALA B 74 24.46 -53.33 21.14
C ALA B 74 24.73 -54.10 22.44
N ALA B 75 25.92 -54.66 22.53
CA ALA B 75 26.40 -55.29 23.74
C ALA B 75 27.60 -54.49 24.22
N GLU B 76 27.95 -54.66 25.50
CA GLU B 76 29.09 -53.96 26.07
C GLU B 76 30.37 -54.40 25.39
N SER B 77 30.50 -55.71 25.18
CA SER B 77 31.66 -56.28 24.51
C SER B 77 31.25 -57.19 23.35
N ALA B 78 32.21 -57.43 22.46
CA ALA B 78 32.11 -58.52 21.53
C ALA B 78 31.88 -59.78 22.37
N PRO B 79 31.11 -60.75 21.82
CA PRO B 79 30.88 -62.01 22.48
C PRO B 79 32.19 -62.64 22.94
N GLY B 80 32.18 -63.13 24.17
CA GLY B 80 33.32 -63.79 24.76
C GLY B 80 33.47 -65.21 24.29
N ARG B 81 34.41 -65.94 24.91
CA ARG B 81 34.88 -67.23 24.39
C ARG B 81 33.77 -68.28 24.12
N ARG B 82 32.65 -68.15 24.83
CA ARG B 82 31.56 -69.10 24.71
C ARG B 82 30.45 -68.64 23.77
N GLY B 83 30.57 -67.42 23.26
CA GLY B 83 29.52 -66.80 22.44
C GLY B 83 28.52 -66.08 23.30
N GLU B 84 28.88 -65.88 24.57
CA GLU B 84 28.01 -65.23 25.53
C GLU B 84 28.30 -63.73 25.59
N VAL B 85 27.25 -62.92 25.59
CA VAL B 85 27.33 -61.52 25.99
C VAL B 85 26.50 -61.42 27.25
N GLN B 86 26.70 -60.36 28.03
CA GLN B 86 25.90 -60.17 29.24
C GLN B 86 24.51 -59.58 28.87
N ASP B 87 24.30 -58.27 29.02
CA ASP B 87 23.09 -57.61 28.52
C ASP B 87 23.17 -57.18 27.05
N LEU B 88 22.02 -57.14 26.38
CA LEU B 88 21.88 -56.77 24.98
C LEU B 88 20.81 -55.70 24.86
N TYR B 89 21.09 -54.70 24.04
CA TYR B 89 20.17 -53.60 23.90
C TYR B 89 19.67 -53.55 22.49
N LEU B 90 18.36 -53.43 22.36
CA LEU B 90 17.80 -53.09 21.09
C LEU B 90 17.51 -51.56 21.11
N VAL B 91 18.17 -50.84 20.19
CA VAL B 91 18.13 -49.39 20.21
C VAL B 91 17.49 -48.84 18.95
N GLY B 92 16.31 -48.22 19.09
CA GLY B 92 15.64 -47.48 18.00
C GLY B 92 15.99 -46.00 18.00
N ARG B 93 16.25 -45.44 16.84
CA ARG B 93 16.41 -43.99 16.78
C ARG B 93 15.44 -43.43 15.75
N GLY B 94 14.18 -43.90 15.81
CA GLY B 94 13.06 -43.24 15.16
C GLY B 94 12.55 -43.72 13.82
N ASP B 95 12.93 -44.93 13.45
CA ASP B 95 12.48 -45.53 12.21
C ASP B 95 10.99 -45.79 12.28
N PRO B 96 10.23 -45.16 11.39
CA PRO B 96 8.81 -45.41 11.45
C PRO B 96 8.39 -46.59 10.58
N THR B 97 9.38 -47.33 10.06
CA THR B 97 9.07 -48.45 9.19
C THR B 97 9.80 -49.75 9.56
N LEU B 98 10.14 -49.93 10.83
CA LEU B 98 10.78 -51.16 11.32
C LEU B 98 9.79 -52.32 11.36
N SER B 99 10.05 -53.37 10.60
CA SER B 99 9.12 -54.47 10.58
C SER B 99 9.66 -55.64 11.36
N ALA B 100 8.75 -56.57 11.70
CA ALA B 100 9.14 -57.83 12.35
C ALA B 100 10.25 -58.50 11.55
N GLU B 101 10.18 -58.39 10.22
CA GLU B 101 11.18 -59.02 9.37
C GLU B 101 12.54 -58.36 9.57
N ASP B 102 12.54 -57.03 9.56
CA ASP B 102 13.75 -56.30 9.89
C ASP B 102 14.35 -56.81 11.19
N LEU B 103 13.52 -57.02 12.22
CA LEU B 103 14.00 -57.53 13.50
C LEU B 103 14.63 -58.88 13.34
N ASP B 104 14.01 -59.72 12.52
CA ASP B 104 14.53 -61.05 12.28
C ASP B 104 15.86 -60.98 11.52
N ALA B 105 15.97 -60.02 10.59
CA ALA B 105 17.20 -59.83 9.83
C ALA B 105 18.32 -59.40 10.76
N MET B 106 17.97 -58.59 11.77
CA MET B 106 18.91 -58.22 12.81
C MET B 106 19.13 -59.34 13.84
N ALA B 107 18.20 -60.28 13.94
CA ALA B 107 18.38 -61.45 14.80
C ALA B 107 19.49 -62.29 14.20
N ALA B 108 19.35 -62.56 12.90
CA ALA B 108 20.31 -63.34 12.12
C ALA B 108 21.72 -62.76 12.19
N GLU B 109 21.80 -61.42 12.20
CA GLU B 109 23.08 -60.73 12.32
C GLU B 109 23.73 -60.94 13.70
N VAL B 110 22.93 -61.08 14.76
CA VAL B 110 23.47 -61.29 16.12
C VAL B 110 24.06 -62.70 16.26
N ALA B 111 23.28 -63.70 15.88
CA ALA B 111 23.73 -65.08 15.67
C ALA B 111 25.02 -65.13 14.87
N ALA B 112 25.04 -64.43 13.75
CA ALA B 112 26.18 -64.43 12.83
C ALA B 112 27.32 -63.51 13.27
N SER B 113 27.12 -62.77 14.35
CA SER B 113 28.16 -61.91 14.90
C SER B 113 29.00 -62.69 15.92
N GLY B 114 28.49 -63.87 16.29
CA GLY B 114 29.17 -64.74 17.20
C GLY B 114 28.48 -64.93 18.53
N VAL B 115 27.20 -64.56 18.63
CA VAL B 115 26.42 -64.74 19.87
C VAL B 115 25.54 -65.98 19.85
N ARG B 116 25.56 -66.71 20.95
CA ARG B 116 24.72 -67.89 21.13
C ARG B 116 23.80 -67.72 22.33
N THR B 117 24.31 -67.05 23.36
CA THR B 117 23.65 -66.94 24.65
C THR B 117 23.68 -65.50 25.13
N VAL B 118 22.52 -64.94 25.42
CA VAL B 118 22.45 -63.68 26.17
C VAL B 118 22.25 -64.11 27.63
N ARG B 119 23.29 -63.94 28.44
CA ARG B 119 23.26 -64.42 29.82
C ARG B 119 22.50 -63.46 30.71
N GLY B 120 22.43 -62.20 30.30
CA GLY B 120 21.71 -61.18 31.04
C GLY B 120 20.34 -60.89 30.45
N ASP B 121 19.96 -59.61 30.50
CA ASP B 121 18.62 -59.16 30.12
C ASP B 121 18.62 -58.55 28.74
N LEU B 122 17.45 -58.58 28.11
CA LEU B 122 17.21 -57.90 26.85
C LEU B 122 16.42 -56.62 27.07
N TYR B 123 17.06 -55.49 26.76
CA TYR B 123 16.43 -54.21 26.96
C TYR B 123 15.99 -53.61 25.66
N ALA B 124 14.84 -52.93 25.70
CA ALA B 124 14.42 -52.07 24.60
C ALA B 124 14.70 -50.60 24.95
N ASP B 125 15.50 -49.96 24.10
CA ASP B 125 15.93 -48.59 24.26
C ASP B 125 15.19 -47.74 23.23
N ASP B 126 14.24 -46.94 23.70
CA ASP B 126 13.69 -45.86 22.88
C ASP B 126 14.08 -44.50 23.44
N THR B 127 15.14 -44.45 24.24
CA THR B 127 15.49 -43.21 24.93
C THR B 127 15.79 -42.00 24.00
N TRP B 128 16.00 -42.28 22.71
CA TRP B 128 16.16 -41.29 21.66
C TRP B 128 15.04 -40.25 21.66
N PHE B 129 13.81 -40.72 21.91
CA PHE B 129 12.70 -39.83 22.17
C PHE B 129 12.40 -39.94 23.66
N ASP B 130 11.58 -39.04 24.16
CA ASP B 130 11.15 -39.09 25.52
C ASP B 130 10.03 -40.12 25.65
N SER B 131 9.61 -40.38 26.87
CA SER B 131 8.69 -41.44 27.07
C SER B 131 7.29 -40.89 27.19
N GLU B 132 7.07 -39.68 26.70
CA GLU B 132 5.74 -39.14 26.66
C GLU B 132 5.04 -39.80 25.46
N ARG B 133 4.12 -40.73 25.77
CA ARG B 133 3.52 -41.62 24.78
C ARG B 133 2.40 -41.04 23.95
N LEU B 134 1.67 -40.09 24.53
CA LEU B 134 0.46 -39.53 23.93
C LEU B 134 0.41 -38.05 24.18
N VAL B 135 -0.25 -37.30 23.31
CA VAL B 135 -0.39 -35.89 23.57
C VAL B 135 -1.36 -35.70 24.75
N ASP B 136 -1.30 -34.55 25.40
CA ASP B 136 -2.19 -34.27 26.52
C ASP B 136 -3.63 -34.16 26.13
N ASP B 137 -3.89 -33.56 24.98
CA ASP B 137 -5.29 -33.27 24.62
C ASP B 137 -5.93 -34.29 23.69
N TRP B 138 -5.24 -35.41 23.49
CA TRP B 138 -5.85 -36.52 22.76
C TRP B 138 -6.84 -37.20 23.66
N TRP B 139 -7.79 -37.88 23.04
CA TRP B 139 -8.83 -38.54 23.79
C TRP B 139 -8.46 -39.95 24.18
N PRO B 140 -8.53 -40.26 25.50
CA PRO B 140 -8.25 -41.63 25.98
C PRO B 140 -9.13 -42.70 25.32
N GLU B 141 -10.32 -42.30 24.91
CA GLU B 141 -11.21 -43.18 24.19
C GLU B 141 -10.65 -43.62 22.84
N ASP B 142 -9.88 -42.78 22.18
CA ASP B 142 -9.29 -43.13 20.89
C ASP B 142 -8.11 -44.10 21.04
N GLU B 143 -7.56 -44.22 22.25
CA GLU B 143 -6.36 -45.02 22.48
C GLU B 143 -6.26 -46.46 21.92
N PRO B 144 -7.40 -47.21 21.82
CA PRO B 144 -7.16 -48.54 21.24
C PRO B 144 -6.94 -48.54 19.73
N TYR B 145 -7.36 -47.48 19.04
CA TYR B 145 -7.36 -47.47 17.59
C TYR B 145 -6.00 -47.12 17.02
N ALA B 146 -5.61 -47.74 15.93
CA ALA B 146 -4.30 -47.54 15.34
C ALA B 146 -3.91 -46.06 15.19
N TYR B 147 -4.85 -45.20 14.78
CA TYR B 147 -4.50 -43.78 14.52
C TYR B 147 -3.97 -43.03 15.75
N SER B 148 -4.10 -43.65 16.92
CA SER B 148 -3.67 -43.10 18.16
C SER B 148 -2.64 -43.99 18.86
N ALA B 149 -1.87 -44.73 18.07
CA ALA B 149 -0.78 -45.56 18.61
C ALA B 149 0.12 -44.72 19.53
N GLN B 150 0.60 -45.32 20.62
CA GLN B 150 1.63 -44.65 21.44
C GLN B 150 2.89 -44.36 20.61
N ILE B 151 3.57 -43.28 20.96
CA ILE B 151 4.72 -42.82 20.17
C ILE B 151 6.02 -43.18 20.83
N SER B 152 6.90 -43.88 20.11
CA SER B 152 8.18 -44.30 20.68
C SER B 152 9.26 -44.24 19.62
N ALA B 153 10.50 -43.96 20.03
CA ALA B 153 11.61 -44.07 19.10
C ALA B 153 11.78 -45.53 18.67
N LEU B 154 11.34 -46.47 19.50
CA LEU B 154 11.46 -47.91 19.20
C LEU B 154 10.09 -48.57 18.96
N THR B 155 9.67 -48.65 17.71
CA THR B 155 8.34 -49.11 17.40
C THR B 155 8.25 -50.05 16.20
N VAL B 156 7.44 -51.11 16.33
CA VAL B 156 7.25 -52.09 15.26
C VAL B 156 6.10 -51.67 14.37
N ALA B 157 6.40 -51.51 13.07
CA ALA B 157 5.44 -51.08 12.08
C ALA B 157 4.82 -52.32 11.41
N HIS B 158 3.51 -52.30 11.23
CA HIS B 158 2.77 -53.42 10.68
C HIS B 158 2.43 -53.22 9.22
N GLY B 159 2.58 -54.29 8.46
CA GLY B 159 2.30 -54.30 7.02
C GLY B 159 3.05 -53.34 6.11
N GLU B 160 2.73 -53.41 4.81
CA GLU B 160 3.28 -52.47 3.87
C GLU B 160 2.86 -50.99 4.03
N ARG B 161 1.80 -50.72 4.80
CA ARG B 161 1.40 -49.35 5.10
C ARG B 161 2.15 -48.79 6.32
N PHE B 162 2.76 -49.69 7.07
CA PHE B 162 3.62 -49.35 8.22
C PHE B 162 2.90 -48.68 9.40
N ASP B 163 1.79 -49.29 9.85
CA ASP B 163 1.07 -48.82 11.02
C ASP B 163 1.83 -49.22 12.26
N THR B 164 2.40 -48.24 12.94
CA THR B 164 3.26 -48.44 14.13
C THR B 164 2.57 -48.77 15.49
N GLY B 165 3.28 -49.44 16.38
CA GLY B 165 2.81 -49.73 17.73
C GLY B 165 1.48 -50.46 17.85
N VAL B 166 1.14 -51.32 16.89
CA VAL B 166 -0.11 -52.04 16.89
C VAL B 166 0.15 -53.51 16.73
N THR B 167 -0.85 -54.32 17.08
CA THR B 167 -0.85 -55.72 16.77
C THR B 167 -2.16 -56.04 16.07
N GLU B 168 -2.11 -57.02 15.17
CA GLU B 168 -3.28 -57.51 14.44
C GLU B 168 -4.07 -58.59 15.23
N VAL B 169 -5.27 -58.22 15.66
CA VAL B 169 -6.14 -59.12 16.38
C VAL B 169 -7.02 -59.85 15.37
N SER B 170 -7.06 -61.16 15.47
CA SER B 170 -8.07 -61.84 14.70
C SER B 170 -8.97 -62.67 15.60
N VAL B 171 -10.25 -62.64 15.24
CA VAL B 171 -11.32 -63.32 15.96
C VAL B 171 -12.09 -64.14 14.95
N THR B 172 -12.21 -65.42 15.22
CA THR B 172 -12.92 -66.36 14.37
C THR B 172 -13.98 -67.08 15.21
N PRO B 173 -15.13 -67.42 14.60
CA PRO B 173 -16.19 -68.10 15.34
C PRO B 173 -15.84 -69.55 15.66
N ALA B 174 -16.30 -70.04 16.80
CA ALA B 174 -16.20 -71.45 17.08
C ALA B 174 -17.60 -72.02 16.81
N ALA B 175 -18.09 -72.84 17.74
CA ALA B 175 -19.44 -73.37 17.64
C ALA B 175 -20.41 -72.43 18.32
N GLU B 176 -21.66 -72.44 17.84
CA GLU B 176 -22.69 -71.59 18.40
C GLU B 176 -22.77 -71.82 19.90
N GLY B 177 -22.72 -70.73 20.67
CA GLY B 177 -22.72 -70.77 22.13
C GLY B 177 -21.35 -70.78 22.81
N GLU B 178 -20.36 -71.41 22.16
CA GLU B 178 -18.98 -71.48 22.65
C GLU B 178 -18.35 -70.07 22.57
N PRO B 179 -17.31 -69.81 23.41
CA PRO B 179 -16.52 -68.59 23.25
C PRO B 179 -15.91 -68.48 21.86
N ALA B 180 -15.60 -67.26 21.44
CA ALA B 180 -14.94 -67.10 20.16
C ALA B 180 -13.46 -67.35 20.36
N ASP B 181 -12.80 -67.78 19.29
CA ASP B 181 -11.37 -67.97 19.29
C ASP B 181 -10.70 -66.66 18.93
N VAL B 182 -9.79 -66.20 19.79
CA VAL B 182 -9.09 -64.94 19.55
C VAL B 182 -7.58 -65.15 19.44
N ASP B 183 -6.98 -64.69 18.35
CA ASP B 183 -5.53 -64.58 18.26
C ASP B 183 -5.08 -63.12 18.29
N LEU B 184 -4.10 -62.85 19.14
CA LEU B 184 -3.61 -61.51 19.39
C LEU B 184 -2.51 -61.02 18.43
N GLY B 185 -2.10 -61.86 17.48
CA GLY B 185 -1.07 -61.49 16.49
C GLY B 185 0.29 -61.41 17.16
N ALA B 186 1.08 -60.42 16.76
CA ALA B 186 2.39 -60.16 17.34
C ALA B 186 2.37 -59.97 18.84
N ALA B 187 1.24 -59.49 19.37
CA ALA B 187 1.18 -59.25 20.80
C ALA B 187 0.88 -60.49 21.66
N GLU B 188 0.95 -61.68 21.05
CA GLU B 188 0.70 -62.93 21.76
C GLU B 188 1.82 -63.11 22.74
N GLY B 189 1.48 -63.36 23.99
CA GLY B 189 2.50 -63.52 25.01
C GLY B 189 3.00 -62.19 25.52
N TYR B 190 2.51 -61.09 24.96
CA TYR B 190 2.86 -59.79 25.47
C TYR B 190 1.71 -59.14 26.20
N ALA B 191 0.58 -58.99 25.53
CA ALA B 191 -0.60 -58.36 26.11
C ALA B 191 -1.50 -59.44 26.63
N GLU B 192 -2.34 -59.09 27.59
CA GLU B 192 -3.29 -60.04 28.16
C GLU B 192 -4.53 -60.13 27.28
N LEU B 193 -5.22 -61.26 27.34
CA LEU B 193 -6.51 -61.43 26.68
C LEU B 193 -7.56 -61.54 27.74
N ASP B 194 -8.63 -60.79 27.54
CA ASP B 194 -9.87 -60.87 28.33
C ASP B 194 -10.94 -61.13 27.28
N ASN B 195 -11.15 -62.41 26.98
CA ASN B 195 -12.08 -62.81 25.95
C ASN B 195 -13.42 -63.27 26.53
N ARG B 196 -14.41 -62.38 26.47
CA ARG B 196 -15.74 -62.60 27.02
C ARG B 196 -16.82 -62.52 25.92
N ALA B 197 -16.43 -62.89 24.70
CA ALA B 197 -17.30 -62.87 23.55
C ALA B 197 -17.72 -64.30 23.17
N VAL B 198 -18.83 -64.40 22.41
CA VAL B 198 -19.49 -65.66 22.01
C VAL B 198 -19.61 -65.84 20.51
N THR B 199 -19.62 -67.10 20.11
CA THR B 199 -20.11 -67.44 18.79
C THR B 199 -21.64 -67.40 18.79
N GLY B 200 -22.23 -66.47 18.03
CA GLY B 200 -23.68 -66.42 17.85
C GLY B 200 -24.20 -67.41 16.81
N ALA B 201 -25.52 -67.53 16.75
CA ALA B 201 -26.14 -68.43 15.74
C ALA B 201 -25.75 -67.97 14.33
N ALA B 202 -25.62 -68.94 13.43
CA ALA B 202 -25.31 -68.61 12.04
C ALA B 202 -26.35 -67.64 11.51
N GLY B 203 -25.89 -66.65 10.77
CA GLY B 203 -26.79 -65.64 10.21
C GLY B 203 -27.30 -64.57 11.19
N SER B 204 -26.80 -64.60 12.42
CA SER B 204 -27.16 -63.65 13.48
C SER B 204 -26.30 -62.38 13.31
N ALA B 205 -26.70 -61.28 13.96
CA ALA B 205 -25.96 -60.00 13.88
C ALA B 205 -24.61 -60.05 14.56
N ASN B 206 -23.62 -59.44 13.91
CA ASN B 206 -22.27 -59.38 14.37
C ASN B 206 -22.11 -58.20 15.32
N THR B 207 -22.08 -58.44 16.62
CA THR B 207 -21.95 -57.34 17.56
C THR B 207 -20.63 -57.36 18.28
N LEU B 208 -19.60 -57.86 17.60
CA LEU B 208 -18.28 -58.06 18.18
C LEU B 208 -17.60 -56.73 18.46
N VAL B 209 -16.94 -56.64 19.62
CA VAL B 209 -16.24 -55.41 19.97
C VAL B 209 -14.89 -55.81 20.47
N ILE B 210 -13.86 -55.15 19.95
CA ILE B 210 -12.48 -55.39 20.33
C ILE B 210 -11.89 -54.07 20.93
N ASP B 211 -11.44 -54.13 22.18
CA ASP B 211 -11.10 -52.95 22.95
C ASP B 211 -9.76 -53.14 23.69
N ARG B 212 -9.06 -52.04 23.97
CA ARG B 212 -8.01 -52.05 24.99
C ARG B 212 -8.38 -51.10 26.09
N PRO B 213 -8.95 -51.63 27.18
CA PRO B 213 -9.42 -50.76 28.27
C PRO B 213 -8.30 -49.85 28.72
N VAL B 214 -8.66 -48.57 28.89
CA VAL B 214 -7.74 -47.46 29.02
C VAL B 214 -6.78 -47.74 30.14
N GLY B 215 -5.49 -47.52 29.91
CA GLY B 215 -4.52 -47.77 30.97
C GLY B 215 -4.02 -49.20 31.18
N THR B 216 -4.62 -50.18 30.50
CA THR B 216 -4.17 -51.58 30.60
C THR B 216 -3.33 -51.98 29.40
N ASN B 217 -2.69 -53.15 29.45
CA ASN B 217 -2.12 -53.77 28.27
C ASN B 217 -2.91 -55.02 27.94
N THR B 218 -4.24 -54.87 28.01
CA THR B 218 -5.17 -55.96 27.81
C THR B 218 -6.07 -55.75 26.60
N ILE B 219 -6.09 -56.71 25.71
CA ILE B 219 -7.16 -56.74 24.70
C ILE B 219 -8.42 -57.41 25.30
N ALA B 220 -9.50 -56.65 25.35
CA ALA B 220 -10.81 -57.16 25.72
C ALA B 220 -11.71 -57.39 24.47
N VAL B 221 -12.40 -58.52 24.46
CA VAL B 221 -13.21 -58.91 23.32
C VAL B 221 -14.61 -59.25 23.81
N THR B 222 -15.61 -58.50 23.33
CA THR B 222 -16.95 -58.65 23.86
C THR B 222 -17.94 -58.76 22.69
N GLY B 223 -19.18 -59.09 23.01
CA GLY B 223 -20.20 -59.14 21.98
C GLY B 223 -20.26 -60.49 21.31
N SER B 224 -20.99 -60.54 20.20
CA SER B 224 -21.33 -61.81 19.59
C SER B 224 -20.88 -61.77 18.17
N LEU B 225 -20.39 -62.93 17.73
CA LEU B 225 -19.92 -63.15 16.36
C LEU B 225 -20.63 -64.41 15.78
N PRO B 226 -21.35 -64.25 14.65
CA PRO B 226 -22.16 -65.33 14.10
C PRO B 226 -21.34 -66.52 13.58
N ALA B 227 -21.78 -67.73 13.92
CA ALA B 227 -21.01 -68.95 13.65
C ALA B 227 -20.52 -69.05 12.21
N ASP B 228 -21.33 -68.56 11.27
CA ASP B 228 -21.03 -68.67 9.84
C ASP B 228 -20.23 -67.51 9.25
N ALA B 229 -19.48 -66.77 10.08
CA ALA B 229 -18.86 -65.52 9.63
C ALA B 229 -17.38 -65.66 9.32
N ALA B 230 -16.89 -64.78 8.45
CA ALA B 230 -15.49 -64.72 8.10
C ALA B 230 -14.72 -64.15 9.31
N PRO B 231 -13.50 -64.66 9.57
CA PRO B 231 -12.69 -64.10 10.66
C PRO B 231 -12.79 -62.57 10.68
N VAL B 232 -12.85 -61.99 11.88
CA VAL B 232 -12.75 -60.54 12.04
C VAL B 232 -11.27 -60.14 12.25
N THR B 233 -10.77 -59.20 11.46
CA THR B 233 -9.35 -58.85 11.56
C THR B 233 -9.16 -57.36 11.79
N ALA B 234 -8.53 -57.01 12.91
CA ALA B 234 -8.42 -55.59 13.31
C ALA B 234 -7.09 -55.24 13.97
N LEU B 235 -6.61 -54.03 13.70
CA LEU B 235 -5.38 -53.48 14.33
C LEU B 235 -5.81 -52.81 15.58
N ARG B 236 -5.14 -53.12 16.69
CA ARG B 236 -5.35 -52.43 17.94
C ARG B 236 -4.01 -52.11 18.62
N THR B 237 -3.97 -51.03 19.37
CA THR B 237 -2.72 -50.53 19.93
C THR B 237 -2.31 -51.35 21.15
N VAL B 238 -1.04 -51.21 21.57
CA VAL B 238 -0.54 -51.87 22.80
C VAL B 238 0.19 -50.84 23.65
N ASP B 239 0.29 -51.12 24.93
CA ASP B 239 1.03 -50.27 25.84
C ASP B 239 2.52 -50.53 25.62
N GLU B 240 3.29 -49.44 25.61
CA GLU B 240 4.75 -49.53 25.38
C GLU B 240 5.14 -50.30 24.13
N PRO B 241 4.99 -49.66 22.97
CA PRO B 241 5.41 -50.26 21.70
C PRO B 241 6.81 -50.83 21.81
N ALA B 242 7.70 -50.10 22.46
CA ALA B 242 9.08 -50.53 22.55
C ALA B 242 9.24 -51.94 23.15
N ALA B 243 8.58 -52.20 24.28
CA ALA B 243 8.61 -53.53 24.87
C ALA B 243 7.98 -54.61 23.97
N LEU B 244 6.98 -54.23 23.15
CA LEU B 244 6.50 -55.14 22.11
C LEU B 244 7.63 -55.45 21.17
N ALA B 245 8.41 -54.46 20.78
CA ALA B 245 9.61 -54.71 19.97
C ALA B 245 10.56 -55.64 20.69
N GLY B 246 10.70 -55.47 22.00
CA GLY B 246 11.58 -56.34 22.77
C GLY B 246 11.08 -57.77 22.66
N HIS B 247 9.88 -58.00 23.17
CA HIS B 247 9.18 -59.27 23.04
C HIS B 247 9.41 -59.94 21.68
N LEU B 248 9.30 -59.14 20.63
CA LEU B 248 9.45 -59.66 19.27
C LEU B 248 10.87 -60.07 18.95
N PHE B 249 11.79 -59.27 19.44
CA PHE B 249 13.18 -59.49 19.17
C PHE B 249 13.66 -60.72 19.89
N GLU B 250 13.23 -60.86 21.14
CA GLU B 250 13.53 -62.07 21.89
C GLU B 250 13.13 -63.32 21.10
N GLU B 251 11.93 -63.28 20.54
CA GLU B 251 11.41 -64.36 19.78
C GLU B 251 12.27 -64.60 18.55
N ALA B 252 12.58 -63.51 17.84
CA ALA B 252 13.47 -63.57 16.68
C ALA B 252 14.84 -64.19 17.02
N LEU B 253 15.40 -63.80 18.16
CA LEU B 253 16.70 -64.29 18.61
C LEU B 253 16.62 -65.77 18.84
N GLU B 254 15.58 -66.20 19.55
CA GLU B 254 15.41 -67.64 19.78
C GLU B 254 15.26 -68.46 18.50
N SER B 255 14.53 -67.93 17.52
CA SER B 255 14.39 -68.56 16.22
C SER B 255 15.71 -68.69 15.46
N ASN B 256 16.62 -67.72 15.66
CA ASN B 256 17.94 -67.70 15.00
C ASN B 256 19.06 -68.30 15.85
N GLY B 257 18.69 -69.20 16.76
CA GLY B 257 19.64 -69.93 17.61
C GLY B 257 20.29 -69.15 18.74
N VAL B 258 19.68 -68.04 19.16
CA VAL B 258 20.18 -67.26 20.30
C VAL B 258 19.26 -67.35 21.50
N THR B 259 19.79 -67.82 22.62
CA THR B 259 19.01 -67.99 23.83
C THR B 259 19.11 -66.73 24.65
N VAL B 260 18.01 -66.31 25.28
CA VAL B 260 18.01 -65.15 26.16
C VAL B 260 17.64 -65.58 27.58
N LYS B 261 18.62 -65.61 28.47
CA LYS B 261 18.40 -66.22 29.77
C LYS B 261 17.56 -65.37 30.68
N GLY B 262 17.70 -64.05 30.55
CA GLY B 262 17.08 -63.10 31.47
C GLY B 262 15.78 -62.51 30.93
N ASP B 263 15.42 -61.36 31.47
CA ASP B 263 14.12 -60.76 31.23
C ASP B 263 14.18 -59.72 30.12
N VAL B 264 13.00 -59.29 29.71
CA VAL B 264 12.80 -58.36 28.62
C VAL B 264 12.00 -57.19 29.19
N GLY B 265 12.55 -55.99 29.02
CA GLY B 265 11.95 -54.78 29.51
C GLY B 265 12.63 -53.60 28.86
N LEU B 266 12.21 -52.41 29.28
CA LEU B 266 12.74 -51.11 28.78
C LEU B 266 13.99 -50.66 29.54
N GLY B 267 14.95 -50.09 28.82
CA GLY B 267 16.20 -49.62 29.43
C GLY B 267 17.05 -48.89 28.41
N GLY B 268 17.85 -47.95 28.91
CA GLY B 268 18.74 -47.21 28.03
C GLY B 268 20.15 -47.75 28.10
N VAL B 269 20.84 -47.82 26.95
CA VAL B 269 22.27 -48.14 27.00
C VAL B 269 22.88 -47.32 28.14
N PRO B 270 23.65 -47.99 29.02
CA PRO B 270 24.35 -47.36 30.13
C PRO B 270 25.23 -46.22 29.63
N ALA B 271 25.08 -45.05 30.25
CA ALA B 271 25.82 -43.87 29.80
C ALA B 271 27.33 -44.06 29.99
N ASP B 272 27.71 -45.09 30.75
CA ASP B 272 29.11 -45.44 30.97
C ASP B 272 29.54 -46.77 30.29
N TRP B 273 29.12 -46.96 29.05
CA TRP B 273 29.66 -48.00 28.18
C TRP B 273 30.49 -47.28 27.14
N GLN B 274 31.76 -47.60 27.04
CA GLN B 274 32.66 -46.79 26.21
C GLN B 274 32.91 -47.40 24.83
N ASP B 275 33.05 -48.72 24.82
CA ASP B 275 33.47 -49.51 23.66
C ASP B 275 32.35 -50.45 23.26
N ALA B 276 31.12 -49.94 23.20
CA ALA B 276 29.96 -50.80 22.93
C ALA B 276 30.07 -51.38 21.54
N GLU B 277 29.68 -52.65 21.41
CA GLU B 277 29.86 -53.36 20.17
C GLU B 277 28.53 -53.33 19.45
N VAL B 278 28.54 -52.88 18.20
CA VAL B 278 27.33 -52.92 17.41
C VAL B 278 27.28 -54.27 16.75
N LEU B 279 26.41 -55.12 17.25
CA LEU B 279 26.29 -56.49 16.78
C LEU B 279 25.35 -56.64 15.59
N ALA B 280 24.36 -55.78 15.49
CA ALA B 280 23.47 -55.82 14.33
C ALA B 280 22.91 -54.43 14.10
N ASP B 281 22.59 -54.10 12.86
CA ASP B 281 21.89 -52.86 12.55
C ASP B 281 20.95 -53.00 11.35
N HIS B 282 20.07 -52.00 11.22
CA HIS B 282 19.18 -51.85 10.09
C HIS B 282 19.00 -50.37 9.82
N THR B 283 18.92 -50.03 8.53
CA THR B 283 18.73 -48.67 8.04
C THR B 283 17.45 -48.68 7.20
N SER B 284 16.63 -47.62 7.33
CA SER B 284 15.36 -47.50 6.60
C SER B 284 15.51 -46.99 5.17
N ALA B 285 14.38 -46.90 4.45
CA ALA B 285 14.35 -46.20 3.19
C ALA B 285 14.49 -44.74 3.55
N GLU B 286 14.88 -43.91 2.59
CA GLU B 286 15.07 -42.49 2.88
C GLU B 286 13.74 -41.80 3.02
N LEU B 287 13.73 -40.75 3.83
CA LEU B 287 12.53 -39.96 4.04
C LEU B 287 11.61 -39.86 2.83
N SER B 288 12.16 -39.51 1.67
CA SER B 288 11.36 -39.36 0.46
C SER B 288 10.49 -40.58 0.18
N GLU B 289 11.05 -41.79 0.32
CA GLU B 289 10.29 -43.00 0.01
C GLU B 289 9.25 -43.27 1.09
N ILE B 290 9.59 -42.97 2.34
CA ILE B 290 8.64 -43.08 3.45
C ILE B 290 7.45 -42.16 3.25
N LEU B 291 7.69 -40.98 2.71
CA LEU B 291 6.63 -40.00 2.48
C LEU B 291 5.40 -40.62 1.87
N VAL B 292 5.59 -41.57 0.97
CA VAL B 292 4.45 -42.12 0.27
C VAL B 292 3.44 -42.78 1.25
N PRO B 293 3.83 -43.90 1.88
CA PRO B 293 2.85 -44.50 2.80
C PRO B 293 2.27 -43.50 3.81
N PHE B 294 3.08 -42.57 4.29
CA PHE B 294 2.72 -41.61 5.32
C PHE B 294 1.65 -40.59 4.91
N MET B 295 1.85 -39.94 3.78
CA MET B 295 0.88 -38.95 3.33
C MET B 295 -0.30 -39.61 2.58
N LYS B 296 -0.06 -40.73 1.89
CA LYS B 296 -1.16 -41.34 1.14
C LYS B 296 -2.24 -41.77 2.10
N PHE B 297 -1.83 -42.43 3.18
CA PHE B 297 -2.79 -43.03 4.08
C PHE B 297 -2.92 -42.23 5.34
N SER B 298 -2.14 -41.15 5.44
CA SER B 298 -2.28 -40.19 6.48
C SER B 298 -2.08 -40.84 7.83
N ASN B 299 -0.88 -41.35 8.04
CA ASN B 299 -0.46 -42.05 9.25
C ASN B 299 -0.09 -41.08 10.37
N ASN B 300 -0.70 -41.23 11.54
CA ASN B 300 -0.44 -40.25 12.59
C ASN B 300 0.84 -40.51 13.35
N GLY B 301 1.17 -41.79 13.59
CA GLY B 301 2.43 -42.18 14.22
C GLY B 301 3.60 -41.60 13.43
N HIS B 302 3.61 -41.77 12.11
CA HIS B 302 4.69 -41.18 11.33
C HIS B 302 4.79 -39.68 11.67
N ALA B 303 3.66 -38.98 11.71
CA ALA B 303 3.72 -37.51 11.91
C ALA B 303 4.39 -37.16 13.23
N GLU B 304 3.90 -37.75 14.30
CA GLU B 304 4.44 -37.47 15.60
C GLU B 304 5.92 -37.86 15.67
N MET B 305 6.29 -39.01 15.08
CA MET B 305 7.70 -39.42 15.12
C MET B 305 8.54 -38.41 14.37
N LEU B 306 8.13 -38.02 13.16
CA LEU B 306 8.87 -36.98 12.46
C LEU B 306 9.06 -35.70 13.34
N VAL B 307 8.00 -35.23 14.00
CA VAL B 307 8.12 -34.10 14.92
C VAL B 307 9.17 -34.34 16.01
N LYS B 308 9.24 -35.55 16.58
CA LYS B 308 10.26 -35.78 17.61
C LYS B 308 11.70 -35.87 17.09
N SER B 309 11.83 -36.30 15.83
CA SER B 309 13.12 -36.32 15.13
C SER B 309 13.62 -34.87 14.97
N ILE B 310 12.71 -34.00 14.54
CA ILE B 310 13.01 -32.62 14.32
C ILE B 310 13.52 -32.00 15.64
N GLY B 311 12.85 -32.30 16.74
CA GLY B 311 13.32 -31.92 18.06
C GLY B 311 14.70 -32.49 18.40
N GLN B 312 15.04 -33.66 17.88
CA GLN B 312 16.42 -34.16 18.06
C GLN B 312 17.37 -33.38 17.18
N GLU B 313 17.05 -33.23 15.90
CA GLU B 313 17.98 -32.58 15.02
C GLU B 313 18.17 -31.12 15.41
N THR B 314 17.07 -30.41 15.65
CA THR B 314 17.15 -28.99 15.95
C THR B 314 17.48 -28.60 17.44
N ALA B 315 17.47 -29.57 18.37
CA ALA B 315 17.83 -29.28 19.76
C ALA B 315 18.36 -30.47 20.60
N GLY B 316 18.69 -31.60 19.95
CA GLY B 316 19.07 -32.81 20.69
C GLY B 316 18.04 -33.28 21.73
N ALA B 317 16.76 -33.06 21.44
CA ALA B 317 15.70 -33.38 22.39
C ALA B 317 14.48 -33.95 21.65
N GLY B 318 14.35 -35.26 21.63
CA GLY B 318 13.26 -35.86 20.86
C GLY B 318 11.91 -35.66 21.51
N THR B 319 11.44 -34.40 21.59
CA THR B 319 10.27 -34.10 22.39
C THR B 319 9.25 -33.33 21.57
N TRP B 320 8.01 -33.30 22.03
CA TRP B 320 6.99 -32.46 21.41
C TRP B 320 7.32 -30.99 21.56
N ASP B 321 7.55 -30.55 22.79
CA ASP B 321 7.83 -29.12 23.03
C ASP B 321 8.88 -28.63 22.06
N ALA B 322 9.92 -29.43 21.85
CA ALA B 322 11.02 -29.05 20.98
C ALA B 322 10.75 -29.36 19.51
N GLY B 323 10.13 -30.51 19.22
CA GLY B 323 9.77 -30.80 17.85
C GLY B 323 8.89 -29.71 17.24
N LEU B 324 7.94 -29.21 18.03
CA LEU B 324 6.97 -28.26 17.54
C LEU B 324 7.56 -26.84 17.40
N VAL B 325 8.61 -26.52 18.17
CA VAL B 325 9.34 -25.28 17.99
C VAL B 325 10.21 -25.42 16.74
N GLY B 326 10.80 -26.61 16.58
CA GLY B 326 11.52 -26.97 15.38
C GLY B 326 10.68 -26.80 14.11
N VAL B 327 9.56 -27.53 14.04
CA VAL B 327 8.59 -27.38 12.94
C VAL B 327 8.27 -25.88 12.61
N GLU B 328 8.03 -25.07 13.63
CA GLU B 328 7.65 -23.67 13.40
C GLU B 328 8.78 -22.85 12.81
N GLU B 329 10.01 -23.07 13.29
CA GLU B 329 11.22 -22.45 12.71
C GLU B 329 11.37 -22.88 11.24
N ALA B 330 11.37 -24.18 11.00
CA ALA B 330 11.49 -24.72 9.65
C ALA B 330 10.51 -24.07 8.66
N LEU B 331 9.29 -23.82 9.11
CA LEU B 331 8.28 -23.28 8.21
C LEU B 331 8.58 -21.83 7.96
N SER B 332 8.93 -21.11 9.02
CA SER B 332 9.17 -19.68 8.89
C SER B 332 10.42 -19.41 8.07
N GLY B 333 11.35 -20.36 8.06
CA GLY B 333 12.58 -20.27 7.26
C GLY B 333 12.31 -20.61 5.81
N LEU B 334 11.33 -21.49 5.59
CA LEU B 334 10.89 -21.83 4.23
C LEU B 334 10.03 -20.70 3.65
N GLY B 335 9.78 -19.67 4.47
CA GLY B 335 9.12 -18.47 4.02
C GLY B 335 7.66 -18.32 4.43
N VAL B 336 7.13 -19.30 5.15
CA VAL B 336 5.75 -19.20 5.63
C VAL B 336 5.62 -18.19 6.76
N ASP B 337 4.64 -17.30 6.60
CA ASP B 337 4.13 -16.50 7.70
C ASP B 337 3.30 -17.43 8.64
N THR B 338 3.93 -17.85 9.74
CA THR B 338 3.33 -18.80 10.68
C THR B 338 2.53 -18.16 11.84
N ALA B 339 2.18 -16.88 11.69
CA ALA B 339 1.52 -16.12 12.75
C ALA B 339 0.12 -16.62 13.05
N GLY B 340 -0.57 -17.09 12.03
CA GLY B 340 -1.89 -17.68 12.24
C GLY B 340 -1.90 -19.08 12.89
N LEU B 341 -0.73 -19.77 12.87
CA LEU B 341 -0.62 -21.20 13.23
C LEU B 341 -0.52 -21.48 14.72
N VAL B 342 -1.26 -22.48 15.19
CA VAL B 342 -1.02 -22.99 16.53
C VAL B 342 -0.79 -24.48 16.37
N LEU B 343 0.41 -24.91 16.71
CA LEU B 343 0.83 -26.28 16.54
C LEU B 343 0.80 -27.02 17.87
N ASN B 344 -0.03 -28.04 17.98
CA ASN B 344 -0.03 -28.81 19.20
C ASN B 344 0.43 -30.29 18.99
N ASP B 345 0.32 -30.80 17.76
CA ASP B 345 0.90 -32.09 17.41
C ASP B 345 1.27 -32.15 15.94
N GLY B 346 1.81 -33.28 15.48
CA GLY B 346 2.26 -33.36 14.11
C GLY B 346 1.16 -33.89 13.19
N SER B 347 0.22 -34.66 13.73
CA SER B 347 -0.74 -35.40 12.93
C SER B 347 -2.03 -34.63 12.70
N GLY B 348 -2.30 -33.70 13.60
CA GLY B 348 -3.49 -32.87 13.51
C GLY B 348 -4.57 -33.54 14.31
N LEU B 349 -4.22 -34.58 15.06
CA LEU B 349 -5.22 -35.29 15.83
C LEU B 349 -5.82 -34.39 16.94
N SER B 350 -4.95 -33.55 17.47
CA SER B 350 -5.24 -32.65 18.56
C SER B 350 -6.18 -31.53 18.15
N ARG B 351 -7.06 -31.22 19.08
CA ARG B 351 -8.10 -30.25 18.81
C ARG B 351 -7.57 -28.91 19.31
N GLY B 352 -6.25 -28.90 19.58
CA GLY B 352 -5.50 -27.72 19.98
C GLY B 352 -4.68 -27.05 18.87
N ASN B 353 -4.77 -27.60 17.66
CA ASN B 353 -4.07 -27.07 16.52
C ASN B 353 -5.00 -26.11 15.86
N LEU B 354 -4.42 -25.17 15.11
CA LEU B 354 -5.19 -24.21 14.33
C LEU B 354 -4.38 -23.84 13.12
N VAL B 355 -5.06 -23.58 12.01
CA VAL B 355 -4.42 -23.06 10.80
C VAL B 355 -5.35 -22.01 10.24
N THR B 356 -4.91 -21.29 9.22
CA THR B 356 -5.86 -20.53 8.43
C THR B 356 -5.67 -21.12 7.08
N ALA B 357 -6.70 -21.01 6.25
CA ALA B 357 -6.60 -21.39 4.87
C ALA B 357 -5.41 -20.69 4.21
N ASP B 358 -5.32 -19.38 4.38
CA ASP B 358 -4.24 -18.63 3.78
C ASP B 358 -2.88 -19.26 4.06
N THR B 359 -2.64 -19.58 5.33
CA THR B 359 -1.41 -20.24 5.73
C THR B 359 -1.15 -21.55 4.97
N VAL B 360 -2.22 -22.30 4.68
CA VAL B 360 -2.05 -23.57 4.02
C VAL B 360 -1.61 -23.33 2.57
N VAL B 361 -2.21 -22.35 1.93
CA VAL B 361 -1.91 -22.04 0.55
C VAL B 361 -0.52 -21.34 0.46
N ASP B 362 -0.17 -20.60 1.52
CA ASP B 362 1.17 -20.03 1.61
C ASP B 362 2.15 -21.22 1.52
N LEU B 363 1.96 -22.21 2.38
CA LEU B 363 2.80 -23.42 2.38
C LEU B 363 2.79 -24.15 1.05
N LEU B 364 1.59 -24.35 0.49
CA LEU B 364 1.51 -25.09 -0.76
C LEU B 364 2.39 -24.45 -1.87
N GLY B 365 2.46 -23.12 -1.86
CA GLY B 365 3.25 -22.38 -2.84
C GLY B 365 4.75 -22.55 -2.62
N GLN B 366 5.20 -22.11 -1.47
CA GLN B 366 6.58 -22.26 -1.05
C GLN B 366 7.10 -23.67 -1.28
N ALA B 367 6.22 -24.67 -1.07
CA ALA B 367 6.59 -26.08 -1.21
C ALA B 367 6.87 -26.49 -2.66
N GLY B 368 6.10 -25.96 -3.59
CA GLY B 368 6.30 -26.24 -5.01
C GLY B 368 7.58 -25.60 -5.54
N SER B 369 8.17 -24.72 -4.75
CA SER B 369 9.40 -24.02 -5.17
C SER B 369 10.66 -24.57 -4.49
N ALA B 370 10.45 -25.34 -3.41
CA ALA B 370 11.53 -26.03 -2.72
C ALA B 370 12.24 -27.00 -3.66
N PRO B 371 13.46 -27.44 -3.28
CA PRO B 371 14.14 -28.45 -4.09
C PRO B 371 13.31 -29.71 -4.20
N TRP B 372 12.84 -30.19 -3.05
CA TRP B 372 12.15 -31.47 -2.92
C TRP B 372 10.69 -31.47 -3.39
N ALA B 373 10.31 -30.47 -4.19
CA ALA B 373 8.93 -30.32 -4.60
C ALA B 373 8.39 -31.61 -5.23
N GLN B 374 9.28 -32.39 -5.82
CA GLN B 374 8.82 -33.51 -6.63
C GLN B 374 8.23 -34.62 -5.80
N THR B 375 9.01 -35.15 -4.84
CA THR B 375 8.51 -36.19 -3.93
C THR B 375 7.35 -35.71 -3.09
N TRP B 376 7.38 -34.43 -2.72
CA TRP B 376 6.36 -33.83 -1.89
C TRP B 376 4.98 -33.98 -2.55
N SER B 377 4.84 -33.47 -3.77
CA SER B 377 3.62 -33.68 -4.54
C SER B 377 3.33 -35.15 -4.80
N ALA B 378 4.37 -35.96 -4.94
CA ALA B 378 4.22 -37.40 -5.25
C ALA B 378 3.51 -38.15 -4.12
N SER B 379 3.65 -37.63 -2.92
CA SER B 379 3.14 -38.30 -1.72
C SER B 379 1.68 -37.98 -1.46
N LEU B 380 1.14 -36.99 -2.17
CA LEU B 380 -0.22 -36.65 -1.91
C LEU B 380 -1.16 -37.59 -2.64
N PRO B 381 -2.28 -37.92 -1.99
CA PRO B 381 -3.38 -38.61 -2.65
C PRO B 381 -3.75 -37.95 -3.97
N VAL B 382 -3.94 -38.80 -4.98
CA VAL B 382 -4.44 -38.37 -6.27
C VAL B 382 -5.89 -38.77 -6.37
N ALA B 383 -6.71 -37.81 -6.82
CA ALA B 383 -8.15 -37.99 -6.92
C ALA B 383 -8.50 -39.23 -7.72
N GLY B 384 -9.36 -40.08 -7.16
CA GLY B 384 -9.94 -41.19 -7.90
C GLY B 384 -9.15 -42.46 -8.24
N GLU B 385 -7.83 -42.47 -8.11
CA GLU B 385 -7.01 -43.63 -8.50
C GLU B 385 -7.26 -44.81 -7.55
N SER B 386 -7.79 -45.91 -8.08
CA SER B 386 -8.22 -47.02 -7.22
C SER B 386 -7.09 -47.83 -6.57
N ASP B 387 -5.87 -47.70 -7.11
CA ASP B 387 -4.71 -48.31 -6.51
C ASP B 387 -4.39 -47.58 -5.20
N PRO B 388 -4.56 -48.26 -4.06
CA PRO B 388 -4.41 -47.64 -2.74
C PRO B 388 -3.18 -46.73 -2.64
N PHE B 389 -2.05 -47.24 -3.11
CA PHE B 389 -0.81 -46.47 -3.08
C PHE B 389 -0.78 -45.25 -4.00
N VAL B 390 -1.85 -45.03 -4.76
CA VAL B 390 -1.93 -43.81 -5.60
C VAL B 390 -3.13 -42.97 -5.20
N GLY B 391 -4.28 -43.62 -5.11
CA GLY B 391 -5.46 -42.97 -4.59
C GLY B 391 -5.30 -42.55 -3.15
N GLY B 392 -4.76 -43.44 -2.31
CA GLY B 392 -4.73 -43.21 -0.87
C GLY B 392 -6.12 -42.79 -0.42
N THR B 393 -6.20 -41.80 0.45
CA THR B 393 -7.48 -41.38 1.02
C THR B 393 -8.39 -40.69 0.01
N LEU B 394 -7.94 -40.54 -1.24
CA LEU B 394 -8.80 -39.97 -2.27
C LEU B 394 -9.18 -41.01 -3.31
N ALA B 395 -8.92 -42.28 -2.98
CA ALA B 395 -9.23 -43.42 -3.85
C ALA B 395 -10.66 -43.42 -4.36
N ASN B 396 -11.63 -43.10 -3.50
CA ASN B 396 -13.02 -43.32 -3.88
C ASN B 396 -13.81 -42.06 -4.06
N ARG B 397 -13.11 -40.94 -4.19
CA ARG B 397 -13.74 -39.65 -4.42
C ARG B 397 -13.34 -39.14 -5.79
N MET B 398 -14.25 -38.43 -6.45
CA MET B 398 -13.97 -37.73 -7.69
C MET B 398 -13.72 -38.64 -8.91
N ARG B 399 -14.15 -39.90 -8.81
CA ARG B 399 -14.13 -40.78 -9.99
C ARG B 399 -15.13 -40.32 -11.04
N GLY B 400 -14.68 -40.23 -12.28
CA GLY B 400 -15.53 -39.82 -13.39
C GLY B 400 -15.71 -38.32 -13.47
N THR B 401 -14.73 -37.59 -12.94
CA THR B 401 -14.73 -36.13 -12.90
C THR B 401 -13.47 -35.54 -13.55
N ALA B 402 -13.46 -34.21 -13.69
CA ALA B 402 -12.32 -33.49 -14.22
C ALA B 402 -11.15 -33.69 -13.30
N ALA B 403 -11.44 -33.76 -11.99
CA ALA B 403 -10.45 -33.92 -10.92
C ALA B 403 -9.66 -35.24 -10.98
N GLU B 404 -10.35 -36.32 -11.32
CA GLU B 404 -9.75 -37.65 -11.37
C GLU B 404 -8.35 -37.68 -11.98
N GLY B 405 -7.39 -38.17 -11.22
CA GLY B 405 -6.03 -38.29 -11.72
C GLY B 405 -5.29 -36.96 -11.85
N VAL B 406 -5.95 -35.87 -11.52
CA VAL B 406 -5.34 -34.58 -11.64
C VAL B 406 -5.10 -34.10 -10.22
N VAL B 407 -6.17 -34.07 -9.43
CA VAL B 407 -6.10 -33.42 -8.14
C VAL B 407 -5.19 -34.14 -7.18
N GLU B 408 -4.16 -33.41 -6.69
CA GLU B 408 -3.26 -33.90 -5.62
C GLU B 408 -3.55 -33.22 -4.27
N ALA B 409 -4.13 -33.91 -3.29
CA ALA B 409 -4.54 -33.20 -2.08
C ALA B 409 -4.62 -34.06 -0.83
N LYS B 410 -4.49 -33.41 0.33
CA LYS B 410 -4.56 -34.06 1.64
C LYS B 410 -5.91 -33.85 2.26
N THR B 411 -6.47 -34.94 2.76
CA THR B 411 -7.77 -34.93 3.35
C THR B 411 -7.55 -34.87 4.85
N GLY B 412 -8.65 -34.77 5.60
CA GLY B 412 -8.63 -34.84 7.05
C GLY B 412 -10.08 -34.76 7.52
N THR B 413 -10.48 -35.64 8.44
CA THR B 413 -11.85 -35.61 8.93
C THR B 413 -12.02 -36.14 10.33
N MET B 414 -12.74 -35.38 11.13
CA MET B 414 -13.14 -35.84 12.43
C MET B 414 -14.35 -35.00 12.79
N SER B 415 -14.97 -35.27 13.96
CA SER B 415 -16.25 -34.64 14.24
C SER B 415 -16.10 -33.11 14.27
N GLY B 416 -16.92 -32.42 13.51
CA GLY B 416 -16.88 -30.98 13.45
C GLY B 416 -15.84 -30.48 12.49
N VAL B 417 -14.90 -31.32 12.10
CA VAL B 417 -13.79 -30.83 11.30
C VAL B 417 -13.49 -31.70 10.08
N SER B 418 -13.30 -31.04 8.93
CA SER B 418 -12.91 -31.71 7.69
C SER B 418 -12.30 -30.74 6.72
N ALA B 419 -11.34 -31.25 5.94
CA ALA B 419 -10.52 -30.38 5.10
C ALA B 419 -9.90 -31.10 3.94
N LEU B 420 -9.64 -30.34 2.89
CA LEU B 420 -9.00 -30.84 1.72
C LEU B 420 -8.13 -29.71 1.18
N SER B 421 -6.83 -29.97 1.07
CA SER B 421 -5.92 -28.98 0.51
C SER B 421 -4.86 -29.65 -0.33
N GLY B 422 -4.52 -29.03 -1.46
CA GLY B 422 -3.58 -29.62 -2.39
C GLY B 422 -3.41 -28.80 -3.66
N TYR B 423 -2.98 -29.49 -4.73
CA TYR B 423 -2.76 -28.87 -6.04
C TYR B 423 -3.72 -29.36 -7.12
N VAL B 424 -3.90 -28.51 -8.13
CA VAL B 424 -4.55 -28.85 -9.39
C VAL B 424 -3.54 -28.52 -10.51
N PRO B 425 -2.69 -29.49 -10.91
CA PRO B 425 -1.75 -29.23 -12.02
C PRO B 425 -2.48 -28.85 -13.30
N GLY B 426 -2.00 -27.80 -13.94
CA GLY B 426 -2.59 -27.32 -15.18
C GLY B 426 -1.52 -27.12 -16.24
N PRO B 427 -1.92 -27.22 -17.52
CA PRO B 427 -1.00 -27.06 -18.65
C PRO B 427 -0.38 -25.65 -18.66
N GLU B 428 -1.23 -24.65 -18.44
CA GLU B 428 -0.89 -23.22 -18.40
C GLU B 428 -0.12 -22.86 -17.12
N GLY B 429 -0.74 -23.17 -15.98
CA GLY B 429 -0.20 -22.95 -14.63
C GLY B 429 -0.88 -23.82 -13.58
N GLU B 430 -0.12 -24.20 -12.55
CA GLU B 430 -0.60 -25.07 -11.46
C GLU B 430 -1.38 -24.29 -10.41
N LEU B 431 -2.51 -24.84 -10.01
CA LEU B 431 -3.40 -24.24 -9.05
C LEU B 431 -3.18 -24.82 -7.64
N ALA B 432 -3.33 -23.99 -6.61
CA ALA B 432 -3.12 -24.42 -5.22
C ALA B 432 -4.30 -23.98 -4.37
N PHE B 433 -4.82 -24.89 -3.55
CA PHE B 433 -6.06 -24.62 -2.84
C PHE B 433 -6.09 -25.14 -1.43
N SER B 434 -6.93 -24.53 -0.60
CA SER B 434 -7.20 -25.09 0.73
C SER B 434 -8.66 -24.89 1.11
N ILE B 435 -9.30 -26.01 1.45
CA ILE B 435 -10.66 -25.99 2.00
C ILE B 435 -10.56 -26.50 3.41
N VAL B 436 -10.98 -25.68 4.39
CA VAL B 436 -11.11 -26.15 5.78
C VAL B 436 -12.49 -25.84 6.27
N ASN B 437 -13.20 -26.88 6.77
CA ASN B 437 -14.56 -26.73 7.24
C ASN B 437 -14.62 -26.99 8.71
N ASN B 438 -15.21 -26.07 9.46
CA ASN B 438 -15.40 -26.30 10.87
C ASN B 438 -16.84 -25.94 11.27
N GLY B 439 -17.37 -26.69 12.24
CA GLY B 439 -18.60 -26.29 12.88
C GLY B 439 -19.86 -26.80 12.18
N HIS B 440 -19.68 -27.47 11.05
CA HIS B 440 -20.78 -28.21 10.40
C HIS B 440 -21.39 -29.20 11.41
N SER B 441 -22.70 -29.45 11.34
CA SER B 441 -23.39 -30.28 12.36
C SER B 441 -23.50 -31.79 12.08
N GLY B 442 -23.53 -32.15 10.79
CA GLY B 442 -23.70 -33.57 10.41
C GLY B 442 -22.45 -34.27 9.88
N PRO B 443 -22.65 -35.17 8.88
CA PRO B 443 -21.52 -35.89 8.26
C PRO B 443 -20.63 -34.89 7.55
N ALA B 444 -19.34 -35.22 7.39
CA ALA B 444 -18.39 -34.32 6.71
C ALA B 444 -18.85 -33.99 5.31
N PRO B 445 -18.69 -32.71 4.91
CA PRO B 445 -19.12 -32.21 3.61
C PRO B 445 -18.19 -32.64 2.49
N LEU B 446 -17.88 -33.93 2.45
CA LEU B 446 -16.91 -34.48 1.49
C LEU B 446 -17.26 -34.15 0.07
N ALA B 447 -18.52 -34.37 -0.32
CA ALA B 447 -18.95 -34.12 -1.70
C ALA B 447 -18.90 -32.63 -2.10
N VAL B 448 -18.93 -31.76 -1.10
CA VAL B 448 -18.78 -30.33 -1.36
C VAL B 448 -17.32 -30.03 -1.70
N GLN B 449 -16.42 -30.53 -0.87
CA GLN B 449 -15.00 -30.41 -1.16
C GLN B 449 -14.73 -30.91 -2.57
N ASP B 450 -15.32 -32.04 -2.92
CA ASP B 450 -15.16 -32.60 -4.24
C ASP B 450 -15.67 -31.65 -5.33
N ALA B 451 -16.85 -31.08 -5.10
CA ALA B 451 -17.49 -30.16 -6.07
C ALA B 451 -16.62 -28.93 -6.34
N ILE B 452 -15.89 -28.49 -5.33
CA ILE B 452 -15.03 -27.34 -5.48
C ILE B 452 -13.76 -27.71 -6.27
N ALA B 453 -13.26 -28.92 -6.03
CA ALA B 453 -12.02 -29.34 -6.66
C ALA B 453 -12.28 -29.61 -8.12
N VAL B 454 -13.42 -30.24 -8.41
CA VAL B 454 -13.82 -30.52 -9.77
C VAL B 454 -13.83 -29.20 -10.54
N ARG B 455 -14.42 -28.18 -9.91
CA ARG B 455 -14.57 -26.88 -10.54
C ARG B 455 -13.19 -26.31 -10.75
N LEU B 456 -12.33 -26.41 -9.75
CA LEU B 456 -10.93 -26.01 -9.91
C LEU B 456 -10.21 -26.81 -10.99
N ALA B 457 -10.57 -28.08 -11.12
CA ALA B 457 -10.05 -28.93 -12.18
C ALA B 457 -10.47 -28.39 -13.56
N GLU B 458 -11.77 -28.26 -13.78
CA GLU B 458 -12.30 -27.74 -15.03
C GLU B 458 -11.61 -26.45 -15.47
N TYR B 459 -11.54 -25.47 -14.57
CA TYR B 459 -10.84 -24.18 -14.77
C TYR B 459 -9.42 -24.34 -15.32
N ALA B 460 -8.81 -25.50 -15.06
CA ALA B 460 -7.42 -25.76 -15.46
C ALA B 460 -7.34 -26.52 -16.78
N GLY B 461 -8.47 -26.60 -17.48
CA GLY B 461 -8.51 -27.18 -18.82
C GLY B 461 -8.62 -28.69 -18.82
N HIS B 462 -9.27 -29.24 -17.78
CA HIS B 462 -9.45 -30.69 -17.62
C HIS B 462 -10.92 -31.13 -17.82
N GLN B 463 -11.12 -32.38 -18.17
CA GLN B 463 -12.47 -32.93 -18.37
C GLN B 463 -12.51 -34.37 -17.92
N ALA B 464 -13.71 -34.95 -17.85
CA ALA B 464 -13.90 -36.35 -17.43
C ALA B 464 -13.42 -37.40 -18.45
N PRO B 465 -12.63 -38.41 -17.99
CA PRO B 465 -12.08 -39.47 -18.85
C PRO B 465 -13.10 -40.24 -19.75
N GLU B 466 -12.70 -40.92 -20.70
N ARG C 1 -26.82 55.72 -48.80
CA ARG C 1 -25.56 55.31 -48.13
C ARG C 1 -25.73 55.19 -46.60
N LEU C 2 -25.59 56.32 -45.91
CA LEU C 2 -25.46 56.36 -44.46
C LEU C 2 -26.72 56.86 -43.74
N THR C 3 -27.27 58.00 -44.14
CA THR C 3 -28.54 58.43 -43.54
C THR C 3 -29.64 57.37 -43.77
N GLU C 4 -29.31 56.39 -44.61
CA GLU C 4 -30.17 55.25 -44.99
C GLU C 4 -30.08 54.10 -43.99
N LEU C 5 -28.90 53.88 -43.44
CA LEU C 5 -28.66 52.93 -42.37
C LEU C 5 -29.18 53.47 -41.03
N ARG C 6 -29.11 54.78 -40.86
CA ARG C 6 -29.59 55.44 -39.66
C ARG C 6 -31.11 55.34 -39.50
N GLU C 7 -31.83 55.61 -40.57
CA GLU C 7 -33.27 55.46 -40.56
C GLU C 7 -33.62 54.01 -40.22
N ASP C 8 -32.90 53.11 -40.86
CA ASP C 8 -33.05 51.69 -40.66
C ASP C 8 -32.79 51.27 -39.19
N ILE C 9 -31.80 51.89 -38.54
CA ILE C 9 -31.61 51.67 -37.09
C ILE C 9 -32.67 52.40 -36.24
N ASP C 10 -32.90 53.70 -36.46
CA ASP C 10 -33.95 54.44 -35.73
C ASP C 10 -35.22 53.60 -35.63
N ALA C 11 -35.50 52.90 -36.72
CA ALA C 11 -36.75 52.18 -36.92
C ALA C 11 -36.80 50.92 -36.08
N ILE C 12 -35.82 50.03 -36.28
CA ILE C 12 -35.60 48.86 -35.43
C ILE C 12 -35.73 49.21 -33.94
N LEU C 13 -35.26 50.41 -33.57
CA LEU C 13 -35.38 50.90 -32.20
C LEU C 13 -36.79 51.28 -31.79
N GLU C 14 -37.66 51.57 -32.74
CA GLU C 14 -39.08 51.72 -32.41
C GLU C 14 -39.70 50.32 -32.30
N ASP C 15 -39.41 49.66 -31.21
CA ASP C 15 -39.86 48.31 -31.08
C ASP C 15 -40.58 48.24 -29.75
N PRO C 16 -41.75 47.60 -29.76
CA PRO C 16 -42.53 47.36 -28.56
C PRO C 16 -41.66 46.88 -27.40
N ALA C 17 -40.61 46.11 -27.70
CA ALA C 17 -39.85 45.50 -26.61
C ALA C 17 -39.03 46.54 -25.87
N LEU C 18 -38.82 47.71 -26.50
CA LEU C 18 -38.00 48.78 -25.89
C LEU C 18 -38.85 49.96 -25.42
N GLU C 19 -40.16 49.73 -25.44
CA GLU C 19 -41.16 50.57 -24.80
C GLU C 19 -40.56 51.03 -23.48
N GLY C 20 -40.42 52.35 -23.31
CA GLY C 20 -40.13 52.92 -22.00
C GLY C 20 -38.75 52.67 -21.45
N ALA C 21 -37.81 52.42 -22.35
CA ALA C 21 -36.48 51.94 -21.97
C ALA C 21 -35.43 52.86 -22.54
N VAL C 22 -34.17 52.66 -22.17
CA VAL C 22 -32.99 53.43 -22.67
C VAL C 22 -32.04 52.54 -23.44
N SER C 23 -31.63 52.99 -24.60
CA SER C 23 -30.73 52.18 -25.41
C SER C 23 -29.51 52.96 -25.87
N GLY C 24 -28.33 52.56 -25.38
CA GLY C 24 -27.08 53.09 -25.88
C GLY C 24 -26.67 52.32 -27.10
N VAL C 25 -26.56 53.01 -28.24
CA VAL C 25 -26.25 52.36 -29.51
C VAL C 25 -25.19 53.11 -30.28
N VAL C 26 -24.03 52.48 -30.48
CA VAL C 26 -22.92 53.11 -31.22
C VAL C 26 -22.30 52.22 -32.28
N VAL C 27 -22.34 52.67 -33.51
CA VAL C 27 -21.68 51.97 -34.61
C VAL C 27 -20.55 52.81 -35.20
N VAL C 28 -19.34 52.27 -35.13
CA VAL C 28 -18.14 52.91 -35.68
C VAL C 28 -17.57 52.07 -36.83
N ASP C 29 -17.18 52.74 -37.93
CA ASP C 29 -16.36 52.09 -38.96
C ASP C 29 -14.94 52.14 -38.40
N THR C 30 -14.34 50.97 -38.17
CA THR C 30 -13.06 50.93 -37.47
C THR C 30 -11.87 51.23 -38.38
N ALA C 31 -12.13 51.26 -39.69
CA ALA C 31 -11.14 51.64 -40.69
C ALA C 31 -11.04 53.17 -40.85
N THR C 32 -12.17 53.85 -40.91
CA THR C 32 -12.18 55.33 -41.04
C THR C 32 -12.28 56.07 -39.71
N GLY C 33 -12.93 55.46 -38.71
CA GLY C 33 -13.28 56.16 -37.49
C GLY C 33 -14.62 56.89 -37.58
N GLU C 34 -15.23 56.90 -38.77
CA GLU C 34 -16.59 57.41 -38.97
C GLU C 34 -17.60 56.74 -38.01
N GLU C 35 -18.36 57.56 -37.28
CA GLU C 35 -19.50 57.08 -36.49
C GLU C 35 -20.70 56.90 -37.39
N LEU C 36 -20.98 55.66 -37.76
CA LEU C 36 -22.15 55.34 -38.60
C LEU C 36 -23.45 55.57 -37.85
N TYR C 37 -23.40 55.40 -36.53
CA TYR C 37 -24.55 55.59 -35.68
C TYR C 37 -24.13 55.88 -34.25
N SER C 38 -24.78 56.86 -33.63
CA SER C 38 -24.69 57.11 -32.18
C SER C 38 -26.00 57.66 -31.63
N ARG C 39 -26.49 57.03 -30.56
CA ARG C 39 -27.66 57.48 -29.83
C ARG C 39 -27.45 57.12 -28.36
N ASP C 40 -27.59 58.11 -27.48
CA ASP C 40 -27.33 57.91 -26.06
C ASP C 40 -26.03 57.13 -25.86
N GLY C 41 -25.06 57.42 -26.71
CA GLY C 41 -23.76 56.76 -26.62
C GLY C 41 -23.03 57.16 -25.35
N GLY C 42 -23.43 58.29 -24.79
CA GLY C 42 -22.75 58.86 -23.64
C GLY C 42 -23.39 58.50 -22.32
N GLU C 43 -24.49 57.76 -22.33
CA GLU C 43 -25.28 57.52 -21.12
C GLU C 43 -24.76 56.34 -20.31
N GLN C 44 -24.68 56.52 -19.00
CA GLN C 44 -24.30 55.39 -18.12
C GLN C 44 -25.42 54.33 -17.98
N LEU C 45 -25.03 53.07 -18.08
CA LEU C 45 -25.93 51.92 -18.20
C LEU C 45 -25.22 50.69 -17.61
N LEU C 46 -26.00 49.77 -17.05
CA LEU C 46 -25.48 48.47 -16.59
C LEU C 46 -25.03 47.68 -17.82
N PRO C 47 -23.82 47.13 -17.82
CA PRO C 47 -23.39 46.34 -18.96
C PRO C 47 -23.81 44.87 -18.93
N ALA C 48 -24.23 44.35 -17.78
CA ALA C 48 -24.32 42.89 -17.59
C ALA C 48 -23.03 42.20 -18.03
N SER C 49 -23.18 41.06 -18.69
CA SER C 49 -22.06 40.21 -19.02
C SER C 49 -21.06 40.91 -19.95
N ASN C 50 -21.46 42.07 -20.47
CA ASN C 50 -20.56 42.79 -21.39
C ASN C 50 -19.33 43.30 -20.65
N MET C 51 -19.41 43.37 -19.32
CA MET C 51 -18.29 43.80 -18.51
C MET C 51 -17.11 42.89 -18.75
N LYS C 52 -17.40 41.66 -19.15
CA LYS C 52 -16.35 40.68 -19.46
C LYS C 52 -15.46 41.18 -20.57
N LEU C 53 -15.98 42.05 -21.46
CA LEU C 53 -15.20 42.59 -22.58
C LEU C 53 -14.05 43.44 -22.03
N PHE C 54 -14.35 44.33 -21.10
CA PHE C 54 -13.32 45.04 -20.39
C PHE C 54 -12.38 44.07 -19.66
N THR C 55 -12.90 43.25 -18.75
CA THR C 55 -12.06 42.38 -17.93
C THR C 55 -11.07 41.58 -18.78
N ALA C 56 -11.55 41.08 -19.92
CA ALA C 56 -10.74 40.28 -20.81
C ALA C 56 -9.58 41.09 -21.32
N ALA C 57 -9.86 42.29 -21.81
CA ALA C 57 -8.81 43.15 -22.31
C ALA C 57 -7.73 43.41 -21.25
N ALA C 58 -8.08 44.03 -20.13
CA ALA C 58 -7.12 44.21 -19.03
C ALA C 58 -6.19 42.97 -18.90
N ALA C 59 -6.78 41.78 -18.73
CA ALA C 59 -6.02 40.56 -18.51
C ALA C 59 -4.99 40.23 -19.58
N LEU C 60 -5.30 40.49 -20.85
CA LEU C 60 -4.33 40.25 -21.90
C LEU C 60 -3.21 41.29 -21.87
N GLU C 61 -3.56 42.49 -21.41
CA GLU C 61 -2.60 43.55 -21.18
C GLU C 61 -1.75 43.28 -19.97
N VAL C 62 -2.39 43.16 -18.79
CA VAL C 62 -1.63 43.00 -17.57
C VAL C 62 -0.98 41.63 -17.50
N LEU C 63 -1.63 40.60 -18.01
CA LEU C 63 -1.05 39.26 -17.92
C LEU C 63 -0.37 38.73 -19.20
N GLY C 64 -0.78 39.21 -20.37
CA GLY C 64 -0.24 38.74 -21.65
C GLY C 64 -0.85 37.45 -22.16
N ALA C 65 -1.08 37.41 -23.48
CA ALA C 65 -1.72 36.30 -24.16
C ALA C 65 -1.12 34.94 -23.81
N ASP C 66 0.11 34.93 -23.33
CA ASP C 66 0.75 33.66 -23.08
C ASP C 66 0.96 33.37 -21.59
N HIS C 67 0.25 34.09 -20.73
CA HIS C 67 0.38 33.86 -19.31
C HIS C 67 -0.32 32.57 -18.94
N SER C 68 0.27 31.80 -18.04
CA SER C 68 -0.40 30.62 -17.48
C SER C 68 -0.33 30.59 -15.96
N PHE C 69 -1.09 29.67 -15.37
CA PHE C 69 -1.36 29.61 -13.93
C PHE C 69 -0.88 28.28 -13.35
N GLY C 70 -0.36 28.34 -12.13
CA GLY C 70 0.27 27.17 -11.52
C GLY C 70 -0.53 26.61 -10.36
N THR C 71 -0.30 25.35 -10.03
CA THR C 71 -0.83 24.72 -8.84
C THR C 71 0.33 23.86 -8.42
N GLU C 72 0.47 23.60 -7.12
CA GLU C 72 1.62 22.85 -6.58
C GLU C 72 1.19 22.14 -5.35
N VAL C 73 1.82 20.99 -5.11
CA VAL C 73 1.72 20.32 -3.81
C VAL C 73 3.07 20.47 -3.08
N ALA C 74 3.06 20.68 -1.76
CA ALA C 74 4.31 20.92 -1.04
C ALA C 74 4.34 20.37 0.38
N ALA C 75 5.52 19.92 0.81
CA ALA C 75 5.75 19.48 2.19
C ALA C 75 7.09 20.01 2.75
N GLU C 76 7.33 19.86 4.05
CA GLU C 76 8.53 20.40 4.71
C GLU C 76 9.83 20.00 3.99
N SER C 77 9.92 18.73 3.64
CA SER C 77 11.08 18.18 2.98
C SER C 77 10.58 16.93 2.28
N ALA C 78 11.36 16.42 1.33
CA ALA C 78 11.03 15.15 0.64
C ALA C 78 10.71 14.03 1.63
N PRO C 79 9.93 13.01 1.23
CA PRO C 79 9.53 11.97 2.19
C PRO C 79 10.72 11.24 2.83
N GLY C 80 10.68 11.11 4.17
CA GLY C 80 11.68 10.38 4.97
C GLY C 80 11.79 8.92 4.56
N ARG C 81 12.78 8.22 5.10
CA ARG C 81 13.08 6.82 4.70
C ARG C 81 11.84 5.94 4.46
N ARG C 82 10.81 6.11 5.31
CA ARG C 82 9.58 5.32 5.26
C ARG C 82 8.50 5.88 4.30
N GLY C 83 8.87 6.88 3.51
CA GLY C 83 7.92 7.58 2.66
C GLY C 83 6.84 8.30 3.44
N GLU C 84 7.22 8.76 4.64
CA GLU C 84 6.30 9.55 5.45
C GLU C 84 6.60 11.03 5.33
N VAL C 85 5.51 11.79 5.38
CA VAL C 85 5.53 13.23 5.26
C VAL C 85 4.56 13.71 6.30
N GLN C 86 4.81 14.87 6.88
CA GLN C 86 3.96 15.38 7.96
C GLN C 86 2.68 16.07 7.43
N ASP C 87 2.72 17.39 7.28
CA ASP C 87 1.61 18.13 6.72
C ASP C 87 1.81 18.33 5.25
N LEU C 88 0.71 18.18 4.49
CA LEU C 88 0.73 18.35 3.03
C LEU C 88 -0.16 19.52 2.54
N TYR C 89 0.35 20.27 1.55
CA TYR C 89 -0.33 21.46 1.08
C TYR C 89 -0.68 21.43 -0.42
N LEU C 90 -1.97 21.52 -0.71
CA LEU C 90 -2.44 21.84 -2.06
C LEU C 90 -2.50 23.36 -2.23
N VAL C 91 -1.60 23.86 -3.09
CA VAL C 91 -1.42 25.28 -3.21
C VAL C 91 -1.88 25.73 -4.58
N GLY C 92 -2.89 26.58 -4.58
CA GLY C 92 -3.48 27.04 -5.82
C GLY C 92 -3.11 28.47 -6.06
N ARG C 93 -2.82 28.81 -7.31
CA ARG C 93 -2.50 30.17 -7.63
C ARG C 93 -3.31 30.73 -8.79
N GLY C 94 -4.63 30.56 -8.73
CA GLY C 94 -5.56 31.24 -9.61
C GLY C 94 -5.83 30.57 -10.94
N ASP C 95 -5.59 29.26 -11.01
CA ASP C 95 -5.88 28.50 -12.22
C ASP C 95 -7.36 28.30 -12.35
N PRO C 96 -7.97 28.85 -13.42
CA PRO C 96 -9.40 28.70 -13.50
C PRO C 96 -9.83 27.40 -14.17
N THR C 97 -8.87 26.58 -14.58
CA THR C 97 -9.14 25.41 -15.38
C THR C 97 -8.61 24.15 -14.74
N LEU C 98 -8.53 24.14 -13.43
CA LEU C 98 -8.00 23.00 -12.70
C LEU C 98 -9.02 21.89 -12.59
N SER C 99 -8.75 20.74 -13.21
CA SER C 99 -9.73 19.64 -13.19
C SER C 99 -9.38 18.53 -12.21
N ALA C 100 -10.36 17.70 -11.87
CA ALA C 100 -10.17 16.52 -11.05
C ALA C 100 -9.04 15.65 -11.63
N GLU C 101 -9.08 15.44 -12.95
CA GLU C 101 -8.01 14.70 -13.66
C GLU C 101 -6.66 15.36 -13.40
N ASP C 102 -6.62 16.68 -13.38
CA ASP C 102 -5.38 17.36 -13.01
C ASP C 102 -4.99 17.02 -11.58
N LEU C 103 -5.99 16.80 -10.74
CA LEU C 103 -5.70 16.51 -9.33
C LEU C 103 -5.12 15.10 -9.20
N ASP C 104 -5.75 14.18 -9.96
CA ASP C 104 -5.32 12.79 -10.03
C ASP C 104 -3.91 12.72 -10.58
N ALA C 105 -3.58 13.62 -11.52
CA ALA C 105 -2.24 13.69 -12.12
C ALA C 105 -1.23 14.10 -11.05
N MET C 106 -1.67 14.95 -10.13
CA MET C 106 -0.77 15.49 -9.13
C MET C 106 -0.65 14.55 -7.96
N ALA C 107 -1.63 13.66 -7.81
CA ALA C 107 -1.63 12.62 -6.78
C ALA C 107 -0.63 11.56 -7.20
N ALA C 108 -0.68 11.20 -8.48
CA ALA C 108 0.30 10.32 -9.06
C ALA C 108 1.73 10.84 -8.86
N GLU C 109 1.94 12.15 -8.95
CA GLU C 109 3.30 12.69 -8.83
C GLU C 109 3.82 12.56 -7.41
N VAL C 110 2.92 12.73 -6.45
CA VAL C 110 3.27 12.64 -5.03
C VAL C 110 3.66 11.22 -4.58
N ALA C 111 2.85 10.24 -4.98
CA ALA C 111 3.22 8.85 -4.81
C ALA C 111 4.54 8.53 -5.54
N ALA C 112 4.66 8.99 -6.78
CA ALA C 112 5.89 8.80 -7.56
C ALA C 112 7.15 9.35 -6.88
N SER C 113 7.05 10.47 -6.18
CA SER C 113 8.19 11.02 -5.47
C SER C 113 8.47 10.27 -4.15
N GLY C 114 7.66 9.26 -3.83
CA GLY C 114 7.97 8.33 -2.75
C GLY C 114 7.07 8.33 -1.52
N VAL C 115 6.03 9.14 -1.53
CA VAL C 115 5.12 9.26 -0.40
C VAL C 115 4.15 8.06 -0.27
N ARG C 116 4.17 7.41 0.90
CA ARG C 116 3.21 6.33 1.25
C ARG C 116 2.15 6.78 2.22
N THR C 117 2.49 7.79 3.04
CA THR C 117 1.60 8.31 4.07
C THR C 117 1.79 9.82 4.26
N VAL C 118 0.68 10.55 4.33
CA VAL C 118 0.63 11.88 4.96
C VAL C 118 0.22 11.67 6.41
N ARG C 119 1.18 11.93 7.29
CA ARG C 119 1.02 11.66 8.69
C ARG C 119 0.27 12.79 9.40
N GLY C 120 0.45 14.02 8.92
CA GLY C 120 -0.21 15.20 9.48
C GLY C 120 -1.53 15.49 8.79
N ASP C 121 -1.71 16.70 8.29
CA ASP C 121 -3.00 17.01 7.68
C ASP C 121 -2.78 17.41 6.25
N LEU C 122 -3.88 17.53 5.53
CA LEU C 122 -3.86 18.02 4.17
C LEU C 122 -4.51 19.39 4.16
N TYR C 123 -3.81 20.35 3.59
CA TYR C 123 -4.28 21.74 3.62
C TYR C 123 -4.62 22.32 2.25
N ALA C 124 -5.71 23.08 2.20
CA ALA C 124 -6.02 23.84 1.00
C ALA C 124 -5.52 25.24 1.16
N ASP C 125 -4.54 25.61 0.34
CA ASP C 125 -3.92 26.93 0.40
C ASP C 125 -4.37 27.83 -0.76
N ASP C 126 -5.40 28.62 -0.50
CA ASP C 126 -5.85 29.55 -1.53
C ASP C 126 -5.49 30.99 -1.18
N THR C 127 -4.64 31.14 -0.17
CA THR C 127 -4.09 32.45 0.25
C THR C 127 -3.48 33.29 -0.90
N TRP C 128 -3.23 32.71 -2.06
CA TRP C 128 -2.83 33.53 -3.20
C TRP C 128 -3.91 34.60 -3.46
N PHE C 129 -5.16 34.32 -3.08
CA PHE C 129 -6.24 35.31 -3.20
C PHE C 129 -6.88 35.59 -1.85
N ASP C 130 -7.54 36.77 -1.74
CA ASP C 130 -8.63 37.09 -0.79
C ASP C 130 -9.43 35.88 -0.34
N SER C 131 -9.86 35.87 0.92
CA SER C 131 -10.95 34.96 1.23
C SER C 131 -12.35 35.62 1.10
N GLU C 132 -12.45 36.66 0.24
CA GLU C 132 -13.72 37.34 -0.10
C GLU C 132 -14.34 36.64 -1.32
N ARG C 133 -15.33 35.81 -1.05
CA ARG C 133 -15.84 34.83 -2.00
C ARG C 133 -16.83 35.45 -2.99
N LEU C 134 -17.56 36.46 -2.50
CA LEU C 134 -18.65 37.06 -3.25
C LEU C 134 -18.62 38.56 -3.18
N VAL C 135 -19.05 39.18 -4.27
CA VAL C 135 -19.15 40.61 -4.34
C VAL C 135 -20.30 41.08 -3.42
N ASP C 136 -19.98 42.05 -2.58
CA ASP C 136 -20.88 42.62 -1.60
C ASP C 136 -22.32 42.70 -2.11
N ASP C 137 -22.50 43.12 -3.37
CA ASP C 137 -23.83 43.40 -3.90
C ASP C 137 -24.45 42.32 -4.81
N TRP C 138 -23.80 41.14 -4.86
CA TRP C 138 -24.41 39.99 -5.52
C TRP C 138 -25.61 39.47 -4.71
N TRP C 139 -26.61 38.92 -5.37
CA TRP C 139 -27.75 38.52 -4.62
C TRP C 139 -27.54 37.18 -3.96
N PRO C 140 -27.69 37.10 -2.63
CA PRO C 140 -27.67 35.77 -1.96
C PRO C 140 -28.57 34.72 -2.67
N GLU C 141 -29.66 35.17 -3.30
CA GLU C 141 -30.57 34.27 -3.99
C GLU C 141 -29.89 33.51 -5.15
N ASP C 142 -28.83 34.08 -5.72
CA ASP C 142 -28.11 33.52 -6.87
C ASP C 142 -27.03 32.51 -6.43
N GLU C 143 -26.84 32.36 -5.13
CA GLU C 143 -25.62 31.71 -4.69
C GLU C 143 -25.56 30.20 -5.02
N PRO C 144 -26.74 29.56 -5.16
CA PRO C 144 -26.69 28.14 -5.49
C PRO C 144 -26.23 27.88 -6.90
N TYR C 145 -26.42 28.84 -7.79
CA TYR C 145 -26.16 28.59 -9.22
C TYR C 145 -24.71 28.79 -9.69
N ALA C 146 -24.33 28.03 -10.74
CA ALA C 146 -22.98 28.06 -11.28
C ALA C 146 -22.45 29.46 -11.57
N TYR C 147 -23.29 30.32 -12.16
CA TYR C 147 -22.87 31.69 -12.52
C TYR C 147 -22.45 32.53 -11.29
N SER C 148 -22.74 32.03 -10.08
CA SER C 148 -22.38 32.74 -8.86
C SER C 148 -21.44 31.95 -7.95
N ALA C 149 -20.65 31.07 -8.55
CA ALA C 149 -19.78 30.26 -7.74
C ALA C 149 -18.91 31.20 -6.96
N GLN C 150 -18.64 30.84 -5.70
CA GLN C 150 -17.69 31.51 -4.84
C GLN C 150 -16.31 31.54 -5.50
N ILE C 151 -15.59 32.64 -5.30
CA ILE C 151 -14.26 32.87 -5.88
C ILE C 151 -13.11 32.49 -4.98
N SER C 152 -12.23 31.66 -5.49
CA SER C 152 -11.04 31.24 -4.75
C SER C 152 -9.84 31.15 -5.67
N ALA C 153 -8.65 31.04 -5.07
CA ALA C 153 -7.46 30.85 -5.87
C ALA C 153 -7.23 29.40 -6.10
N LEU C 154 -7.89 28.56 -5.30
CA LEU C 154 -7.82 27.10 -5.48
C LEU C 154 -9.25 26.62 -5.70
N THR C 155 -9.55 26.34 -6.97
CA THR C 155 -10.89 25.96 -7.33
C THR C 155 -10.91 24.88 -8.41
N VAL C 156 -11.87 23.94 -8.32
CA VAL C 156 -11.86 22.81 -9.25
C VAL C 156 -12.82 23.13 -10.38
N ALA C 157 -12.32 23.20 -11.60
CA ALA C 157 -13.16 23.55 -12.73
C ALA C 157 -13.82 22.29 -13.27
N HIS C 158 -15.14 22.26 -13.27
CA HIS C 158 -15.88 21.14 -13.86
C HIS C 158 -15.97 21.26 -15.38
N GLY C 159 -15.74 20.14 -16.07
CA GLY C 159 -16.02 20.01 -17.51
C GLY C 159 -15.06 20.71 -18.48
N GLU C 160 -15.39 20.64 -19.76
CA GLU C 160 -14.60 21.29 -20.79
C GLU C 160 -14.96 22.77 -20.96
N ARG C 161 -15.94 23.25 -20.19
CA ARG C 161 -16.27 24.66 -20.15
C ARG C 161 -15.65 25.31 -18.91
N PHE C 162 -15.06 24.45 -18.10
CA PHE C 162 -14.33 24.86 -16.89
C PHE C 162 -15.20 25.69 -15.93
N ASP C 163 -16.35 25.12 -15.52
CA ASP C 163 -17.22 25.78 -14.57
C ASP C 163 -16.62 25.58 -13.20
N THR C 164 -16.27 26.68 -12.56
CA THR C 164 -15.58 26.58 -11.28
C THR C 164 -16.50 26.49 -10.06
N GLY C 165 -15.96 25.91 -8.98
CA GLY C 165 -16.55 25.96 -7.63
C GLY C 165 -17.95 25.36 -7.58
N VAL C 166 -18.17 24.36 -8.43
CA VAL C 166 -19.45 23.69 -8.53
C VAL C 166 -19.27 22.16 -8.50
N THR C 167 -20.38 21.47 -8.28
CA THR C 167 -20.41 20.02 -8.25
C THR C 167 -21.64 19.66 -9.08
N GLU C 168 -21.62 18.45 -9.61
CA GLU C 168 -22.68 18.00 -10.51
C GLU C 168 -23.60 17.09 -9.73
N VAL C 169 -24.75 17.63 -9.38
CA VAL C 169 -25.76 16.88 -8.70
C VAL C 169 -26.50 16.11 -9.75
N SER C 170 -26.77 14.85 -9.45
CA SER C 170 -27.67 14.14 -10.34
C SER C 170 -28.75 13.40 -9.59
N VAL C 171 -29.94 13.51 -10.13
CA VAL C 171 -31.10 13.01 -9.45
C VAL C 171 -31.82 12.07 -10.38
N THR C 172 -32.07 10.85 -9.92
CA THR C 172 -32.72 9.88 -10.77
C THR C 172 -33.91 9.27 -10.04
N PRO C 173 -34.92 8.82 -10.78
CA PRO C 173 -36.10 8.34 -10.08
C PRO C 173 -35.84 6.98 -9.52
N ALA C 174 -36.55 6.64 -8.44
CA ALA C 174 -36.57 5.26 -7.96
C ALA C 174 -37.99 4.72 -8.22
N ALA C 175 -38.62 4.10 -7.24
CA ALA C 175 -39.98 3.61 -7.45
C ALA C 175 -40.99 4.69 -7.09
N GLU C 176 -42.14 4.63 -7.75
CA GLU C 176 -43.20 5.57 -7.48
C GLU C 176 -43.40 5.67 -5.98
N GLY C 177 -43.43 6.90 -5.50
CA GLY C 177 -43.69 7.16 -4.09
C GLY C 177 -42.49 7.04 -3.17
N GLU C 178 -41.40 6.44 -3.66
CA GLU C 178 -40.17 6.32 -2.88
C GLU C 178 -39.30 7.54 -3.15
N PRO C 179 -38.42 7.93 -2.21
CA PRO C 179 -37.58 9.10 -2.49
C PRO C 179 -36.78 8.94 -3.79
N ALA C 180 -36.37 10.07 -4.36
CA ALA C 180 -35.46 10.10 -5.52
C ALA C 180 -34.08 9.64 -5.10
N ASP C 181 -33.25 9.25 -6.06
CA ASP C 181 -31.84 8.99 -5.73
C ASP C 181 -30.95 10.17 -6.06
N VAL C 182 -30.25 10.65 -5.05
CA VAL C 182 -29.35 11.78 -5.27
C VAL C 182 -27.90 11.37 -5.21
N ASP C 183 -27.13 11.78 -6.21
CA ASP C 183 -25.67 11.67 -6.18
C ASP C 183 -25.11 13.08 -6.25
N LEU C 184 -24.35 13.47 -5.21
CA LEU C 184 -23.81 14.82 -5.15
C LEU C 184 -22.59 15.05 -6.02
N GLY C 185 -22.22 14.06 -6.84
CA GLY C 185 -21.03 14.11 -7.69
C GLY C 185 -19.76 14.32 -6.89
N ALA C 186 -18.94 15.28 -7.34
CA ALA C 186 -17.68 15.67 -6.67
C ALA C 186 -17.81 15.96 -5.17
N ALA C 187 -18.94 16.53 -4.76
CA ALA C 187 -19.15 16.88 -3.36
C ALA C 187 -19.66 15.75 -2.47
N GLU C 188 -19.75 14.55 -3.01
CA GLU C 188 -20.16 13.40 -2.19
C GLU C 188 -19.12 13.22 -1.09
N GLY C 189 -19.59 13.19 0.16
CA GLY C 189 -18.69 13.19 1.31
C GLY C 189 -18.13 14.56 1.73
N TYR C 190 -18.38 15.59 0.94
CA TYR C 190 -18.03 16.96 1.32
C TYR C 190 -19.25 17.80 1.72
N ALA C 191 -20.19 17.96 0.79
CA ALA C 191 -21.43 18.71 1.07
C ALA C 191 -22.44 17.85 1.81
N GLU C 192 -23.28 18.47 2.64
CA GLU C 192 -24.33 17.71 3.31
C GLU C 192 -25.59 17.60 2.44
N LEU C 193 -26.24 16.44 2.52
CA LEU C 193 -27.46 16.17 1.73
C LEU C 193 -28.74 16.18 2.56
N ASP C 194 -29.70 17.01 2.13
CA ASP C 194 -31.02 16.91 2.70
C ASP C 194 -31.97 16.56 1.54
N ASN C 195 -32.16 15.26 1.34
CA ASN C 195 -33.00 14.79 0.23
C ASN C 195 -34.42 14.59 0.65
N ARG C 196 -35.25 15.60 0.46
CA ARG C 196 -36.68 15.47 0.74
C ARG C 196 -37.58 15.25 -0.52
N ALA C 197 -36.97 14.80 -1.63
CA ALA C 197 -37.67 14.62 -2.91
C ALA C 197 -38.26 13.22 -3.02
N VAL C 198 -39.40 13.14 -3.70
CA VAL C 198 -40.12 11.90 -3.93
C VAL C 198 -40.04 11.51 -5.41
N THR C 199 -40.20 10.22 -5.70
CA THR C 199 -40.48 9.80 -7.10
C THR C 199 -41.96 9.95 -7.45
N GLY C 200 -42.24 10.59 -8.58
CA GLY C 200 -43.64 10.71 -9.07
C GLY C 200 -44.10 9.55 -9.92
N ALA C 201 -45.38 9.54 -10.28
CA ALA C 201 -45.93 8.54 -11.19
C ALA C 201 -45.49 8.81 -12.62
N ALA C 202 -45.16 7.78 -13.38
CA ALA C 202 -44.86 8.00 -14.78
C ALA C 202 -45.85 9.00 -15.38
N GLY C 203 -45.36 9.94 -16.17
CA GLY C 203 -46.26 10.88 -16.84
C GLY C 203 -46.55 12.18 -16.08
N SER C 204 -46.32 12.17 -14.76
CA SER C 204 -46.66 13.28 -13.88
C SER C 204 -45.72 14.48 -14.04
N ALA C 205 -46.10 15.64 -13.54
CA ALA C 205 -45.25 16.83 -13.70
C ALA C 205 -43.92 16.69 -12.96
N ASN C 206 -42.83 17.24 -13.52
CA ASN C 206 -41.54 17.28 -12.84
C ASN C 206 -41.40 18.56 -12.04
N THR C 207 -41.54 18.48 -10.70
CA THR C 207 -41.46 19.69 -9.87
C THR C 207 -40.19 19.70 -9.03
N LEU C 208 -39.17 19.03 -9.55
CA LEU C 208 -37.95 18.77 -8.80
C LEU C 208 -37.13 20.05 -8.67
N VAL C 209 -36.70 20.32 -7.43
CA VAL C 209 -35.94 21.52 -7.09
C VAL C 209 -34.68 21.11 -6.37
N ILE C 210 -33.57 21.65 -6.87
CA ILE C 210 -32.23 21.39 -6.34
C ILE C 210 -31.58 22.70 -5.87
N ASP C 211 -31.39 22.79 -4.57
CA ASP C 211 -31.04 24.02 -3.97
C ASP C 211 -29.83 23.87 -3.03
N ARG C 212 -29.19 24.98 -2.69
CA ARG C 212 -28.27 25.04 -1.56
C ARG C 212 -28.72 26.24 -0.72
N PRO C 213 -29.37 25.98 0.44
CA PRO C 213 -29.89 27.03 1.30
C PRO C 213 -28.80 28.02 1.64
N VAL C 214 -29.13 29.32 1.67
CA VAL C 214 -28.15 30.36 1.94
C VAL C 214 -27.38 30.12 3.25
N GLY C 215 -26.08 30.34 3.21
CA GLY C 215 -25.23 30.19 4.39
C GLY C 215 -24.81 28.74 4.68
N THR C 216 -25.24 27.80 3.84
CA THR C 216 -25.06 26.38 4.15
C THR C 216 -24.18 25.66 3.17
N ASN C 217 -23.84 24.43 3.49
CA ASN C 217 -23.14 23.60 2.52
C ASN C 217 -23.94 22.32 2.25
N THR C 218 -25.26 22.50 2.29
CA THR C 218 -26.20 21.41 2.09
C THR C 218 -26.86 21.57 0.72
N ILE C 219 -26.94 20.47 0.01
CA ILE C 219 -27.75 20.41 -1.19
C ILE C 219 -29.08 19.84 -0.74
N ALA C 220 -30.11 20.68 -0.72
CA ALA C 220 -31.46 20.27 -0.33
C ALA C 220 -32.34 20.00 -1.56
N VAL C 221 -32.80 18.76 -1.70
CA VAL C 221 -33.56 18.34 -2.89
C VAL C 221 -35.02 18.17 -2.53
N THR C 222 -35.91 18.75 -3.34
CA THR C 222 -37.34 18.75 -3.00
C THR C 222 -38.12 18.53 -4.26
N GLY C 223 -39.40 18.19 -4.07
CA GLY C 223 -40.35 18.08 -5.18
C GLY C 223 -40.41 16.65 -5.68
N SER C 224 -40.93 16.51 -6.90
CA SER C 224 -41.25 15.19 -7.44
C SER C 224 -40.61 15.02 -8.80
N LEU C 225 -40.14 13.80 -9.05
CA LEU C 225 -39.49 13.41 -10.28
C LEU C 225 -40.25 12.22 -10.84
N PRO C 226 -40.69 12.30 -12.10
CA PRO C 226 -41.49 11.19 -12.59
C PRO C 226 -40.70 9.89 -12.66
N ALA C 227 -41.37 8.79 -12.33
CA ALA C 227 -40.76 7.47 -12.31
C ALA C 227 -40.13 7.13 -13.67
N ASP C 228 -40.73 7.64 -14.75
CA ASP C 228 -40.25 7.45 -16.14
C ASP C 228 -39.28 8.53 -16.64
N ALA C 229 -38.89 9.45 -15.76
CA ALA C 229 -38.01 10.56 -16.17
C ALA C 229 -36.58 10.13 -16.51
N ALA C 230 -35.97 10.83 -17.47
CA ALA C 230 -34.53 10.79 -17.60
C ALA C 230 -33.95 11.36 -16.32
N PRO C 231 -32.71 11.00 -16.00
CA PRO C 231 -32.11 11.63 -14.83
C PRO C 231 -32.04 13.16 -14.95
N VAL C 232 -32.14 13.86 -13.83
CA VAL C 232 -31.92 15.28 -13.79
C VAL C 232 -30.51 15.58 -13.32
N THR C 233 -29.86 16.50 -14.00
CA THR C 233 -28.50 16.77 -13.71
C THR C 233 -28.28 18.24 -13.72
N ALA C 234 -27.65 18.74 -12.66
CA ALA C 234 -27.58 20.19 -12.47
C ALA C 234 -26.29 20.55 -11.77
N LEU C 235 -25.66 21.63 -12.23
CA LEU C 235 -24.51 22.18 -11.54
C LEU C 235 -24.92 23.03 -10.35
N ARG C 236 -24.42 22.67 -9.17
CA ARG C 236 -24.60 23.51 -8.00
C ARG C 236 -23.29 23.92 -7.29
N THR C 237 -23.22 25.18 -6.86
CA THR C 237 -22.08 25.64 -6.10
C THR C 237 -21.94 24.99 -4.71
N VAL C 238 -20.73 25.02 -4.21
CA VAL C 238 -20.41 24.55 -2.87
C VAL C 238 -19.79 25.69 -2.08
N ASP C 239 -19.75 25.53 -0.77
CA ASP C 239 -19.08 26.51 0.14
C ASP C 239 -17.58 26.20 0.24
N GLU C 240 -16.74 27.21 0.01
CA GLU C 240 -15.26 27.05 -0.08
C GLU C 240 -14.82 26.06 -1.18
N PRO C 241 -14.64 26.58 -2.39
CA PRO C 241 -14.11 25.70 -3.41
C PRO C 241 -12.79 25.08 -2.95
N ALA C 242 -11.89 25.91 -2.40
CA ALA C 242 -10.61 25.44 -1.90
C ALA C 242 -10.78 24.16 -1.09
N ALA C 243 -11.76 24.16 -0.19
CA ALA C 243 -12.02 22.99 0.65
C ALA C 243 -12.52 21.75 -0.12
N LEU C 244 -13.28 21.98 -1.19
CA LEU C 244 -13.69 20.89 -2.07
C LEU C 244 -12.48 20.33 -2.84
N ALA C 245 -11.60 21.26 -3.27
CA ALA C 245 -10.40 20.87 -3.98
C ALA C 245 -9.58 20.00 -3.04
N GLY C 246 -9.52 20.42 -1.78
CA GLY C 246 -8.88 19.64 -0.75
C GLY C 246 -9.51 18.30 -0.65
N HIS C 247 -10.85 18.28 -0.59
CA HIS C 247 -11.58 17.03 -0.47
C HIS C 247 -11.19 16.09 -1.59
N LEU C 248 -11.17 16.57 -2.82
CA LEU C 248 -10.98 15.68 -3.97
C LEU C 248 -9.57 15.17 -4.04
N PHE C 249 -8.66 16.04 -3.63
CA PHE C 249 -7.26 15.75 -3.74
C PHE C 249 -6.91 14.67 -2.78
N GLU C 250 -7.56 14.72 -1.63
CA GLU C 250 -7.38 13.71 -0.63
C GLU C 250 -7.79 12.36 -1.16
N GLU C 251 -8.93 12.31 -1.84
CA GLU C 251 -9.43 11.07 -2.46
C GLU C 251 -8.57 10.59 -3.63
N ALA C 252 -7.91 11.54 -4.31
CA ALA C 252 -7.01 11.27 -5.41
C ALA C 252 -5.76 10.62 -4.88
N LEU C 253 -5.33 11.10 -3.72
CA LEU C 253 -4.19 10.52 -3.04
C LEU C 253 -4.46 9.08 -2.66
N GLU C 254 -5.58 8.82 -1.98
CA GLU C 254 -5.82 7.47 -1.48
C GLU C 254 -6.06 6.47 -2.58
N SER C 255 -6.50 6.97 -3.73
CA SER C 255 -6.72 6.17 -4.92
C SER C 255 -5.38 5.90 -5.64
N ASN C 256 -4.43 6.81 -5.46
CA ASN C 256 -3.08 6.62 -5.99
C ASN C 256 -2.07 6.06 -4.98
N GLY C 257 -2.56 5.44 -3.91
CA GLY C 257 -1.69 4.73 -2.95
C GLY C 257 -1.09 5.51 -1.80
N VAL C 258 -1.61 6.70 -1.53
CA VAL C 258 -1.12 7.55 -0.45
C VAL C 258 -2.21 7.68 0.60
N THR C 259 -1.93 7.29 1.83
CA THR C 259 -2.90 7.40 2.90
C THR C 259 -2.72 8.75 3.60
N VAL C 260 -3.80 9.24 4.23
CA VAL C 260 -3.79 10.52 4.92
C VAL C 260 -4.36 10.30 6.30
N LYS C 261 -3.51 10.27 7.31
CA LYS C 261 -3.99 10.03 8.68
C LYS C 261 -4.72 11.25 9.30
N GLY C 262 -4.39 12.45 8.83
CA GLY C 262 -4.90 13.70 9.42
C GLY C 262 -6.28 14.08 8.97
N ASP C 263 -6.54 15.39 8.94
CA ASP C 263 -7.83 15.93 8.52
C ASP C 263 -7.61 16.69 7.25
N VAL C 264 -8.70 17.25 6.72
CA VAL C 264 -8.62 18.16 5.58
C VAL C 264 -9.16 19.52 6.01
N GLY C 265 -8.47 20.57 5.58
CA GLY C 265 -8.90 21.91 5.90
C GLY C 265 -8.22 22.93 5.04
N LEU C 266 -8.57 24.18 5.31
CA LEU C 266 -7.92 25.32 4.71
C LEU C 266 -6.69 25.63 5.52
N GLY C 267 -5.73 26.29 4.88
CA GLY C 267 -4.48 26.70 5.53
C GLY C 267 -3.44 27.16 4.54
N GLY C 268 -2.68 28.20 4.93
CA GLY C 268 -1.60 28.72 4.11
C GLY C 268 -0.28 28.08 4.47
N VAL C 269 0.55 27.82 3.45
CA VAL C 269 1.92 27.31 3.64
C VAL C 269 2.62 28.18 4.68
N PRO C 270 3.11 27.56 5.76
CA PRO C 270 3.85 28.23 6.85
C PRO C 270 5.05 28.98 6.33
N ALA C 271 5.16 30.27 6.67
CA ALA C 271 6.36 31.06 6.35
C ALA C 271 7.51 30.49 7.17
N ASP C 272 7.15 30.05 8.36
CA ASP C 272 7.83 29.04 9.17
C ASP C 272 8.71 28.03 8.41
N TRP C 273 8.20 27.51 7.30
CA TRP C 273 8.93 26.50 6.51
C TRP C 273 10.09 27.12 5.77
N GLN C 274 11.24 26.46 5.81
CA GLN C 274 12.49 27.05 5.36
C GLN C 274 12.80 26.88 3.87
N ASP C 275 12.52 25.68 3.37
CA ASP C 275 12.84 25.31 1.98
C ASP C 275 11.96 24.12 1.63
N ALA C 276 10.77 24.46 1.14
CA ALA C 276 9.69 23.50 0.93
C ALA C 276 9.98 22.55 -0.23
N GLU C 277 9.67 21.29 -0.04
CA GLU C 277 9.77 20.31 -1.13
C GLU C 277 8.52 20.38 -1.99
N VAL C 278 8.70 20.74 -3.27
CA VAL C 278 7.60 20.72 -4.21
C VAL C 278 7.52 19.33 -4.83
N LEU C 279 6.46 18.63 -4.48
CA LEU C 279 6.29 17.22 -4.80
C LEU C 279 5.45 16.98 -6.04
N ALA C 280 4.47 17.84 -6.25
CA ALA C 280 3.67 17.78 -7.46
C ALA C 280 3.39 19.19 -7.94
N ASP C 281 3.08 19.34 -9.22
CA ASP C 281 2.61 20.61 -9.76
C ASP C 281 1.87 20.36 -11.05
N HIS C 282 1.26 21.42 -11.54
CA HIS C 282 0.54 21.41 -12.81
C HIS C 282 0.52 22.82 -13.34
N THR C 283 0.63 22.93 -14.67
CA THR C 283 0.54 24.21 -15.36
C THR C 283 -0.67 24.20 -16.29
N SER C 284 -1.43 25.28 -16.30
CA SER C 284 -2.61 25.33 -17.15
C SER C 284 -2.24 25.66 -18.60
N ALA C 285 -3.23 25.60 -19.47
CA ALA C 285 -3.18 26.25 -20.78
C ALA C 285 -2.84 27.73 -20.63
N GLU C 286 -2.37 28.32 -21.72
CA GLU C 286 -2.05 29.75 -21.75
C GLU C 286 -3.32 30.55 -21.83
N LEU C 287 -3.22 31.84 -21.56
CA LEU C 287 -4.41 32.65 -21.36
C LEU C 287 -5.25 32.72 -22.64
N SER C 288 -4.56 32.90 -23.76
CA SER C 288 -5.20 32.93 -25.07
C SER C 288 -6.10 31.72 -25.38
N GLU C 289 -5.74 30.57 -24.84
CA GLU C 289 -6.52 29.37 -25.05
C GLU C 289 -7.70 29.30 -24.05
N ILE C 290 -7.49 29.83 -22.84
CA ILE C 290 -8.53 29.93 -21.81
C ILE C 290 -9.63 30.96 -22.20
N LEU C 291 -9.27 32.00 -22.96
CA LEU C 291 -10.27 33.00 -23.36
C LEU C 291 -11.48 32.40 -24.07
N VAL C 292 -11.28 31.28 -24.73
CA VAL C 292 -12.33 30.66 -25.54
C VAL C 292 -13.50 30.13 -24.64
N PRO C 293 -13.23 29.14 -23.74
CA PRO C 293 -14.30 28.81 -22.78
C PRO C 293 -14.79 30.04 -22.00
N PHE C 294 -13.90 30.95 -21.64
CA PHE C 294 -14.27 32.18 -20.94
C PHE C 294 -15.26 33.05 -21.70
N MET C 295 -14.90 33.54 -22.86
CA MET C 295 -15.79 34.48 -23.59
C MET C 295 -16.94 33.83 -24.36
N LYS C 296 -16.76 32.60 -24.82
CA LYS C 296 -17.80 31.96 -25.63
C LYS C 296 -19.03 31.63 -24.78
N PHE C 297 -18.79 31.14 -23.58
CA PHE C 297 -19.86 30.60 -22.77
C PHE C 297 -20.10 31.58 -21.64
N SER C 298 -19.23 32.59 -21.58
CA SER C 298 -19.34 33.73 -20.65
C SER C 298 -19.21 33.30 -19.18
N ASN C 299 -18.04 32.78 -18.83
CA ASN C 299 -17.77 32.29 -17.45
C ASN C 299 -17.53 33.42 -16.44
N ASN C 300 -18.41 33.52 -15.44
CA ASN C 300 -18.29 34.55 -14.40
C ASN C 300 -17.12 34.31 -13.46
N GLY C 301 -16.99 33.07 -13.00
CA GLY C 301 -15.80 32.62 -12.26
C GLY C 301 -14.50 33.09 -12.91
N HIS C 302 -14.35 32.83 -14.21
CA HIS C 302 -13.11 33.17 -14.88
C HIS C 302 -12.87 34.64 -14.69
N ALA C 303 -13.89 35.44 -15.03
CA ALA C 303 -13.80 36.92 -14.91
C ALA C 303 -13.23 37.41 -13.58
N GLU C 304 -13.86 36.99 -12.48
CA GLU C 304 -13.47 37.49 -11.15
C GLU C 304 -12.07 36.98 -10.75
N MET C 305 -11.80 35.69 -10.98
CA MET C 305 -10.49 35.12 -10.72
C MET C 305 -9.46 35.89 -11.49
N LEU C 306 -9.76 36.18 -12.74
CA LEU C 306 -8.91 37.03 -13.53
C LEU C 306 -8.66 38.42 -12.92
N VAL C 307 -9.70 39.06 -12.39
CA VAL C 307 -9.51 40.37 -11.76
C VAL C 307 -8.50 40.28 -10.63
N LYS C 308 -8.63 39.27 -9.78
CA LYS C 308 -7.76 39.12 -8.62
C LYS C 308 -6.30 38.82 -9.06
N SER C 309 -6.14 37.93 -10.04
CA SER C 309 -4.84 37.70 -10.70
C SER C 309 -4.21 39.01 -11.20
N ILE C 310 -5.02 39.94 -11.70
CA ILE C 310 -4.57 41.27 -12.10
C ILE C 310 -4.09 42.04 -10.86
N GLY C 311 -4.87 41.99 -9.79
CA GLY C 311 -4.43 42.60 -8.52
C GLY C 311 -3.04 42.11 -8.15
N GLN C 312 -2.88 40.79 -8.08
CA GLN C 312 -1.58 40.14 -7.92
C GLN C 312 -0.51 40.60 -8.90
N GLU C 313 -0.80 40.75 -10.20
CA GLU C 313 0.30 41.11 -11.10
C GLU C 313 0.73 42.56 -10.94
N THR C 314 -0.15 43.37 -10.36
CA THR C 314 -0.02 44.80 -10.37
C THR C 314 0.35 45.32 -9.00
N ALA C 315 0.18 44.48 -7.97
CA ALA C 315 0.17 45.04 -6.62
C ALA C 315 0.31 44.10 -5.44
N GLY C 316 0.44 42.80 -5.67
CA GLY C 316 0.74 41.86 -4.57
C GLY C 316 -0.45 41.60 -3.68
N ALA C 317 -1.62 41.72 -4.31
CA ALA C 317 -2.87 41.80 -3.60
C ALA C 317 -3.92 41.16 -4.48
N GLY C 318 -4.22 39.88 -4.21
CA GLY C 318 -5.23 39.13 -4.96
C GLY C 318 -6.62 39.45 -4.47
N THR C 319 -7.08 40.66 -4.75
CA THR C 319 -8.31 41.23 -4.19
C THR C 319 -9.06 42.05 -5.25
N TRP C 320 -10.38 42.19 -5.11
CA TRP C 320 -11.19 43.03 -6.00
C TRP C 320 -10.76 44.50 -6.06
N ASP C 321 -10.38 45.04 -4.91
CA ASP C 321 -10.00 46.44 -4.89
C ASP C 321 -8.78 46.71 -5.76
N ALA C 322 -7.68 46.03 -5.49
CA ALA C 322 -6.51 46.15 -6.34
C ALA C 322 -6.75 45.71 -7.79
N GLY C 323 -7.47 44.60 -7.96
CA GLY C 323 -7.75 44.06 -9.29
C GLY C 323 -8.49 45.02 -10.20
N LEU C 324 -9.63 45.53 -9.74
CA LEU C 324 -10.37 46.50 -10.52
C LEU C 324 -9.55 47.76 -10.87
N VAL C 325 -8.91 48.36 -9.85
CA VAL C 325 -8.00 49.47 -10.08
C VAL C 325 -7.05 49.07 -11.20
N GLY C 326 -6.42 47.91 -11.05
CA GLY C 326 -5.57 47.37 -12.10
C GLY C 326 -6.25 47.28 -13.45
N VAL C 327 -7.47 46.75 -13.47
CA VAL C 327 -8.29 46.73 -14.67
C VAL C 327 -8.41 48.14 -15.30
N GLU C 328 -8.67 49.15 -14.47
CA GLU C 328 -8.85 50.53 -14.94
C GLU C 328 -7.57 51.01 -15.61
N GLU C 329 -6.44 50.85 -14.92
CA GLU C 329 -5.17 51.35 -15.40
C GLU C 329 -4.79 50.72 -16.74
N ALA C 330 -5.02 49.42 -16.88
CA ALA C 330 -4.76 48.74 -18.14
C ALA C 330 -5.60 49.34 -19.24
N LEU C 331 -6.89 49.53 -18.96
CA LEU C 331 -7.76 50.10 -19.94
C LEU C 331 -7.23 51.47 -20.32
N SER C 332 -6.77 52.24 -19.34
CA SER C 332 -6.13 53.53 -19.64
C SER C 332 -4.90 53.38 -20.53
N GLY C 333 -4.01 52.47 -20.13
CA GLY C 333 -2.72 52.25 -20.80
C GLY C 333 -2.87 51.69 -22.20
N LEU C 334 -4.11 51.63 -22.67
CA LEU C 334 -4.46 51.07 -23.97
C LEU C 334 -5.09 52.14 -24.88
N GLY C 335 -5.34 53.31 -24.32
CA GLY C 335 -5.89 54.43 -25.08
C GLY C 335 -7.38 54.60 -24.88
N VAL C 336 -7.91 53.91 -23.87
CA VAL C 336 -9.35 53.91 -23.56
C VAL C 336 -9.65 54.99 -22.53
N ASP C 337 -10.53 55.91 -22.90
CA ASP C 337 -11.00 56.90 -21.93
C ASP C 337 -12.00 56.18 -21.04
N THR C 338 -11.63 56.07 -19.76
CA THR C 338 -12.40 55.30 -18.78
C THR C 338 -13.27 56.15 -17.87
N ALA C 339 -13.58 57.37 -18.29
CA ALA C 339 -14.33 58.32 -17.43
C ALA C 339 -15.73 57.82 -17.02
N GLY C 340 -16.45 57.25 -17.98
CA GLY C 340 -17.82 56.81 -17.76
C GLY C 340 -17.94 55.45 -17.09
N LEU C 341 -16.82 54.73 -17.03
CA LEU C 341 -16.77 53.41 -16.39
C LEU C 341 -16.83 53.48 -14.90
N VAL C 342 -17.59 52.58 -14.30
CA VAL C 342 -17.63 52.40 -12.86
C VAL C 342 -17.48 50.90 -12.71
N LEU C 343 -16.43 50.48 -11.99
CA LEU C 343 -16.08 49.07 -11.95
C LEU C 343 -16.34 48.41 -10.61
N ASN C 344 -17.31 47.50 -10.57
CA ASN C 344 -17.59 46.83 -9.32
C ASN C 344 -17.22 45.35 -9.25
N ASP C 345 -17.06 44.72 -10.42
CA ASP C 345 -16.68 43.31 -10.58
C ASP C 345 -16.18 42.99 -12.01
N GLY C 346 -15.75 41.75 -12.24
CA GLY C 346 -15.18 41.39 -13.51
C GLY C 346 -16.21 40.81 -14.47
N SER C 347 -17.23 40.14 -13.93
CA SER C 347 -18.12 39.29 -14.71
C SER C 347 -19.29 40.06 -15.29
N GLY C 348 -19.68 41.14 -14.61
CA GLY C 348 -20.81 42.00 -14.99
C GLY C 348 -22.02 41.64 -14.18
N LEU C 349 -21.84 40.70 -13.28
CA LEU C 349 -22.94 40.23 -12.43
C LEU C 349 -23.47 41.35 -11.53
N SER C 350 -22.55 42.17 -11.03
CA SER C 350 -22.92 43.20 -10.10
C SER C 350 -23.76 44.26 -10.78
N ARG C 351 -24.80 44.69 -10.09
CA ARG C 351 -25.64 45.77 -10.56
C ARG C 351 -25.00 47.11 -10.33
N GLY C 352 -23.88 47.16 -9.61
CA GLY C 352 -23.19 48.42 -9.41
C GLY C 352 -22.18 48.69 -10.53
N ASN C 353 -22.24 47.90 -11.59
CA ASN C 353 -21.35 48.15 -12.72
C ASN C 353 -21.92 49.19 -13.68
N LEU C 354 -21.10 50.10 -14.18
CA LEU C 354 -21.62 51.02 -15.19
C LEU C 354 -20.70 51.11 -16.36
N VAL C 355 -21.27 51.25 -17.57
CA VAL C 355 -20.52 51.56 -18.81
C VAL C 355 -21.29 52.55 -19.69
N THR C 356 -20.64 53.04 -20.75
CA THR C 356 -21.37 53.79 -21.76
C THR C 356 -21.07 53.12 -23.08
N ALA C 357 -22.07 53.00 -23.93
CA ALA C 357 -21.85 52.51 -25.28
C ALA C 357 -20.59 53.10 -25.94
N ASP C 358 -20.38 54.42 -25.79
CA ASP C 358 -19.18 55.06 -26.36
C ASP C 358 -17.89 54.44 -25.87
N THR C 359 -17.84 54.15 -24.57
CA THR C 359 -16.73 53.42 -23.96
C THR C 359 -16.54 52.05 -24.59
N VAL C 360 -17.63 51.32 -24.76
CA VAL C 360 -17.50 49.95 -25.16
C VAL C 360 -16.98 49.88 -26.60
N VAL C 361 -17.45 50.81 -27.42
CA VAL C 361 -17.06 50.86 -28.82
C VAL C 361 -15.62 51.34 -28.99
N ASP C 362 -15.18 52.18 -28.07
CA ASP C 362 -13.79 52.63 -28.03
C ASP C 362 -12.87 51.42 -27.80
N LEU C 363 -13.18 50.64 -26.76
CA LEU C 363 -12.38 49.47 -26.43
C LEU C 363 -12.27 48.50 -27.60
N LEU C 364 -13.37 48.35 -28.32
CA LEU C 364 -13.41 47.51 -29.51
C LEU C 364 -12.46 48.06 -30.58
N GLY C 365 -12.35 49.38 -30.68
CA GLY C 365 -11.40 50.02 -31.60
C GLY C 365 -9.96 49.69 -31.25
N GLN C 366 -9.61 49.98 -30.00
CA GLN C 366 -8.27 49.79 -29.50
C GLN C 366 -7.87 48.34 -29.42
N ALA C 367 -8.79 47.49 -28.99
CA ALA C 367 -8.48 46.08 -28.87
C ALA C 367 -8.18 45.53 -30.24
N GLY C 368 -8.87 46.05 -31.25
CA GLY C 368 -8.73 45.58 -32.63
C GLY C 368 -7.36 45.84 -33.23
N SER C 369 -6.57 46.66 -32.54
CA SER C 369 -5.24 47.07 -33.02
C SER C 369 -4.19 46.87 -31.95
N ALA C 370 -4.48 46.00 -30.99
CA ALA C 370 -3.50 45.55 -30.02
C ALA C 370 -2.69 44.35 -30.57
N PRO C 371 -1.56 44.03 -29.95
CA PRO C 371 -0.80 42.89 -30.47
C PRO C 371 -1.43 41.55 -30.10
N TRP C 372 -2.69 41.57 -29.67
CA TRP C 372 -3.39 40.34 -29.37
C TRP C 372 -4.80 40.36 -29.98
N ALA C 373 -5.02 41.32 -30.88
CA ALA C 373 -6.29 41.47 -31.61
C ALA C 373 -6.94 40.17 -32.07
N GLN C 374 -6.10 39.22 -32.49
CA GLN C 374 -6.57 37.97 -33.08
C GLN C 374 -7.05 36.91 -32.07
N THR C 375 -6.36 36.78 -30.94
CA THR C 375 -6.83 35.85 -29.90
C THR C 375 -8.11 36.37 -29.23
N TRP C 376 -8.28 37.68 -29.29
CA TRP C 376 -9.42 38.38 -28.74
C TRP C 376 -10.62 38.11 -29.60
N SER C 377 -10.53 38.52 -30.86
CA SER C 377 -11.63 38.36 -31.80
C SER C 377 -12.12 36.91 -31.80
N ALA C 378 -11.18 35.98 -31.73
CA ALA C 378 -11.49 34.53 -31.82
C ALA C 378 -12.21 33.93 -30.59
N SER C 379 -12.10 34.58 -29.44
CA SER C 379 -12.84 34.16 -28.25
C SER C 379 -14.30 34.57 -28.32
N LEU C 380 -14.59 35.66 -29.03
CA LEU C 380 -15.95 36.19 -29.07
C LEU C 380 -16.92 35.23 -29.71
N PRO C 381 -18.08 35.00 -29.08
CA PRO C 381 -19.17 34.27 -29.77
C PRO C 381 -19.36 34.68 -31.24
N VAL C 382 -19.57 33.69 -32.12
CA VAL C 382 -19.94 33.99 -33.51
C VAL C 382 -21.42 33.73 -33.82
N ALA C 383 -22.10 34.76 -34.31
CA ALA C 383 -23.50 34.64 -34.72
C ALA C 383 -23.86 33.34 -35.49
N GLY C 384 -24.87 32.65 -34.97
CA GLY C 384 -25.50 31.54 -35.61
C GLY C 384 -24.62 30.37 -36.00
N GLU C 385 -23.66 30.02 -35.15
CA GLU C 385 -22.81 28.88 -35.44
C GLU C 385 -23.13 27.76 -34.47
N SER C 386 -23.86 26.75 -34.95
CA SER C 386 -24.45 25.74 -34.09
C SER C 386 -23.45 25.06 -33.15
N ASP C 387 -22.20 24.92 -33.63
CA ASP C 387 -21.10 24.35 -32.86
C ASP C 387 -20.88 25.22 -31.61
N PRO C 388 -21.01 24.65 -30.39
CA PRO C 388 -21.10 25.53 -29.22
C PRO C 388 -19.81 26.28 -28.89
N PHE C 389 -18.67 25.69 -29.21
CA PHE C 389 -17.39 26.37 -28.96
C PHE C 389 -17.09 27.49 -29.95
N VAL C 390 -17.81 27.53 -31.07
CA VAL C 390 -17.71 28.65 -32.02
C VAL C 390 -18.81 29.70 -31.77
N GLY C 391 -20.05 29.22 -31.67
CA GLY C 391 -21.19 30.10 -31.53
C GLY C 391 -21.37 30.59 -30.11
N GLY C 392 -20.99 29.74 -29.15
CA GLY C 392 -21.19 30.07 -27.74
C GLY C 392 -22.57 30.63 -27.48
N THR C 393 -22.68 31.71 -26.72
CA THR C 393 -24.02 32.26 -26.39
C THR C 393 -24.76 32.92 -27.55
N LEU C 394 -24.19 32.85 -28.76
CA LEU C 394 -24.89 33.26 -29.99
C LEU C 394 -25.35 32.11 -30.87
N ALA C 395 -25.04 30.88 -30.44
CA ALA C 395 -25.35 29.68 -31.23
C ALA C 395 -26.72 29.74 -31.86
N ASN C 396 -27.74 30.18 -31.13
CA ASN C 396 -29.12 30.07 -31.63
C ASN C 396 -29.70 31.40 -32.15
N ARG C 397 -28.83 32.29 -32.63
CA ARG C 397 -29.31 33.60 -32.99
C ARG C 397 -28.83 33.98 -34.38
N MET C 398 -29.68 34.62 -35.18
CA MET C 398 -29.24 35.10 -36.49
C MET C 398 -28.83 34.02 -37.49
N ARG C 399 -29.17 32.77 -37.22
CA ARG C 399 -29.07 31.71 -38.23
C ARG C 399 -29.80 32.13 -39.49
N GLY C 400 -29.21 31.87 -40.64
CA GLY C 400 -29.82 32.18 -41.95
C GLY C 400 -30.03 33.67 -42.22
N THR C 401 -29.17 34.50 -41.64
CA THR C 401 -29.21 35.94 -41.84
C THR C 401 -27.88 36.41 -42.38
N ALA C 402 -27.80 37.68 -42.79
CA ALA C 402 -26.56 38.25 -43.29
C ALA C 402 -25.49 38.16 -42.22
N ALA C 403 -25.93 38.12 -40.95
CA ALA C 403 -25.00 38.08 -39.80
C ALA C 403 -24.45 36.70 -39.45
N GLU C 404 -25.02 35.65 -40.04
CA GLU C 404 -24.55 34.28 -39.72
C GLU C 404 -23.10 34.01 -40.14
N GLY C 405 -22.29 33.59 -39.17
CA GLY C 405 -20.91 33.22 -39.40
C GLY C 405 -20.00 34.42 -39.44
N VAL C 406 -20.59 35.61 -39.27
CA VAL C 406 -19.86 36.87 -39.37
C VAL C 406 -19.79 37.65 -38.06
N VAL C 407 -20.90 37.83 -37.36
CA VAL C 407 -20.87 38.75 -36.23
C VAL C 407 -20.16 38.14 -35.01
N GLU C 408 -19.19 38.89 -34.48
CA GLU C 408 -18.43 38.49 -33.29
C GLU C 408 -18.83 39.43 -32.16
N ALA C 409 -19.58 38.93 -31.18
CA ALA C 409 -20.09 39.80 -30.10
C ALA C 409 -20.30 39.11 -28.76
N LYS C 410 -20.20 39.89 -27.69
CA LYS C 410 -20.42 39.39 -26.33
C LYS C 410 -21.86 39.74 -26.01
N THR C 411 -22.58 38.78 -25.43
CA THR C 411 -23.95 38.95 -25.10
C THR C 411 -24.04 39.33 -23.63
N GLY C 412 -25.25 39.39 -23.08
CA GLY C 412 -25.39 39.77 -21.70
C GLY C 412 -26.85 40.00 -21.37
N THR C 413 -27.38 39.21 -20.44
CA THR C 413 -28.79 39.37 -20.10
C THR C 413 -29.10 39.05 -18.66
N MET C 414 -29.66 40.05 -17.99
CA MET C 414 -30.30 39.82 -16.72
C MET C 414 -31.61 40.58 -16.72
N SER C 415 -32.35 40.51 -15.63
CA SER C 415 -33.63 41.17 -15.60
C SER C 415 -33.33 42.64 -15.70
N GLY C 416 -34.06 43.31 -16.57
CA GLY C 416 -33.89 44.72 -16.75
C GLY C 416 -32.76 45.09 -17.68
N VAL C 417 -31.90 44.13 -18.05
CA VAL C 417 -30.63 44.48 -18.67
C VAL C 417 -30.17 43.51 -19.76
N SER C 418 -29.85 44.04 -20.92
CA SER C 418 -29.44 43.19 -22.00
C SER C 418 -28.50 43.97 -22.87
N ALA C 419 -27.49 43.33 -23.45
CA ALA C 419 -26.50 44.06 -24.23
C ALA C 419 -25.86 43.19 -25.27
N LEU C 420 -25.56 43.76 -26.42
CA LEU C 420 -24.80 43.07 -27.43
C LEU C 420 -23.71 44.00 -27.97
N SER C 421 -22.45 43.56 -27.87
CA SER C 421 -21.36 44.37 -28.44
C SER C 421 -20.24 43.54 -29.09
N GLY C 422 -19.87 43.93 -30.32
CA GLY C 422 -18.73 43.30 -30.97
C GLY C 422 -18.35 43.88 -32.31
N TYR C 423 -18.14 42.99 -33.28
CA TYR C 423 -17.54 43.40 -34.54
C TYR C 423 -18.32 42.85 -35.70
N VAL C 424 -18.31 43.61 -36.80
CA VAL C 424 -18.89 43.18 -38.05
C VAL C 424 -17.80 43.25 -39.08
N PRO C 425 -17.02 42.17 -39.20
CA PRO C 425 -16.05 42.09 -40.27
C PRO C 425 -16.73 42.13 -41.64
N GLY C 426 -15.98 42.57 -42.64
CA GLY C 426 -16.48 42.61 -43.98
C GLY C 426 -15.41 43.14 -44.89
N PRO C 427 -15.51 42.80 -46.18
CA PRO C 427 -14.54 43.30 -47.16
C PRO C 427 -14.43 44.82 -47.08
N GLU C 428 -15.43 45.45 -46.44
CA GLU C 428 -15.58 46.91 -46.42
C GLU C 428 -14.87 47.60 -45.22
N GLY C 429 -14.21 46.80 -44.38
CA GLY C 429 -13.65 47.30 -43.12
C GLY C 429 -14.46 46.85 -41.92
N GLU C 430 -13.79 46.18 -40.99
CA GLU C 430 -14.37 45.77 -39.72
C GLU C 430 -15.20 46.88 -39.03
N LEU C 431 -16.43 46.57 -38.64
CA LEU C 431 -17.25 47.51 -37.85
C LEU C 431 -17.22 47.12 -36.38
N ALA C 432 -17.17 48.11 -35.50
CA ALA C 432 -17.35 47.87 -34.08
C ALA C 432 -18.69 48.45 -33.71
N PHE C 433 -19.44 47.74 -32.89
CA PHE C 433 -20.73 48.26 -32.44
C PHE C 433 -20.96 47.90 -31.01
N SER C 434 -21.75 48.72 -30.32
CA SER C 434 -22.20 48.35 -28.99
C SER C 434 -23.68 48.69 -28.87
N ILE C 435 -24.46 47.76 -28.33
CA ILE C 435 -25.87 48.00 -28.12
C ILE C 435 -26.11 47.61 -26.71
N VAL C 436 -26.52 48.57 -25.86
CA VAL C 436 -26.82 48.29 -24.45
C VAL C 436 -28.26 48.73 -24.11
N ASN C 437 -29.05 47.83 -23.54
CA ASN C 437 -30.44 48.11 -23.20
C ASN C 437 -30.72 48.03 -21.70
N ASN C 438 -31.32 49.08 -21.15
CA ASN C 438 -31.70 49.13 -19.74
C ASN C 438 -33.16 49.57 -19.58
N GLY C 439 -33.78 49.12 -18.49
CA GLY C 439 -35.10 49.60 -18.14
C GLY C 439 -36.26 49.07 -18.95
N HIS C 440 -36.02 48.13 -19.86
CA HIS C 440 -37.13 47.45 -20.54
C HIS C 440 -37.97 46.70 -19.51
N SER C 441 -39.15 46.20 -19.89
CA SER C 441 -39.99 45.44 -18.93
C SER C 441 -40.24 43.96 -19.30
N GLY C 442 -40.18 43.65 -20.60
CA GLY C 442 -40.46 42.30 -21.06
C GLY C 442 -39.21 41.40 -21.01
N PRO C 443 -39.23 40.28 -21.78
CA PRO C 443 -38.04 39.49 -21.99
C PRO C 443 -36.99 40.35 -22.64
N ALA C 444 -35.72 39.98 -22.50
CA ALA C 444 -34.64 40.72 -23.18
C ALA C 444 -34.99 41.04 -24.65
N PRO C 445 -34.64 42.25 -25.15
CA PRO C 445 -34.79 42.69 -26.55
C PRO C 445 -33.79 42.03 -27.51
N LEU C 446 -33.64 40.72 -27.31
CA LEU C 446 -32.70 39.86 -28.03
C LEU C 446 -32.83 40.03 -29.55
N ALA C 447 -34.08 40.11 -30.02
CA ALA C 447 -34.38 40.24 -31.44
C ALA C 447 -34.13 41.64 -32.02
N VAL C 448 -34.29 42.66 -31.20
CA VAL C 448 -33.90 43.99 -31.61
C VAL C 448 -32.40 43.99 -31.84
N GLN C 449 -31.65 43.59 -30.82
CA GLN C 449 -30.19 43.47 -30.96
C GLN C 449 -29.85 42.70 -32.22
N ASP C 450 -30.53 41.57 -32.42
CA ASP C 450 -30.35 40.76 -33.63
C ASP C 450 -30.51 41.59 -34.92
N ALA C 451 -31.62 42.30 -35.03
CA ALA C 451 -31.97 43.03 -36.24
C ALA C 451 -30.94 44.08 -36.64
N ILE C 452 -30.42 44.82 -35.65
CA ILE C 452 -29.30 45.74 -35.89
C ILE C 452 -28.06 45.00 -36.40
N ALA C 453 -27.65 43.97 -35.68
CA ALA C 453 -26.50 43.23 -36.14
C ALA C 453 -26.76 42.74 -37.58
N VAL C 454 -27.97 42.29 -37.85
CA VAL C 454 -28.25 41.82 -39.21
C VAL C 454 -28.06 42.96 -40.21
N ARG C 455 -28.65 44.11 -39.92
CA ARG C 455 -28.46 45.33 -40.71
C ARG C 455 -27.00 45.75 -40.93
N LEU C 456 -26.23 45.90 -39.86
CA LEU C 456 -24.78 46.13 -40.02
C LEU C 456 -24.13 45.13 -40.98
N ALA C 457 -24.38 43.84 -40.77
CA ALA C 457 -23.80 42.83 -41.63
C ALA C 457 -24.11 43.09 -43.10
N GLU C 458 -25.31 43.62 -43.39
CA GLU C 458 -25.67 44.07 -44.75
C GLU C 458 -24.83 45.28 -45.21
N TYR C 459 -24.62 46.22 -44.30
CA TYR C 459 -23.90 47.45 -44.58
C TYR C 459 -22.39 47.19 -44.72
N ALA C 460 -21.95 45.99 -44.36
CA ALA C 460 -20.58 45.56 -44.61
C ALA C 460 -20.50 44.60 -45.79
N GLY C 461 -21.56 44.56 -46.62
CA GLY C 461 -21.61 43.75 -47.83
C GLY C 461 -21.69 42.23 -47.63
N HIS C 462 -22.50 41.80 -46.67
CA HIS C 462 -22.83 40.39 -46.48
C HIS C 462 -24.28 40.10 -46.86
N GLN C 463 -24.56 38.85 -47.26
CA GLN C 463 -25.93 38.42 -47.56
C GLN C 463 -26.21 37.01 -47.02
N ALA C 464 -27.37 36.81 -46.41
CA ALA C 464 -27.74 35.51 -45.87
C ALA C 464 -27.30 34.34 -46.77
N PRO C 465 -26.70 33.29 -46.16
CA PRO C 465 -26.32 32.01 -46.82
C PRO C 465 -27.42 31.32 -47.68
N GLU C 466 -27.28 30.19 -48.19
N ARG D 1 -16.40 -21.07 -19.14
CA ARG D 1 -16.18 -20.87 -20.60
C ARG D 1 -14.87 -20.11 -20.83
N LEU D 2 -13.94 -20.24 -19.88
CA LEU D 2 -12.58 -19.70 -20.01
C LEU D 2 -11.91 -20.20 -21.30
N THR D 3 -12.06 -21.51 -21.55
CA THR D 3 -11.38 -22.24 -22.63
C THR D 3 -12.31 -22.62 -23.78
N GLU D 4 -13.61 -22.47 -23.59
CA GLU D 4 -14.59 -22.71 -24.66
C GLU D 4 -14.49 -21.62 -25.71
N LEU D 5 -14.26 -20.40 -25.23
CA LEU D 5 -13.95 -19.26 -26.09
C LEU D 5 -12.61 -19.46 -26.81
N ARG D 6 -11.68 -20.15 -26.17
CA ARG D 6 -10.36 -20.44 -26.73
C ARG D 6 -10.43 -21.45 -27.84
N GLU D 7 -11.10 -22.58 -27.59
CA GLU D 7 -11.24 -23.63 -28.59
C GLU D 7 -12.11 -23.20 -29.76
N ASP D 8 -13.04 -22.28 -29.50
CA ASP D 8 -13.83 -21.62 -30.54
C ASP D 8 -12.97 -20.77 -31.47
N ILE D 9 -11.87 -20.25 -30.94
CA ILE D 9 -10.91 -19.50 -31.74
C ILE D 9 -9.90 -20.48 -32.39
N ASP D 10 -9.29 -21.34 -31.58
CA ASP D 10 -8.46 -22.44 -32.07
C ASP D 10 -9.00 -22.96 -33.40
N ALA D 11 -10.29 -23.30 -33.39
CA ALA D 11 -10.99 -23.92 -34.52
C ALA D 11 -11.16 -23.03 -35.75
N ILE D 12 -11.29 -21.72 -35.55
CA ILE D 12 -11.43 -20.79 -36.67
C ILE D 12 -10.18 -20.84 -37.55
N LEU D 13 -9.02 -20.83 -36.90
CA LEU D 13 -7.73 -20.75 -37.61
C LEU D 13 -7.33 -22.01 -38.37
N GLU D 14 -8.21 -22.99 -38.43
CA GLU D 14 -7.86 -24.21 -39.12
C GLU D 14 -8.33 -24.09 -40.56
N ASP D 15 -8.75 -22.89 -40.94
CA ASP D 15 -9.38 -22.61 -42.23
C ASP D 15 -8.49 -22.92 -43.45
N PRO D 16 -9.10 -23.42 -44.55
CA PRO D 16 -8.36 -23.57 -45.80
C PRO D 16 -7.79 -22.25 -46.27
N ALA D 17 -8.33 -21.14 -45.77
CA ALA D 17 -7.89 -19.80 -46.18
C ALA D 17 -6.48 -19.47 -45.65
N LEU D 18 -6.21 -19.86 -44.40
CA LEU D 18 -4.93 -19.57 -43.74
C LEU D 18 -3.82 -20.57 -44.09
N GLU D 19 -3.90 -21.15 -45.29
CA GLU D 19 -2.92 -22.12 -45.77
C GLU D 19 -1.52 -21.57 -45.90
N GLY D 20 -0.62 -22.06 -45.07
CA GLY D 20 0.77 -21.65 -45.12
C GLY D 20 0.94 -20.20 -44.72
N ALA D 21 0.09 -19.78 -43.79
CA ALA D 21 0.05 -18.40 -43.31
C ALA D 21 0.32 -18.37 -41.82
N VAL D 22 1.26 -17.50 -41.40
CA VAL D 22 1.53 -17.28 -39.98
C VAL D 22 0.54 -16.25 -39.43
N SER D 23 0.07 -16.43 -38.18
CA SER D 23 -0.92 -15.51 -37.63
C SER D 23 -0.72 -15.10 -36.18
N GLY D 24 -0.66 -13.80 -35.96
CA GLY D 24 -0.51 -13.27 -34.63
C GLY D 24 -1.85 -12.88 -34.03
N VAL D 25 -2.33 -13.71 -33.10
CA VAL D 25 -3.58 -13.40 -32.37
C VAL D 25 -3.44 -13.45 -30.84
N VAL D 26 -3.96 -12.41 -30.20
CA VAL D 26 -3.84 -12.21 -28.77
C VAL D 26 -5.10 -11.48 -28.28
N VAL D 27 -5.72 -12.00 -27.21
CA VAL D 27 -6.86 -11.31 -26.58
C VAL D 27 -6.63 -11.18 -25.08
N VAL D 28 -6.75 -9.97 -24.56
CA VAL D 28 -6.55 -9.70 -23.14
C VAL D 28 -7.66 -8.80 -22.57
N ASP D 29 -7.79 -8.76 -21.25
CA ASP D 29 -8.82 -7.96 -20.62
C ASP D 29 -8.29 -6.61 -20.16
N THR D 30 -8.98 -5.53 -20.58
CA THR D 30 -8.71 -4.16 -20.08
C THR D 30 -9.06 -4.07 -18.58
N ALA D 31 -9.97 -4.94 -18.14
CA ALA D 31 -10.37 -5.04 -16.74
C ALA D 31 -9.38 -5.84 -15.88
N THR D 32 -8.99 -7.05 -16.32
CA THR D 32 -8.05 -7.89 -15.55
C THR D 32 -6.61 -7.86 -16.09
N GLY D 33 -6.45 -8.07 -17.39
CA GLY D 33 -5.13 -8.25 -17.96
C GLY D 33 -4.79 -9.72 -17.96
N GLU D 34 -5.70 -10.52 -18.50
CA GLU D 34 -5.52 -11.96 -18.59
C GLU D 34 -5.28 -12.35 -20.04
N GLU D 35 -4.18 -13.08 -20.28
CA GLU D 35 -3.86 -13.58 -21.63
C GLU D 35 -4.81 -14.71 -22.05
N LEU D 36 -6.06 -14.32 -22.35
CA LEU D 36 -7.11 -15.23 -22.83
C LEU D 36 -6.71 -16.04 -24.06
N TYR D 37 -6.31 -15.37 -25.13
CA TYR D 37 -5.77 -16.07 -26.29
C TYR D 37 -4.35 -15.65 -26.64
N SER D 38 -3.52 -16.64 -26.94
CA SER D 38 -2.17 -16.38 -27.41
C SER D 38 -1.65 -17.47 -28.34
N ARG D 39 -1.45 -17.10 -29.59
CA ARG D 39 -0.79 -17.93 -30.57
C ARG D 39 0.08 -16.99 -31.43
N ASP D 40 1.36 -17.32 -31.55
CA ASP D 40 2.32 -16.54 -32.33
C ASP D 40 2.26 -15.01 -32.12
N GLY D 41 2.03 -14.60 -30.88
CA GLY D 41 2.02 -13.17 -30.52
C GLY D 41 3.37 -12.48 -30.60
N GLY D 42 4.45 -13.28 -30.57
CA GLY D 42 5.81 -12.76 -30.65
C GLY D 42 6.47 -13.06 -31.98
N GLU D 43 5.68 -12.97 -33.04
CA GLU D 43 6.14 -13.24 -34.41
C GLU D 43 6.15 -11.92 -35.19
N GLN D 44 7.27 -11.63 -35.88
CA GLN D 44 7.48 -10.37 -36.60
C GLN D 44 6.83 -10.35 -37.97
N LEU D 45 5.66 -9.71 -38.05
CA LEU D 45 4.84 -9.70 -39.26
C LEU D 45 4.57 -8.30 -39.80
N LEU D 46 4.29 -8.19 -41.10
CA LEU D 46 3.93 -6.91 -41.70
C LEU D 46 2.53 -6.55 -41.26
N PRO D 47 2.30 -5.30 -40.83
CA PRO D 47 1.05 -4.87 -40.20
C PRO D 47 0.03 -4.17 -41.11
N ALA D 48 0.35 -3.98 -42.40
CA ALA D 48 -0.48 -3.19 -43.31
C ALA D 48 -1.01 -1.94 -42.61
N SER D 49 -2.27 -1.60 -42.89
CA SER D 49 -2.89 -0.40 -42.36
C SER D 49 -2.99 -0.34 -40.82
N ASN D 50 -2.58 -1.38 -40.13
CA ASN D 50 -2.64 -1.36 -38.67
C ASN D 50 -1.48 -0.56 -38.04
N MET D 51 -0.46 -0.25 -38.84
CA MET D 51 0.63 0.62 -38.41
C MET D 51 0.12 1.96 -37.88
N LYS D 52 -1.04 2.38 -38.40
CA LYS D 52 -1.64 3.67 -38.07
C LYS D 52 -2.00 3.79 -36.60
N LEU D 53 -2.33 2.66 -35.99
CA LEU D 53 -2.59 2.54 -34.56
C LEU D 53 -1.43 3.11 -33.76
N PHE D 54 -0.23 2.78 -34.21
CA PHE D 54 1.02 3.26 -33.62
C PHE D 54 1.19 4.73 -33.92
N THR D 55 1.02 5.09 -35.19
CA THR D 55 1.08 6.45 -35.60
C THR D 55 0.12 7.30 -34.81
N ALA D 56 -1.11 6.82 -34.66
CA ALA D 56 -2.19 7.57 -34.05
C ALA D 56 -1.93 7.82 -32.59
N ALA D 57 -1.67 6.72 -31.88
CA ALA D 57 -1.27 6.75 -30.47
C ALA D 57 -0.08 7.69 -30.25
N ALA D 58 0.93 7.60 -31.10
CA ALA D 58 2.07 8.50 -31.02
C ALA D 58 1.68 9.98 -31.24
N ALA D 59 0.82 10.25 -32.21
CA ALA D 59 0.44 11.64 -32.48
C ALA D 59 -0.44 12.24 -31.37
N LEU D 60 -1.13 11.39 -30.62
CA LEU D 60 -1.82 11.88 -29.44
C LEU D 60 -0.81 12.29 -28.37
N GLU D 61 0.03 11.34 -27.94
CA GLU D 61 1.04 11.58 -26.94
C GLU D 61 1.87 12.80 -27.22
N VAL D 62 2.22 12.99 -28.49
CA VAL D 62 3.16 14.04 -28.84
C VAL D 62 2.44 15.35 -29.14
N LEU D 63 1.39 15.26 -29.93
CA LEU D 63 0.74 16.46 -30.39
C LEU D 63 -0.41 16.95 -29.50
N GLY D 64 -1.15 16.01 -28.91
CA GLY D 64 -2.30 16.34 -28.08
C GLY D 64 -3.61 16.43 -28.87
N ALA D 65 -4.70 16.03 -28.23
CA ALA D 65 -6.02 15.99 -28.86
C ALA D 65 -6.48 17.35 -29.34
N ASP D 66 -6.20 18.38 -28.57
CA ASP D 66 -6.65 19.72 -28.93
C ASP D 66 -5.64 20.42 -29.81
N HIS D 67 -4.71 19.64 -30.35
CA HIS D 67 -3.73 20.17 -31.30
C HIS D 67 -4.47 20.44 -32.59
N SER D 68 -4.10 21.54 -33.23
CA SER D 68 -4.70 21.98 -34.46
C SER D 68 -3.58 22.37 -35.42
N PHE D 69 -3.92 22.57 -36.68
CA PHE D 69 -2.91 22.89 -37.69
C PHE D 69 -3.20 24.20 -38.34
N GLY D 70 -2.17 25.01 -38.49
CA GLY D 70 -2.34 26.30 -39.10
C GLY D 70 -2.00 26.34 -40.57
N THR D 71 -2.83 27.06 -41.34
CA THR D 71 -2.48 27.53 -42.67
C THR D 71 -2.49 29.07 -42.63
N GLU D 72 -1.54 29.72 -43.31
CA GLU D 72 -1.38 31.18 -43.27
C GLU D 72 -1.18 31.73 -44.68
N VAL D 73 -1.18 33.06 -44.79
CA VAL D 73 -0.80 33.74 -46.03
C VAL D 73 -0.08 35.07 -45.68
N ALA D 74 0.97 35.39 -46.43
CA ALA D 74 1.93 36.45 -46.04
C ALA D 74 2.56 37.26 -47.19
N ALA D 75 2.64 38.59 -47.03
CA ALA D 75 3.40 39.46 -47.93
C ALA D 75 4.42 40.25 -47.12
N GLU D 76 5.47 40.79 -47.77
CA GLU D 76 6.59 41.40 -47.02
C GLU D 76 6.20 42.45 -45.98
N SER D 77 4.98 43.00 -46.15
CA SER D 77 4.24 43.72 -45.09
C SER D 77 2.77 43.93 -45.49
N ALA D 78 2.12 44.96 -44.93
CA ALA D 78 0.75 45.32 -45.29
C ALA D 78 0.72 45.94 -46.70
N PRO D 79 -0.44 45.91 -47.39
CA PRO D 79 -0.55 46.39 -48.79
C PRO D 79 -0.50 47.93 -48.98
N GLY D 80 -0.53 48.40 -50.24
CA GLY D 80 -0.39 49.83 -50.58
C GLY D 80 -1.65 50.56 -51.04
N ARG D 81 -1.49 51.78 -51.57
CA ARG D 81 -2.62 52.58 -52.06
C ARG D 81 -3.35 51.87 -53.19
N ARG D 82 -2.64 51.66 -54.30
CA ARG D 82 -3.22 50.94 -55.45
C ARG D 82 -3.01 49.45 -55.28
N GLY D 83 -4.93 48.99 -52.74
CA GLY D 83 -4.27 47.70 -52.40
C GLY D 83 -4.32 46.70 -53.54
N GLU D 84 -1.14 47.12 -53.62
CA GLU D 84 -0.32 46.14 -54.38
C GLU D 84 0.75 45.50 -53.51
N VAL D 85 0.99 44.21 -53.72
CA VAL D 85 2.15 43.53 -53.12
C VAL D 85 3.08 42.99 -54.19
N GLN D 86 4.33 42.82 -53.80
CA GLN D 86 5.33 42.24 -54.65
C GLN D 86 4.95 40.77 -54.81
N ASP D 87 5.20 39.97 -53.79
CA ASP D 87 4.92 38.55 -53.83
C ASP D 87 3.98 38.11 -52.71
N LEU D 88 3.28 37.01 -52.97
CA LEU D 88 2.39 36.38 -52.01
C LEU D 88 2.86 34.95 -51.72
N TYR D 89 2.60 34.49 -50.51
CA TYR D 89 2.95 33.14 -50.07
C TYR D 89 1.78 32.42 -49.42
N LEU D 90 1.43 31.26 -49.97
CA LEU D 90 0.51 30.38 -49.27
C LEU D 90 1.34 29.42 -48.42
N VAL D 91 1.06 29.41 -47.12
CA VAL D 91 1.89 28.67 -46.17
C VAL D 91 1.10 27.60 -45.43
N GLY D 92 1.53 26.35 -45.62
CA GLY D 92 0.92 25.19 -44.99
C GLY D 92 1.82 24.62 -43.91
N ARG D 93 1.20 24.08 -42.87
CA ARG D 93 1.94 23.49 -41.76
C ARG D 93 1.40 22.14 -41.37
N GLY D 94 1.07 21.35 -42.38
CA GLY D 94 0.71 19.96 -42.18
C GLY D 94 -0.76 19.83 -41.91
N ASP D 95 -1.52 20.81 -42.40
CA ASP D 95 -2.96 20.69 -42.42
C ASP D 95 -3.32 19.69 -43.52
N PRO D 96 -3.86 18.54 -43.11
CA PRO D 96 -4.39 17.54 -44.00
C PRO D 96 -5.82 17.89 -44.43
N THR D 97 -6.68 18.12 -43.45
CA THR D 97 -8.12 18.41 -43.62
C THR D 97 -8.31 19.84 -44.07
N LEU D 98 -7.96 20.10 -45.31
CA LEU D 98 -7.81 21.45 -45.78
C LEU D 98 -8.41 21.52 -47.17
N SER D 99 -9.60 22.12 -47.25
CA SER D 99 -10.43 22.05 -48.44
C SER D 99 -10.27 23.23 -49.38
N ALA D 100 -10.67 23.06 -50.63
CA ALA D 100 -10.79 24.19 -51.55
C ALA D 100 -11.76 25.26 -51.03
N GLU D 101 -12.63 24.86 -50.10
CA GLU D 101 -13.49 25.80 -49.41
C GLU D 101 -12.62 26.65 -48.50
N ASP D 102 -11.94 26.03 -47.55
CA ASP D 102 -11.05 26.73 -46.62
C ASP D 102 -10.22 27.74 -47.41
N LEU D 103 -9.87 27.39 -48.63
CA LEU D 103 -9.04 28.23 -49.50
C LEU D 103 -9.72 29.54 -49.84
N ASP D 104 -10.97 29.48 -50.30
CA ASP D 104 -11.77 30.68 -50.57
C ASP D 104 -11.97 31.46 -49.27
N ALA D 105 -12.26 30.73 -48.19
CA ALA D 105 -12.40 31.30 -46.84
C ALA D 105 -11.15 32.07 -46.38
N MET D 106 -9.99 31.71 -46.95
CA MET D 106 -8.75 32.46 -46.74
C MET D 106 -8.55 33.49 -47.85
N ALA D 107 -9.17 33.26 -49.00
CA ALA D 107 -9.12 34.20 -50.11
C ALA D 107 -10.04 35.39 -49.83
N ALA D 108 -11.03 35.16 -48.97
CA ALA D 108 -11.91 36.23 -48.48
C ALA D 108 -11.10 37.25 -47.70
N GLU D 109 -10.26 36.74 -46.80
CA GLU D 109 -9.43 37.56 -45.93
C GLU D 109 -8.39 38.37 -46.69
N VAL D 110 -8.15 38.01 -47.95
CA VAL D 110 -7.06 38.61 -48.72
C VAL D 110 -7.39 39.95 -49.38
N ALA D 111 -8.56 40.05 -49.99
CA ALA D 111 -9.04 41.35 -50.43
C ALA D 111 -9.57 42.13 -49.23
N ALA D 112 -10.00 41.39 -48.21
CA ALA D 112 -10.64 41.95 -47.00
C ALA D 112 -9.67 42.46 -45.93
N SER D 113 -8.43 42.73 -46.32
CA SER D 113 -7.49 43.49 -45.48
C SER D 113 -6.50 44.24 -46.37
N GLY D 114 -6.92 44.49 -47.62
CA GLY D 114 -6.26 45.47 -48.47
C GLY D 114 -6.02 45.14 -49.93
N VAL D 115 -5.43 43.98 -50.18
CA VAL D 115 -4.88 43.65 -51.50
C VAL D 115 -5.93 43.48 -52.58
N ARG D 116 -5.57 43.84 -53.81
CA ARG D 116 -6.35 43.51 -55.00
C ARG D 116 -5.46 43.35 -56.23
N THR D 117 -4.15 43.20 -56.00
CA THR D 117 -3.19 42.96 -57.08
C THR D 117 -1.84 42.37 -56.61
N VAL D 118 -1.31 41.42 -57.37
CA VAL D 118 0.03 40.89 -57.12
C VAL D 118 0.87 41.01 -58.40
N ARG D 119 1.83 41.94 -58.37
CA ARG D 119 2.64 42.27 -59.55
C ARG D 119 3.75 41.25 -59.76
N GLY D 120 4.23 40.68 -58.66
CA GLY D 120 5.15 39.57 -58.71
C GLY D 120 4.38 38.27 -58.67
N ASP D 121 5.01 37.23 -58.12
CA ASP D 121 4.48 35.87 -58.20
C ASP D 121 3.74 35.41 -56.94
N LEU D 122 3.02 34.31 -57.10
CA LEU D 122 2.39 33.62 -55.98
C LEU D 122 3.25 32.43 -55.66
N TYR D 123 3.37 32.14 -54.39
CA TYR D 123 4.25 31.09 -53.96
C TYR D 123 3.54 30.05 -53.11
N ALA D 124 3.74 28.79 -53.47
CA ALA D 124 3.24 27.68 -52.68
C ALA D 124 4.39 27.20 -51.82
N ASP D 125 4.32 27.51 -50.52
CA ASP D 125 5.40 27.20 -49.59
C ASP D 125 5.02 26.07 -48.64
N ASP D 126 5.68 24.92 -48.81
CA ASP D 126 5.39 23.73 -48.00
C ASP D 126 6.61 23.22 -47.23
N THR D 127 7.55 24.11 -46.97
CA THR D 127 8.84 23.77 -46.38
C THR D 127 8.72 23.28 -44.95
N TRP D 128 7.58 23.51 -44.32
CA TRP D 128 7.34 23.02 -42.98
C TRP D 128 7.67 21.53 -42.90
N PHE D 129 7.46 20.83 -44.02
CA PHE D 129 7.86 19.46 -44.19
C PHE D 129 8.97 19.43 -45.27
N ASP D 130 9.71 18.32 -45.36
CA ASP D 130 10.76 18.20 -46.36
C ASP D 130 10.10 17.90 -47.68
N SER D 131 10.87 17.80 -48.75
CA SER D 131 10.25 17.58 -50.05
C SER D 131 10.27 16.09 -50.48
N GLU D 132 10.71 15.19 -49.60
CA GLU D 132 10.60 13.76 -49.86
C GLU D 132 9.13 13.33 -49.88
N ARG D 133 8.58 13.32 -51.08
CA ARG D 133 7.18 12.99 -51.36
C ARG D 133 6.78 11.54 -51.13
N LEU D 134 7.72 10.57 -51.22
CA LEU D 134 7.31 9.14 -51.08
C LEU D 134 8.24 8.31 -50.24
N VAL D 135 7.71 7.29 -49.58
CA VAL D 135 8.60 6.38 -48.91
C VAL D 135 9.37 5.60 -49.96
N ASP D 136 10.67 5.53 -49.76
CA ASP D 136 11.53 4.83 -50.69
C ASP D 136 11.01 3.52 -51.24
N ASP D 137 10.52 2.63 -50.36
CA ASP D 137 10.20 1.25 -50.77
C ASP D 137 8.74 1.05 -51.20
N TRP D 138 7.97 2.14 -51.24
CA TRP D 138 6.65 2.15 -51.86
C TRP D 138 6.84 1.85 -53.36
N TRP D 139 5.81 1.34 -54.02
CA TRP D 139 5.92 0.90 -55.41
C TRP D 139 5.47 1.96 -56.42
N PRO D 140 6.28 2.25 -57.45
CA PRO D 140 5.84 3.24 -58.44
C PRO D 140 4.49 2.96 -59.04
N GLU D 141 4.17 1.69 -59.23
CA GLU D 141 2.88 1.29 -59.81
C GLU D 141 1.67 1.84 -59.04
N ASP D 142 1.91 2.21 -57.79
CA ASP D 142 0.85 2.60 -56.88
C ASP D 142 0.58 4.10 -56.86
N GLU D 143 1.37 4.86 -57.57
CA GLU D 143 1.34 6.31 -57.42
C GLU D 143 0.09 6.99 -57.99
N PRO D 144 -0.65 6.33 -58.89
CA PRO D 144 -1.79 7.13 -59.33
C PRO D 144 -2.99 7.12 -58.39
N TYR D 145 -3.04 6.16 -57.48
CA TYR D 145 -4.21 5.97 -56.62
C TYR D 145 -4.07 6.75 -55.30
N ALA D 146 -5.23 7.13 -54.74
CA ALA D 146 -5.32 8.11 -53.65
C ALA D 146 -4.49 7.79 -52.42
N TYR D 147 -4.31 6.49 -52.19
CA TYR D 147 -3.73 6.04 -50.95
C TYR D 147 -2.23 6.16 -51.04
N SER D 148 -1.75 6.42 -52.25
CA SER D 148 -0.34 6.60 -52.44
C SER D 148 -0.03 8.06 -52.86
N ALA D 149 -0.94 8.99 -52.54
CA ALA D 149 -0.75 10.43 -52.78
C ALA D 149 0.61 10.95 -52.26
N GLN D 150 1.25 11.85 -53.00
CA GLN D 150 2.48 12.46 -52.53
C GLN D 150 2.27 13.16 -51.18
N ILE D 151 3.31 13.26 -50.35
CA ILE D 151 3.24 13.90 -49.06
C ILE D 151 3.81 15.32 -49.07
N SER D 152 2.97 16.31 -48.76
CA SER D 152 3.43 17.70 -48.63
C SER D 152 2.90 18.31 -47.36
N ALA D 153 3.63 19.27 -46.78
CA ALA D 153 3.09 20.12 -45.73
C ALA D 153 1.87 20.93 -46.15
N LEU D 154 1.76 21.25 -47.45
CA LEU D 154 0.65 21.99 -47.99
C LEU D 154 -0.10 21.17 -49.02
N THR D 155 -1.25 20.65 -48.61
CA THR D 155 -2.04 19.75 -49.41
C THR D 155 -3.56 19.98 -49.29
N VAL D 156 -4.17 20.20 -50.44
CA VAL D 156 -5.61 20.26 -50.50
C VAL D 156 -6.23 18.87 -50.35
N ALA D 157 -7.06 18.73 -49.32
CA ALA D 157 -7.83 17.52 -49.12
C ALA D 157 -9.16 17.61 -49.89
N HIS D 158 -9.56 16.46 -50.45
CA HIS D 158 -10.80 16.39 -51.22
C HIS D 158 -11.92 15.84 -50.37
N GLY D 159 -13.07 16.54 -50.42
CA GLY D 159 -14.32 16.07 -49.84
C GLY D 159 -14.29 15.72 -48.36
N GLU D 160 -15.43 15.27 -47.85
CA GLU D 160 -15.61 15.01 -46.43
C GLU D 160 -14.66 13.96 -45.83
N ARG D 161 -14.20 12.97 -46.61
CA ARG D 161 -13.27 11.95 -46.10
C ARG D 161 -11.83 12.49 -46.04
N PHE D 162 -11.66 13.69 -46.58
CA PHE D 162 -10.41 14.46 -46.51
C PHE D 162 -9.22 13.79 -47.20
N ASP D 163 -9.47 13.14 -48.32
CA ASP D 163 -8.41 12.52 -49.09
C ASP D 163 -7.49 13.60 -49.61
N THR D 164 -6.21 13.51 -49.24
CA THR D 164 -5.21 14.55 -49.57
C THR D 164 -4.53 14.37 -50.91
N GLY D 165 -4.18 15.49 -51.52
CA GLY D 165 -3.30 15.51 -52.66
C GLY D 165 -3.85 14.80 -53.87
N VAL D 166 -5.18 14.75 -53.98
CA VAL D 166 -5.81 14.09 -55.12
C VAL D 166 -6.74 15.02 -55.92
N THR D 167 -7.23 14.52 -57.04
CA THR D 167 -8.28 15.21 -57.73
C THR D 167 -9.32 14.22 -58.16
N GLU D 168 -10.49 14.71 -58.54
CA GLU D 168 -11.56 13.79 -58.97
C GLU D 168 -11.67 13.87 -60.47
N VAL D 169 -11.54 12.72 -61.09
CA VAL D 169 -11.69 12.60 -62.51
C VAL D 169 -13.10 12.10 -62.72
N SER D 170 -13.83 12.76 -63.60
CA SER D 170 -15.11 12.24 -64.04
C SER D 170 -15.11 11.95 -65.53
N VAL D 171 -15.68 10.80 -65.89
CA VAL D 171 -15.73 10.41 -67.27
C VAL D 171 -17.15 10.18 -67.64
N THR D 172 -17.63 11.08 -68.50
CA THR D 172 -18.99 11.04 -68.98
C THR D 172 -19.00 10.41 -70.36
N PRO D 173 -19.94 9.48 -70.59
CA PRO D 173 -20.07 8.98 -71.93
C PRO D 173 -20.79 10.00 -72.80
N ALA D 174 -20.38 10.12 -74.06
CA ALA D 174 -21.19 10.79 -75.07
C ALA D 174 -22.10 9.72 -75.70
N ALA D 175 -22.21 9.73 -77.02
CA ALA D 175 -23.00 8.72 -77.70
C ALA D 175 -22.09 7.72 -78.39
N GLU D 176 -22.65 6.56 -78.71
CA GLU D 176 -21.91 5.44 -79.25
C GLU D 176 -20.87 5.91 -80.24
N GLY D 177 -19.66 5.41 -80.08
CA GLY D 177 -18.60 5.64 -81.05
C GLY D 177 -17.89 6.97 -80.92
N GLU D 178 -18.47 7.92 -80.20
CA GLU D 178 -17.78 9.21 -79.99
C GLU D 178 -16.83 9.19 -78.77
N PRO D 179 -15.88 10.13 -78.72
CA PRO D 179 -14.98 10.35 -77.61
C PRO D 179 -15.69 10.74 -76.32
N ALA D 180 -15.30 10.14 -75.20
CA ALA D 180 -15.85 10.49 -73.88
C ALA D 180 -15.40 11.86 -73.41
N ASP D 181 -16.23 12.49 -72.57
CA ASP D 181 -15.82 13.71 -71.90
C ASP D 181 -15.13 13.41 -70.58
N VAL D 182 -14.01 14.09 -70.35
CA VAL D 182 -13.24 13.88 -69.14
C VAL D 182 -13.07 15.20 -68.38
N ASP D 183 -13.59 15.27 -67.16
CA ASP D 183 -13.33 16.42 -66.27
C ASP D 183 -12.25 16.00 -65.31
N LEU D 184 -11.23 16.84 -65.20
CA LEU D 184 -10.13 16.59 -64.33
C LEU D 184 -10.39 17.07 -62.92
N GLY D 185 -11.51 17.76 -62.71
CA GLY D 185 -11.87 18.32 -61.40
C GLY D 185 -10.93 19.41 -60.89
N ALA D 186 -10.70 19.44 -59.58
CA ALA D 186 -9.80 20.41 -58.98
C ALA D 186 -8.51 20.65 -59.78
N ALA D 187 -8.05 19.65 -60.53
CA ALA D 187 -6.78 19.74 -61.25
C ALA D 187 -6.87 20.19 -62.70
N GLU D 188 -8.06 20.63 -63.12
CA GLU D 188 -8.21 21.27 -64.43
C GLU D 188 -7.31 22.51 -64.59
N GLY D 189 -6.43 22.46 -65.59
CA GLY D 189 -5.48 23.52 -65.85
C GLY D 189 -4.34 23.55 -64.85
N TYR D 190 -4.06 22.39 -64.27
CA TYR D 190 -2.86 22.14 -63.45
C TYR D 190 -2.25 20.85 -63.96
N ALA D 191 -3.10 19.89 -64.25
CA ALA D 191 -2.65 18.63 -64.81
C ALA D 191 -2.97 18.56 -66.29
N GLU D 192 -2.11 17.86 -67.04
CA GLU D 192 -2.32 17.67 -68.46
C GLU D 192 -3.26 16.51 -68.65
N LEU D 193 -4.06 16.59 -69.70
CA LEU D 193 -5.01 15.55 -70.03
C LEU D 193 -4.58 14.84 -71.30
N ASP D 194 -4.48 13.52 -71.22
CA ASP D 194 -4.39 12.74 -72.43
C ASP D 194 -5.59 11.85 -72.45
N ASN D 195 -6.62 12.26 -73.18
CA ASN D 195 -7.85 11.49 -73.23
C ASN D 195 -8.05 10.80 -74.56
N ARG D 196 -7.92 9.47 -74.52
CA ARG D 196 -8.09 8.60 -75.68
C ARG D 196 -9.35 7.72 -75.60
N ALA D 197 -10.01 7.80 -74.43
CA ALA D 197 -11.26 7.11 -74.14
C ALA D 197 -12.37 7.41 -75.13
N VAL D 198 -13.17 6.38 -75.37
CA VAL D 198 -14.30 6.44 -76.30
C VAL D 198 -15.60 6.04 -75.61
N THR D 199 -16.72 6.28 -76.30
CA THR D 199 -17.98 5.73 -75.88
C THR D 199 -18.22 4.43 -76.65
N GLY D 200 -18.70 3.41 -75.96
CA GLY D 200 -19.11 2.20 -76.63
C GLY D 200 -20.61 2.19 -76.72
N ALA D 201 -21.13 1.15 -77.36
CA ALA D 201 -22.56 0.98 -77.52
C ALA D 201 -23.18 0.68 -76.17
N ALA D 202 -24.49 0.84 -76.09
CA ALA D 202 -25.20 0.60 -74.86
C ALA D 202 -24.85 -0.81 -74.45
N GLY D 203 -24.49 -0.96 -73.18
CA GLY D 203 -24.29 -2.28 -72.58
C GLY D 203 -23.12 -3.08 -73.07
N SER D 204 -22.38 -2.52 -74.04
CA SER D 204 -21.04 -3.01 -74.41
C SER D 204 -20.14 -3.02 -73.15
N ALA D 205 -19.03 -3.76 -73.20
CA ALA D 205 -18.16 -3.90 -72.03
C ALA D 205 -17.44 -2.58 -71.62
N ASN D 206 -17.41 -2.31 -70.32
CA ASN D 206 -16.72 -1.15 -69.81
C ASN D 206 -15.24 -1.47 -69.63
N THR D 207 -14.40 -0.84 -70.43
CA THR D 207 -12.97 -1.15 -70.45
C THR D 207 -12.12 0.08 -70.06
N LEU D 208 -12.72 0.94 -69.25
CA LEU D 208 -12.13 2.21 -68.98
C LEU D 208 -10.99 2.15 -67.99
N VAL D 209 -9.92 2.87 -68.31
CA VAL D 209 -8.72 2.95 -67.49
C VAL D 209 -8.26 4.40 -67.31
N ILE D 210 -8.05 4.78 -66.04
CA ILE D 210 -7.66 6.14 -65.70
C ILE D 210 -6.33 6.05 -64.99
N ASP D 211 -5.30 6.61 -65.60
CA ASP D 211 -3.93 6.40 -65.14
C ASP D 211 -3.24 7.75 -65.06
N ARG D 212 -2.22 7.82 -64.21
CA ARG D 212 -1.21 8.86 -64.33
C ARG D 212 0.15 8.19 -64.54
N PRO D 213 0.68 8.26 -65.78
CA PRO D 213 1.93 7.56 -66.10
C PRO D 213 3.07 8.02 -65.19
N VAL D 214 3.92 7.08 -64.76
CA VAL D 214 4.99 7.40 -63.79
C VAL D 214 5.69 8.72 -64.07
N GLY D 215 6.01 9.46 -63.01
CA GLY D 215 6.82 10.66 -63.16
C GLY D 215 6.24 11.76 -64.05
N THR D 216 4.92 11.72 -64.30
CA THR D 216 4.29 12.77 -65.08
C THR D 216 3.20 13.47 -64.29
N ASN D 217 2.77 14.63 -64.77
CA ASN D 217 1.55 15.20 -64.24
C ASN D 217 0.39 15.01 -65.17
N THR D 218 0.50 14.05 -66.08
CA THR D 218 -0.54 13.78 -67.05
C THR D 218 -1.57 12.73 -66.55
N ILE D 219 -2.86 13.01 -66.71
CA ILE D 219 -3.91 11.98 -66.56
C ILE D 219 -4.23 11.35 -67.92
N ALA D 220 -3.82 10.10 -68.06
CA ALA D 220 -3.98 9.39 -69.29
C ALA D 220 -5.19 8.46 -69.19
N VAL D 221 -6.17 8.65 -70.07
CA VAL D 221 -7.38 7.82 -70.11
C VAL D 221 -7.51 7.00 -71.39
N THR D 222 -7.76 5.70 -71.24
CA THR D 222 -7.90 4.76 -72.37
C THR D 222 -9.14 3.90 -72.23
N GLY D 223 -9.35 2.99 -73.15
CA GLY D 223 -10.50 2.11 -73.06
C GLY D 223 -11.85 2.72 -73.47
N SER D 224 -12.92 2.01 -73.14
CA SER D 224 -14.26 2.32 -73.65
C SER D 224 -15.30 2.31 -72.52
N LEU D 225 -16.15 3.33 -72.52
CA LEU D 225 -17.27 3.42 -71.62
C LEU D 225 -18.62 3.37 -72.38
N PRO D 226 -19.53 2.47 -71.95
CA PRO D 226 -20.85 2.27 -72.57
C PRO D 226 -21.71 3.54 -72.57
N ALA D 227 -22.26 3.88 -73.74
CA ALA D 227 -23.16 5.03 -73.85
C ALA D 227 -24.22 5.08 -72.78
N ASP D 228 -24.65 3.93 -72.27
CA ASP D 228 -25.64 3.90 -71.18
C ASP D 228 -25.09 3.85 -69.75
N ALA D 229 -23.77 3.98 -69.59
CA ALA D 229 -23.17 3.80 -68.29
C ALA D 229 -23.37 5.04 -67.46
N ALA D 230 -23.64 4.86 -66.18
CA ALA D 230 -23.64 5.96 -65.26
C ALA D 230 -22.20 6.53 -65.30
N PRO D 231 -22.04 7.85 -65.09
CA PRO D 231 -20.70 8.42 -65.18
C PRO D 231 -19.75 7.79 -64.18
N VAL D 232 -18.46 7.79 -64.51
CA VAL D 232 -17.43 7.27 -63.62
C VAL D 232 -16.71 8.44 -62.93
N THR D 233 -16.51 8.31 -61.62
CA THR D 233 -15.68 9.25 -60.91
C THR D 233 -14.65 8.47 -60.09
N ALA D 234 -13.37 8.82 -60.26
CA ALA D 234 -12.26 8.15 -59.60
C ALA D 234 -11.24 9.14 -59.12
N LEU D 235 -10.71 8.88 -57.94
CA LEU D 235 -9.67 9.73 -57.39
C LEU D 235 -8.28 9.35 -57.94
N ARG D 236 -7.55 10.36 -58.39
CA ARG D 236 -6.16 10.15 -58.77
C ARG D 236 -5.25 11.24 -58.18
N THR D 237 -4.00 10.85 -57.96
CA THR D 237 -3.02 11.73 -57.34
C THR D 237 -2.53 12.68 -58.41
N VAL D 238 -1.90 13.79 -58.01
CA VAL D 238 -1.24 14.63 -58.99
C VAL D 238 0.13 14.82 -58.44
N ASP D 239 1.05 15.30 -59.28
CA ASP D 239 2.41 15.67 -58.84
C ASP D 239 2.38 16.98 -58.07
N GLU D 240 3.07 17.00 -56.93
CA GLU D 240 3.30 18.23 -56.12
C GLU D 240 2.00 18.81 -55.59
N PRO D 241 1.44 18.20 -54.52
CA PRO D 241 0.20 18.72 -53.93
C PRO D 241 0.22 20.23 -53.64
N ALA D 242 1.37 20.75 -53.21
CA ALA D 242 1.43 22.15 -52.86
C ALA D 242 1.26 23.02 -54.12
N ALA D 243 1.79 22.55 -55.25
CA ALA D 243 1.67 23.34 -56.47
C ALA D 243 0.23 23.40 -56.89
N LEU D 244 -0.48 22.29 -56.70
CA LEU D 244 -1.91 22.27 -57.00
C LEU D 244 -2.56 23.27 -56.09
N ALA D 245 -2.26 23.14 -54.80
CA ALA D 245 -2.87 24.03 -53.81
C ALA D 245 -2.68 25.46 -54.29
N GLY D 246 -1.49 25.72 -54.82
CA GLY D 246 -1.13 27.00 -55.36
C GLY D 246 -2.10 27.41 -56.42
N HIS D 247 -2.09 26.70 -57.53
CA HIS D 247 -3.05 26.90 -58.62
C HIS D 247 -4.49 27.21 -58.13
N LEU D 248 -5.04 26.34 -57.28
CA LEU D 248 -6.40 26.52 -56.73
C LEU D 248 -6.63 27.85 -56.04
N PHE D 249 -5.70 28.24 -55.18
CA PHE D 249 -5.75 29.48 -54.39
C PHE D 249 -5.78 30.70 -55.30
N GLU D 250 -5.04 30.64 -56.39
CA GLU D 250 -4.99 31.71 -57.37
C GLU D 250 -6.39 31.95 -57.86
N GLU D 251 -7.03 30.88 -58.30
CA GLU D 251 -8.40 30.91 -58.77
C GLU D 251 -9.37 31.37 -57.70
N ALA D 252 -9.05 31.14 -56.42
CA ALA D 252 -9.92 31.56 -55.33
C ALA D 252 -9.85 33.07 -55.10
N LEU D 253 -8.62 33.61 -55.11
CA LEU D 253 -8.38 35.04 -55.10
C LEU D 253 -8.96 35.72 -56.34
N GLU D 254 -9.12 34.95 -57.42
CA GLU D 254 -9.76 35.44 -58.64
C GLU D 254 -11.28 35.55 -58.45
N SER D 255 -11.81 34.80 -57.50
CA SER D 255 -13.20 34.93 -57.10
C SER D 255 -13.34 36.02 -56.06
N ASN D 256 -12.22 36.70 -55.79
CA ASN D 256 -12.18 37.85 -54.88
C ASN D 256 -11.60 39.08 -55.57
N GLY D 257 -11.50 39.02 -56.89
CA GLY D 257 -10.99 40.14 -57.69
C GLY D 257 -9.58 40.54 -57.34
N VAL D 258 -8.74 39.55 -57.06
CA VAL D 258 -7.34 39.80 -56.74
C VAL D 258 -6.47 39.26 -57.88
N THR D 259 -6.17 40.13 -58.85
CA THR D 259 -5.41 39.77 -60.06
C THR D 259 -3.98 39.29 -59.73
N VAL D 260 -3.46 38.39 -60.57
CA VAL D 260 -2.11 37.83 -60.44
C VAL D 260 -1.36 37.97 -61.79
N LYS D 261 -0.40 38.89 -61.83
CA LYS D 261 0.35 39.18 -63.06
C LYS D 261 1.49 38.19 -63.31
N GLY D 262 2.14 37.75 -62.23
CA GLY D 262 3.26 36.81 -62.29
C GLY D 262 2.84 35.36 -62.49
N ASP D 263 3.64 34.43 -61.96
CA ASP D 263 3.34 33.00 -62.08
C ASP D 263 3.01 32.34 -60.74
N VAL D 264 2.82 31.02 -60.78
CA VAL D 264 2.64 30.20 -59.59
C VAL D 264 3.69 29.11 -59.61
N GLY D 265 4.37 28.97 -58.47
CA GLY D 265 5.41 27.97 -58.29
C GLY D 265 5.71 27.78 -56.81
N LEU D 266 6.46 26.73 -56.52
CA LEU D 266 6.89 26.46 -55.16
C LEU D 266 8.05 27.39 -54.82
N GLY D 267 8.19 27.72 -53.53
CA GLY D 267 9.33 28.51 -53.05
C GLY D 267 9.24 28.80 -51.57
N GLY D 268 10.40 28.79 -50.90
CA GLY D 268 10.45 29.14 -49.48
C GLY D 268 10.22 30.64 -49.28
N VAL D 269 9.50 31.02 -48.21
CA VAL D 269 9.54 32.42 -47.75
C VAL D 269 11.03 32.74 -47.57
N PRO D 270 11.57 33.74 -48.32
CA PRO D 270 13.04 33.99 -48.29
C PRO D 270 13.50 34.41 -46.90
N ALA D 271 14.75 34.08 -46.57
CA ALA D 271 15.27 34.29 -45.21
C ALA D 271 15.04 35.72 -44.74
N ASP D 272 15.21 36.67 -45.66
CA ASP D 272 15.26 38.11 -45.36
C ASP D 272 13.94 38.82 -44.99
N TRP D 273 12.84 38.08 -44.85
CA TRP D 273 11.56 38.71 -44.52
C TRP D 273 11.27 38.69 -43.02
N GLN D 274 11.98 39.56 -42.30
CA GLN D 274 11.83 39.76 -40.85
C GLN D 274 10.43 40.25 -40.50
N ASP D 275 10.17 41.53 -40.77
CA ASP D 275 8.89 42.16 -40.47
C ASP D 275 7.87 41.73 -41.51
N ALA D 276 6.97 40.80 -41.13
CA ALA D 276 6.00 40.20 -42.07
C ALA D 276 4.55 40.15 -41.58
N GLU D 277 3.59 40.37 -42.49
CA GLU D 277 2.17 40.53 -42.15
C GLU D 277 1.29 39.30 -42.40
N VAL D 278 0.61 38.86 -41.34
CA VAL D 278 -0.23 37.66 -41.33
C VAL D 278 -1.62 37.97 -41.90
N LEU D 279 -1.71 38.09 -43.23
CA LEU D 279 -2.94 38.52 -43.92
C LEU D 279 -4.13 37.56 -43.73
N ALA D 280 -4.07 36.42 -44.45
CA ALA D 280 -5.10 35.38 -44.36
C ALA D 280 -4.62 34.23 -43.48
N ASP D 281 -5.57 33.48 -42.94
CA ASP D 281 -5.30 32.58 -41.84
C ASP D 281 -6.42 31.57 -41.60
N HIS D 282 -6.08 30.28 -41.74
CA HIS D 282 -6.97 29.19 -41.32
C HIS D 282 -6.35 28.31 -40.24
N THR D 283 -7.21 27.79 -39.37
CA THR D 283 -6.85 26.77 -38.40
C THR D 283 -7.83 25.61 -38.50
N SER D 284 -7.30 24.44 -38.79
CA SER D 284 -8.07 23.23 -38.92
C SER D 284 -8.86 22.93 -37.67
N ALA D 285 -9.68 21.89 -37.75
CA ALA D 285 -10.23 21.28 -36.57
C ALA D 285 -9.06 20.69 -35.81
N GLU D 286 -9.27 20.39 -34.54
CA GLU D 286 -8.25 19.76 -33.69
C GLU D 286 -8.11 18.25 -33.96
N LEU D 287 -6.99 17.69 -33.49
CA LEU D 287 -6.63 16.28 -33.73
C LEU D 287 -7.65 15.27 -33.25
N SER D 288 -8.52 15.71 -32.35
CA SER D 288 -9.56 14.86 -31.84
C SER D 288 -10.53 14.69 -33.00
N GLU D 289 -10.76 15.79 -33.71
CA GLU D 289 -11.74 15.84 -34.78
C GLU D 289 -11.21 15.31 -36.12
N ILE D 290 -9.89 15.23 -36.25
CA ILE D 290 -9.24 14.75 -37.48
C ILE D 290 -9.07 13.23 -37.41
N LEU D 291 -8.75 12.74 -36.22
CA LEU D 291 -8.54 11.30 -36.04
C LEU D 291 -9.68 10.49 -36.62
N VAL D 292 -10.86 11.09 -36.68
CA VAL D 292 -12.07 10.48 -37.21
C VAL D 292 -11.94 10.13 -38.73
N PRO D 293 -11.92 11.12 -39.64
CA PRO D 293 -11.79 10.73 -41.05
C PRO D 293 -10.43 10.07 -41.40
N PHE D 294 -9.54 9.99 -40.41
CA PHE D 294 -8.25 9.38 -40.58
C PHE D 294 -8.38 7.90 -40.32
N MET D 295 -8.64 7.54 -39.08
CA MET D 295 -8.71 6.13 -38.68
C MET D 295 -9.92 5.39 -39.25
N LYS D 296 -11.05 6.11 -39.35
CA LYS D 296 -12.27 5.50 -39.88
C LYS D 296 -11.97 4.99 -41.28
N PHE D 297 -11.69 5.93 -42.19
CA PHE D 297 -11.55 5.65 -43.61
C PHE D 297 -10.12 5.34 -44.01
N SER D 298 -9.28 5.10 -43.00
CA SER D 298 -7.91 4.56 -43.16
C SER D 298 -6.94 5.36 -44.05
N ASN D 299 -6.91 6.68 -43.87
CA ASN D 299 -6.18 7.61 -44.73
C ASN D 299 -4.65 7.48 -44.66
N ASN D 300 -4.00 7.16 -45.77
CA ASN D 300 -2.54 7.09 -45.78
C ASN D 300 -1.86 8.44 -45.77
N GLY D 301 -2.34 9.36 -46.62
CA GLY D 301 -1.86 10.76 -46.53
C GLY D 301 -1.81 11.24 -45.08
N HIS D 302 -2.94 11.11 -44.36
CA HIS D 302 -3.03 11.59 -42.98
C HIS D 302 -1.94 10.98 -42.13
N ALA D 303 -1.69 9.68 -42.28
CA ALA D 303 -0.75 8.99 -41.40
C ALA D 303 0.65 9.54 -41.54
N GLU D 304 1.13 9.68 -42.77
CA GLU D 304 2.48 10.16 -43.04
C GLU D 304 2.66 11.62 -42.63
N MET D 305 1.64 12.45 -42.81
CA MET D 305 1.77 13.84 -42.37
C MET D 305 1.89 13.91 -40.87
N LEU D 306 1.25 13.03 -40.15
CA LEU D 306 1.39 13.07 -38.69
C LEU D 306 2.77 12.66 -38.21
N VAL D 307 3.42 11.81 -39.00
CA VAL D 307 4.76 11.38 -38.68
C VAL D 307 5.65 12.58 -38.90
N LYS D 308 5.54 13.20 -40.07
CA LYS D 308 6.31 14.41 -40.32
C LYS D 308 6.03 15.54 -39.31
N SER D 309 4.81 15.63 -38.79
CA SER D 309 4.49 16.60 -37.74
C SER D 309 5.17 16.21 -36.44
N ILE D 310 5.02 14.94 -36.05
CA ILE D 310 5.71 14.41 -34.88
C ILE D 310 7.22 14.71 -34.93
N GLY D 311 7.79 14.62 -36.12
CA GLY D 311 9.15 15.04 -36.36
C GLY D 311 9.37 16.54 -36.16
N GLN D 312 8.42 17.36 -36.61
CA GLN D 312 8.54 18.81 -36.37
C GLN D 312 8.47 19.10 -34.85
N GLU D 313 7.47 18.51 -34.21
CA GLU D 313 7.39 18.66 -32.76
C GLU D 313 8.66 18.26 -32.04
N THR D 314 9.12 17.01 -32.21
CA THR D 314 10.19 16.49 -31.34
C THR D 314 11.59 16.89 -31.77
N ALA D 315 11.71 17.56 -32.91
CA ALA D 315 13.02 17.68 -33.49
C ALA D 315 13.16 18.77 -34.54
N GLY D 316 12.08 19.53 -34.74
CA GLY D 316 12.13 20.69 -35.64
C GLY D 316 12.40 20.35 -37.09
N ALA D 317 12.00 19.13 -37.50
CA ALA D 317 12.28 18.61 -38.84
C ALA D 317 11.07 17.88 -39.35
N GLY D 318 10.51 18.31 -40.47
CA GLY D 318 9.36 17.59 -40.96
C GLY D 318 9.91 16.51 -41.85
N THR D 319 10.28 15.37 -41.29
CA THR D 319 10.86 14.31 -42.10
C THR D 319 10.48 12.97 -41.55
N TRP D 320 10.55 11.94 -42.40
CA TRP D 320 10.32 10.60 -41.95
C TRP D 320 11.31 10.12 -40.88
N ASP D 321 12.59 10.46 -40.98
CA ASP D 321 13.55 10.02 -39.97
C ASP D 321 13.28 10.60 -38.58
N ALA D 322 13.11 11.92 -38.49
CA ALA D 322 12.68 12.54 -37.25
C ALA D 322 11.32 11.94 -36.85
N GLY D 323 10.34 12.04 -37.75
CA GLY D 323 9.02 11.43 -37.57
C GLY D 323 9.04 10.07 -36.91
N LEU D 324 9.78 9.13 -37.49
CA LEU D 324 9.76 7.75 -37.05
C LEU D 324 10.45 7.50 -35.70
N VAL D 325 11.52 8.24 -35.37
CA VAL D 325 12.12 8.16 -34.03
C VAL D 325 11.14 8.72 -32.99
N GLY D 326 10.51 9.85 -33.33
CA GLY D 326 9.44 10.39 -32.51
C GLY D 326 8.48 9.28 -32.11
N VAL D 327 7.92 8.63 -33.12
CA VAL D 327 6.97 7.60 -32.89
C VAL D 327 7.54 6.50 -31.98
N GLU D 328 8.78 6.05 -32.21
CA GLU D 328 9.31 4.95 -31.41
C GLU D 328 9.43 5.40 -29.97
N GLU D 329 9.99 6.60 -29.79
CA GLU D 329 10.05 7.22 -28.48
C GLU D 329 8.68 7.47 -27.91
N ALA D 330 7.78 8.12 -28.66
CA ALA D 330 6.42 8.38 -28.14
C ALA D 330 5.86 7.08 -27.56
N LEU D 331 6.00 6.02 -28.33
CA LEU D 331 5.55 4.70 -27.92
C LEU D 331 6.19 4.21 -26.64
N SER D 332 7.52 4.29 -26.53
CA SER D 332 8.19 3.84 -25.30
C SER D 332 7.84 4.73 -24.11
N GLY D 333 7.84 6.04 -24.31
CA GLY D 333 7.42 7.01 -23.29
C GLY D 333 5.90 7.07 -23.15
N LEU D 334 5.27 5.94 -23.43
CA LEU D 334 3.84 5.73 -23.24
C LEU D 334 3.69 4.23 -22.91
N GLY D 335 4.70 3.68 -22.27
CA GLY D 335 4.63 2.36 -21.63
C GLY D 335 4.50 1.14 -22.51
N VAL D 336 5.09 1.18 -23.70
CA VAL D 336 5.06 0.04 -24.63
C VAL D 336 6.46 -0.45 -25.03
N ASP D 337 6.72 -1.72 -24.79
CA ASP D 337 7.90 -2.42 -25.31
C ASP D 337 7.94 -2.31 -26.84
N THR D 338 9.09 -1.92 -27.41
CA THR D 338 9.20 -1.78 -28.88
C THR D 338 10.35 -2.55 -29.54
N ALA D 339 10.81 -3.62 -28.90
CA ALA D 339 11.83 -4.47 -29.51
C ALA D 339 11.28 -5.19 -30.75
N GLY D 340 10.01 -5.63 -30.67
CA GLY D 340 9.34 -6.29 -31.80
C GLY D 340 9.08 -5.45 -33.05
N LEU D 341 9.22 -4.12 -32.95
CA LEU D 341 8.83 -3.22 -34.05
C LEU D 341 9.97 -2.87 -35.01
N VAL D 342 9.60 -2.71 -36.27
CA VAL D 342 10.41 -1.93 -37.21
C VAL D 342 9.48 -0.94 -37.91
N LEU D 343 9.76 0.37 -37.74
CA LEU D 343 8.94 1.42 -38.34
C LEU D 343 9.58 2.04 -39.57
N ASN D 344 8.85 1.99 -40.69
CA ASN D 344 9.37 2.46 -41.95
C ASN D 344 8.44 3.49 -42.57
N ASP D 345 7.18 3.47 -42.18
CA ASP D 345 6.32 4.64 -42.39
C ASP D 345 5.23 4.71 -41.35
N GLY D 346 4.41 5.75 -41.42
CA GLY D 346 3.29 5.85 -40.54
C GLY D 346 2.12 4.99 -41.01
N SER D 347 1.97 4.84 -42.33
CA SER D 347 0.73 4.32 -42.87
C SER D 347 0.65 2.81 -42.78
N GLY D 348 1.77 2.14 -42.90
CA GLY D 348 1.69 0.71 -43.04
C GLY D 348 1.79 0.28 -44.49
N LEU D 349 1.68 1.23 -45.42
CA LEU D 349 1.93 0.94 -46.83
C LEU D 349 3.28 0.31 -47.09
N SER D 350 4.33 0.80 -46.46
CA SER D 350 5.65 0.29 -46.69
C SER D 350 5.67 -1.14 -46.25
N ARG D 351 6.31 -1.96 -47.08
CA ARG D 351 6.58 -3.36 -46.75
C ARG D 351 7.77 -3.50 -45.81
N GLY D 352 8.45 -2.38 -45.53
CA GLY D 352 9.55 -2.39 -44.58
C GLY D 352 9.08 -2.48 -43.13
N ASN D 353 7.79 -2.27 -42.91
CA ASN D 353 7.23 -2.30 -41.57
C ASN D 353 7.22 -3.70 -40.97
N LEU D 354 7.23 -3.75 -39.64
CA LEU D 354 7.24 -4.99 -38.86
C LEU D 354 6.63 -4.75 -37.49
N VAL D 355 5.64 -5.54 -37.11
CA VAL D 355 5.15 -5.57 -35.74
C VAL D 355 4.98 -6.99 -35.23
N THR D 356 4.41 -7.09 -34.02
CA THR D 356 3.90 -8.32 -33.41
C THR D 356 2.55 -7.91 -32.83
N ALA D 357 1.67 -8.88 -32.61
CA ALA D 357 0.34 -8.61 -32.05
C ALA D 357 0.37 -8.42 -30.53
N ASP D 358 1.34 -9.03 -29.85
CA ASP D 358 1.65 -8.70 -28.47
C ASP D 358 1.86 -7.21 -28.34
N THR D 359 2.55 -6.64 -29.33
CA THR D 359 2.85 -5.23 -29.36
C THR D 359 1.58 -4.43 -29.58
N VAL D 360 0.76 -4.95 -30.48
CA VAL D 360 -0.48 -4.29 -30.86
C VAL D 360 -1.41 -4.18 -29.65
N VAL D 361 -1.66 -5.32 -29.00
CA VAL D 361 -2.48 -5.37 -27.79
C VAL D 361 -1.79 -4.54 -26.72
N ASP D 362 -0.50 -4.80 -26.55
CA ASP D 362 0.32 -4.00 -25.65
C ASP D 362 0.00 -2.51 -25.84
N LEU D 363 -0.17 -2.08 -27.09
CA LEU D 363 -0.53 -0.69 -27.37
C LEU D 363 -1.95 -0.42 -26.91
N LEU D 364 -2.87 -1.32 -27.24
CA LEU D 364 -4.26 -1.13 -26.86
C LEU D 364 -4.45 -1.06 -25.33
N GLY D 365 -3.65 -1.83 -24.60
CA GLY D 365 -3.65 -1.81 -23.14
C GLY D 365 -3.22 -0.46 -22.60
N GLN D 366 -2.17 0.09 -23.18
CA GLN D 366 -1.65 1.40 -22.78
C GLN D 366 -2.52 2.54 -23.31
N ALA D 367 -3.06 2.36 -24.51
CA ALA D 367 -3.97 3.32 -25.09
C ALA D 367 -5.30 3.31 -24.35
N GLY D 368 -5.62 2.17 -23.75
CA GLY D 368 -6.80 2.02 -22.89
C GLY D 368 -6.62 2.86 -21.64
N SER D 369 -5.46 2.73 -20.99
CA SER D 369 -5.14 3.48 -19.79
C SER D 369 -4.55 4.87 -20.09
N ALA D 370 -5.20 5.62 -21.00
CA ALA D 370 -4.65 6.89 -21.46
C ALA D 370 -5.64 8.04 -21.27
N PRO D 371 -5.13 9.28 -21.12
CA PRO D 371 -6.01 10.43 -20.91
C PRO D 371 -6.72 10.91 -22.18
N TRP D 372 -6.15 10.57 -23.33
CA TRP D 372 -6.77 10.89 -24.60
C TRP D 372 -7.77 9.81 -25.03
N ALA D 373 -7.76 8.68 -24.32
CA ALA D 373 -8.38 7.41 -24.73
C ALA D 373 -9.83 7.45 -25.28
N GLN D 374 -10.48 8.62 -25.16
CA GLN D 374 -11.84 8.83 -25.66
C GLN D 374 -11.96 9.30 -27.12
N THR D 375 -10.96 10.02 -27.62
CA THR D 375 -10.96 10.40 -29.03
C THR D 375 -10.29 9.32 -29.87
N TRP D 376 -9.42 8.57 -29.21
CA TRP D 376 -8.85 7.34 -29.76
C TRP D 376 -9.96 6.34 -30.07
N SER D 377 -10.87 6.11 -29.12
CA SER D 377 -12.04 5.26 -29.37
C SER D 377 -12.85 5.80 -30.56
N ALA D 378 -13.21 7.08 -30.49
CA ALA D 378 -14.07 7.82 -31.44
C ALA D 378 -13.66 7.76 -32.92
N SER D 379 -12.38 7.48 -33.15
CA SER D 379 -11.81 7.33 -34.49
C SER D 379 -11.97 5.92 -35.04
N LEU D 380 -11.82 4.92 -34.16
CA LEU D 380 -11.81 3.52 -34.55
C LEU D 380 -13.14 3.05 -35.13
N PRO D 381 -13.13 2.58 -36.40
CA PRO D 381 -14.32 2.12 -37.10
C PRO D 381 -15.16 1.17 -36.26
N VAL D 382 -16.48 1.28 -36.41
CA VAL D 382 -17.43 0.43 -35.70
C VAL D 382 -18.12 -0.54 -36.65
N ALA D 383 -17.83 -1.82 -36.46
CA ALA D 383 -18.33 -2.90 -37.29
C ALA D 383 -19.85 -2.87 -37.48
N GLY D 384 -20.27 -2.99 -38.74
CA GLY D 384 -21.67 -3.12 -39.05
C GLY D 384 -22.43 -1.85 -39.36
N GLU D 385 -21.99 -0.72 -38.82
CA GLU D 385 -22.69 0.56 -39.01
C GLU D 385 -22.52 1.14 -40.42
N SER D 386 -23.66 1.42 -41.06
CA SER D 386 -23.73 1.78 -42.47
C SER D 386 -23.17 3.16 -42.73
N ASP D 387 -23.43 4.09 -41.80
CA ASP D 387 -23.02 5.49 -41.92
C ASP D 387 -21.50 5.50 -42.06
N PRO D 388 -20.98 5.99 -43.21
CA PRO D 388 -19.53 6.00 -43.41
C PRO D 388 -18.73 6.47 -42.16
N PHE D 389 -19.00 7.70 -41.71
CA PHE D 389 -18.34 8.33 -40.57
C PHE D 389 -18.42 7.58 -39.23
N VAL D 390 -19.17 6.47 -39.19
CA VAL D 390 -19.27 5.64 -37.98
C VAL D 390 -18.75 4.23 -38.27
N GLY D 391 -19.14 3.70 -39.42
CA GLY D 391 -18.77 2.35 -39.81
C GLY D 391 -17.42 2.29 -40.48
N GLY D 392 -17.14 3.28 -41.33
CA GLY D 392 -15.86 3.37 -42.02
C GLY D 392 -15.60 2.15 -42.87
N THR D 393 -14.47 1.47 -42.58
CA THR D 393 -14.10 0.25 -43.34
C THR D 393 -14.62 -0.98 -42.66
N LEU D 394 -15.43 -0.75 -41.63
CA LEU D 394 -16.17 -1.81 -41.02
C LEU D 394 -17.67 -1.58 -41.26
N ALA D 395 -17.99 -0.76 -42.25
CA ALA D 395 -19.36 -0.38 -42.51
C ALA D 395 -20.16 -1.53 -43.10
N ASN D 396 -19.50 -2.32 -43.95
CA ASN D 396 -20.13 -3.43 -44.68
C ASN D 396 -19.64 -4.77 -44.17
N ARG D 397 -19.24 -4.81 -42.91
CA ARG D 397 -18.70 -6.03 -42.32
C ARG D 397 -19.37 -6.33 -40.96
N MET D 398 -19.50 -7.61 -40.64
CA MET D 398 -20.16 -8.05 -39.43
C MET D 398 -21.60 -7.53 -39.27
N ARG D 399 -22.20 -7.08 -40.38
CA ARG D 399 -23.61 -6.62 -40.38
C ARG D 399 -24.57 -7.66 -39.80
N GLY D 400 -25.56 -7.20 -39.05
CA GLY D 400 -26.56 -8.09 -38.44
C GLY D 400 -26.09 -9.11 -37.40
N THR D 401 -24.91 -8.90 -36.82
CA THR D 401 -24.34 -9.81 -35.80
C THR D 401 -24.20 -9.16 -34.42
N ALA D 402 -23.83 -9.96 -33.43
CA ALA D 402 -23.54 -9.44 -32.10
C ALA D 402 -22.52 -8.29 -32.14
N ALA D 403 -21.68 -8.30 -33.18
CA ALA D 403 -20.60 -7.32 -33.34
C ALA D 403 -21.04 -6.05 -34.08
N GLU D 404 -22.28 -6.01 -34.56
CA GLU D 404 -22.82 -4.79 -35.19
C GLU D 404 -22.95 -3.63 -34.18
N GLY D 405 -22.31 -2.52 -34.49
CA GLY D 405 -22.43 -1.32 -33.65
C GLY D 405 -21.72 -1.45 -32.32
N VAL D 406 -20.93 -2.51 -32.18
CA VAL D 406 -20.26 -2.87 -30.93
C VAL D 406 -18.73 -2.97 -31.03
N VAL D 407 -18.26 -3.88 -31.88
CA VAL D 407 -16.82 -4.07 -32.06
C VAL D 407 -16.20 -2.84 -32.73
N GLU D 408 -15.28 -2.19 -32.03
CA GLU D 408 -14.52 -1.10 -32.62
C GLU D 408 -13.05 -1.49 -32.89
N ALA D 409 -12.63 -1.38 -34.16
CA ALA D 409 -11.36 -1.93 -34.64
C ALA D 409 -10.83 -1.28 -35.92
N LYS D 410 -9.53 -1.50 -36.17
CA LYS D 410 -8.82 -0.93 -37.33
C LYS D 410 -8.44 -2.03 -38.29
N THR D 411 -8.79 -1.78 -39.56
CA THR D 411 -8.54 -2.70 -40.69
C THR D 411 -7.12 -2.57 -41.22
N GLY D 412 -6.75 -3.50 -42.08
CA GLY D 412 -5.45 -3.42 -42.75
C GLY D 412 -5.25 -4.58 -43.68
N THR D 413 -5.32 -4.34 -45.00
CA THR D 413 -5.07 -5.40 -45.98
C THR D 413 -4.27 -4.95 -47.20
N MET D 414 -3.27 -5.76 -47.57
CA MET D 414 -2.57 -5.67 -48.85
C MET D 414 -2.33 -7.09 -49.38
N SER D 415 -1.59 -7.17 -50.49
CA SER D 415 -1.13 -8.41 -51.11
C SER D 415 -0.50 -9.37 -50.09
N GLY D 416 -1.22 -10.43 -49.77
CA GLY D 416 -0.72 -11.42 -48.83
C GLY D 416 -0.46 -10.88 -47.43
N VAL D 417 -1.12 -9.77 -47.10
CA VAL D 417 -1.14 -9.25 -45.75
C VAL D 417 -2.55 -8.79 -45.34
N SER D 418 -2.95 -9.05 -44.10
CA SER D 418 -4.22 -8.54 -43.57
C SER D 418 -4.30 -8.58 -42.06
N ALA D 419 -5.14 -7.72 -41.47
CA ALA D 419 -5.10 -7.50 -40.02
C ALA D 419 -6.24 -6.65 -39.50
N LEU D 420 -6.66 -7.00 -38.30
CA LEU D 420 -7.71 -6.33 -37.58
C LEU D 420 -7.38 -6.41 -36.10
N SER D 421 -7.39 -5.26 -35.46
CA SER D 421 -7.10 -5.18 -34.03
C SER D 421 -8.01 -4.13 -33.39
N GLY D 422 -8.60 -4.44 -32.23
CA GLY D 422 -9.52 -3.48 -31.62
C GLY D 422 -10.10 -3.74 -30.23
N TYR D 423 -11.27 -3.12 -29.99
CA TYR D 423 -11.95 -3.14 -28.69
C TYR D 423 -13.30 -3.84 -28.75
N VAL D 424 -13.73 -4.36 -27.60
CA VAL D 424 -14.92 -5.18 -27.52
C VAL D 424 -15.70 -4.72 -26.30
N PRO D 425 -16.38 -3.56 -26.40
CA PRO D 425 -17.11 -3.04 -25.25
C PRO D 425 -18.40 -3.81 -25.02
N GLY D 426 -18.62 -4.22 -23.77
CA GLY D 426 -19.83 -4.94 -23.39
C GLY D 426 -19.84 -5.23 -21.90
N PRO D 427 -21.03 -5.17 -21.27
CA PRO D 427 -21.36 -5.29 -19.83
C PRO D 427 -20.28 -5.85 -18.87
N GLU D 428 -19.62 -6.94 -19.24
CA GLU D 428 -18.52 -7.52 -18.45
C GLU D 428 -17.43 -6.48 -18.22
N GLY D 429 -17.08 -5.80 -19.31
CA GLY D 429 -15.99 -4.83 -19.38
C GLY D 429 -15.53 -4.74 -20.82
N GLU D 430 -14.62 -3.81 -21.08
CA GLU D 430 -13.98 -3.68 -22.39
C GLU D 430 -13.04 -4.87 -22.61
N LEU D 431 -12.82 -5.24 -23.87
CA LEU D 431 -11.79 -6.22 -24.23
C LEU D 431 -10.78 -5.60 -25.17
N ALA D 432 -9.70 -6.32 -25.45
CA ALA D 432 -8.69 -5.89 -26.43
C ALA D 432 -8.09 -7.08 -27.19
N PHE D 433 -7.95 -6.91 -28.50
CA PHE D 433 -7.47 -7.98 -29.36
C PHE D 433 -6.71 -7.51 -30.60
N SER D 434 -5.77 -8.33 -31.06
CA SER D 434 -5.13 -8.17 -32.35
C SER D 434 -5.04 -9.47 -33.10
N ILE D 435 -5.41 -9.40 -34.39
CA ILE D 435 -5.28 -10.49 -35.34
C ILE D 435 -4.44 -10.06 -36.53
N VAL D 436 -3.35 -10.78 -36.81
CA VAL D 436 -2.44 -10.41 -37.90
C VAL D 436 -2.05 -11.58 -38.79
N ASN D 437 -2.42 -11.49 -40.07
CA ASN D 437 -2.22 -12.53 -41.08
C ASN D 437 -1.21 -12.10 -42.16
N ASN D 438 -0.12 -12.85 -42.30
CA ASN D 438 0.81 -12.69 -43.41
C ASN D 438 0.80 -14.01 -44.09
N GLY D 439 1.40 -14.12 -45.27
CA GLY D 439 1.69 -15.43 -45.89
C GLY D 439 0.74 -16.09 -46.88
N HIS D 440 -0.56 -15.84 -46.73
CA HIS D 440 -1.59 -16.42 -47.61
C HIS D 440 -1.53 -15.84 -49.02
N SER D 441 -2.08 -16.53 -50.01
CA SER D 441 -2.06 -15.99 -51.37
C SER D 441 -3.42 -15.86 -52.06
N GLY D 442 -4.48 -16.28 -51.40
CA GLY D 442 -5.84 -16.02 -51.87
C GLY D 442 -6.34 -14.67 -51.37
N PRO D 443 -7.67 -14.51 -51.17
CA PRO D 443 -8.18 -13.26 -50.58
C PRO D 443 -7.84 -13.14 -49.10
N ALA D 444 -7.89 -11.92 -48.57
CA ALA D 444 -7.61 -11.65 -47.17
C ALA D 444 -8.70 -12.20 -46.24
N PRO D 445 -8.35 -13.14 -45.34
CA PRO D 445 -9.36 -13.91 -44.64
C PRO D 445 -10.22 -13.06 -43.72
N LEU D 446 -10.96 -12.13 -44.32
CA LEU D 446 -11.87 -11.25 -43.60
C LEU D 446 -12.98 -12.01 -42.85
N ALA D 447 -13.35 -13.18 -43.35
CA ALA D 447 -14.28 -14.03 -42.64
C ALA D 447 -13.67 -14.50 -41.32
N VAL D 448 -12.40 -14.89 -41.35
CA VAL D 448 -11.66 -15.24 -40.13
C VAL D 448 -11.59 -14.06 -39.15
N GLN D 449 -11.27 -12.88 -39.64
CA GLN D 449 -11.38 -11.67 -38.84
C GLN D 449 -12.85 -11.44 -38.37
N ASP D 450 -13.78 -11.30 -39.32
CA ASP D 450 -15.20 -11.05 -39.05
C ASP D 450 -15.64 -11.77 -37.81
N ALA D 451 -15.47 -13.09 -37.81
CA ALA D 451 -16.19 -14.00 -36.91
C ALA D 451 -15.51 -14.28 -35.59
N ILE D 452 -14.20 -14.11 -35.52
CA ILE D 452 -13.53 -14.12 -34.23
C ILE D 452 -14.03 -12.93 -33.44
N ALA D 453 -14.18 -11.79 -34.12
CA ALA D 453 -14.78 -10.60 -33.50
C ALA D 453 -16.24 -10.82 -33.02
N VAL D 454 -17.02 -11.60 -33.77
CA VAL D 454 -18.36 -11.99 -33.36
C VAL D 454 -18.33 -12.81 -32.06
N ARG D 455 -17.39 -13.77 -31.98
CA ARG D 455 -17.23 -14.67 -30.82
C ARG D 455 -16.89 -13.92 -29.53
N LEU D 456 -15.99 -12.95 -29.64
CA LEU D 456 -15.66 -12.05 -28.53
C LEU D 456 -16.88 -11.27 -28.07
N ALA D 457 -17.65 -10.75 -29.03
CA ALA D 457 -18.86 -9.99 -28.73
C ALA D 457 -19.86 -10.85 -27.93
N GLU D 458 -19.85 -12.15 -28.19
CA GLU D 458 -20.73 -13.09 -27.51
C GLU D 458 -20.17 -13.42 -26.12
N TYR D 459 -18.85 -13.43 -26.01
CA TYR D 459 -18.16 -13.51 -24.72
C TYR D 459 -18.45 -12.25 -23.89
N ALA D 460 -18.47 -11.09 -24.56
CA ALA D 460 -18.80 -9.81 -23.94
C ALA D 460 -20.30 -9.65 -23.59
N GLY D 461 -21.07 -10.71 -23.78
CA GLY D 461 -22.50 -10.74 -23.44
C GLY D 461 -23.46 -10.11 -24.44
N HIS D 462 -23.19 -10.32 -25.73
CA HIS D 462 -24.07 -9.84 -26.79
C HIS D 462 -24.64 -11.01 -27.58
N GLN D 463 -25.65 -10.72 -28.39
CA GLN D 463 -26.31 -11.72 -29.21
C GLN D 463 -26.54 -11.15 -30.60
N ALA D 464 -26.44 -12.00 -31.61
CA ALA D 464 -26.63 -11.56 -32.98
C ALA D 464 -28.11 -11.23 -33.24
N PRO D 465 -28.44 -9.94 -33.52
CA PRO D 465 -29.81 -9.42 -33.58
C PRO D 465 -30.67 -9.87 -34.77
N GLU D 466 -31.77 -10.56 -34.46
CA GLU D 466 -32.74 -10.99 -35.46
C GLU D 466 -33.59 -9.81 -35.93
O6 FP5 E . 22.33 8.46 57.09
C5 FP5 E . 22.24 7.79 56.04
N4 FP5 E . 22.33 6.46 56.00
C3 FP5 E . 22.55 5.56 57.12
B FP5 E . 21.32 4.53 57.10
C7 FP5 E . 21.95 8.42 54.70
CG FP5 E . 20.45 8.38 54.72
CD2 FP5 E . 19.76 9.30 55.50
CE2 FP5 E . 18.37 9.26 55.54
CZ FP5 E . 17.69 8.27 54.83
CE1 FP5 E . 18.40 7.33 54.06
CD1 FP5 E . 19.78 7.40 54.01
S SO4 F . 27.03 -19.34 40.70
O1 SO4 F . 25.95 -19.04 41.65
O2 SO4 F . 27.17 -20.82 40.77
O3 SO4 F . 28.22 -18.66 41.17
O4 SO4 F . 26.76 -18.90 39.32
S SO4 G . 28.45 13.00 43.83
O1 SO4 G . 29.35 11.85 43.67
O2 SO4 G . 28.90 14.10 43.00
O3 SO4 G . 28.48 13.42 45.24
O4 SO4 G . 27.09 12.64 43.47
S SO4 H . 7.64 5.22 39.04
O1 SO4 H . 8.26 4.84 40.33
O2 SO4 H . 7.96 4.25 37.97
O3 SO4 H . 8.13 6.52 38.59
O4 SO4 H . 6.19 5.25 39.31
S SO4 I . 33.67 0.44 45.53
O1 SO4 I . 34.02 0.86 46.90
O2 SO4 I . 34.41 -0.77 45.14
O3 SO4 I . 34.05 1.48 44.56
O4 SO4 I . 32.21 0.21 45.49
MG MG J . 27.98 -0.12 26.80
MG MG K . 36.41 -0.48 75.21
C ACN L . 19.65 11.81 51.74
O ACN L . 20.70 11.39 51.22
C1 ACN L . 18.45 12.38 50.99
C2 ACN L . 19.19 11.26 53.05
S SO4 M . 33.48 6.73 52.84
O1 SO4 M . 32.63 5.61 53.28
O2 SO4 M . 32.64 7.91 52.53
O3 SO4 M . 34.44 7.05 53.88
O4 SO4 M . 34.24 6.36 51.65
O6 FP5 N . -8.79 -37.83 8.22
C5 FP5 N . -7.89 -38.54 8.70
N4 FP5 N . -6.66 -38.70 8.14
C3 FP5 N . -6.21 -38.15 6.87
B FP5 N . -4.77 -37.44 7.05
C7 FP5 N . -8.07 -39.18 10.05
CG FP5 N . -7.52 -38.09 10.92
CD2 FP5 N . -8.36 -37.06 11.36
CE2 FP5 N . -7.82 -36.02 12.13
CZ FP5 N . -6.46 -36.01 12.44
CE1 FP5 N . -5.60 -37.03 12.00
CD1 FP5 N . -6.15 -38.06 11.24
S SO4 O . 20.21 -53.20 6.43
O1 SO4 O . 20.70 -51.91 6.96
O2 SO4 O . 19.51 -53.97 7.48
O3 SO4 O . 21.34 -54.00 5.98
O4 SO4 O . 19.33 -52.96 5.30
S SO4 P . -11.68 -51.44 13.42
O1 SO4 P . -12.52 -50.87 12.37
O2 SO4 P . -10.79 -52.46 12.86
O3 SO4 P . -12.54 -52.02 14.46
O4 SO4 P . -10.84 -50.40 14.01
S SO4 Q . 1.84 -40.39 28.49
O1 SO4 Q . 1.58 -39.34 27.49
O2 SO4 Q . 3.30 -40.61 28.55
O3 SO4 Q . 1.18 -41.63 28.13
O4 SO4 Q . 1.27 -40.02 29.79
S SO4 R . -0.85 -53.79 5.16
O1 SO4 R . -1.45 -54.30 6.40
O2 SO4 R . -0.01 -54.83 4.57
O3 SO4 R . -0.05 -52.61 5.48
O4 SO4 R . -1.89 -53.43 4.19
C ACN S . -10.92 -40.44 13.25
O ACN S . -11.89 -39.70 13.33
C1 ACN S . -9.55 -39.86 13.41
C2 ACN S . -10.89 -41.67 12.36
O6 FP5 T . -25.68 36.51 -20.46
C5 FP5 T . -24.86 36.11 -19.61
N4 FP5 T . -23.56 35.93 -19.85
C3 FP5 T . -22.89 36.18 -21.13
B FP5 T . -21.44 36.82 -20.77
C7 FP5 T . -25.27 35.79 -18.20
CG FP5 T . -24.83 36.98 -17.39
CD2 FP5 T . -25.65 38.12 -17.35
CE2 FP5 T . -25.26 39.25 -16.63
CZ FP5 T . -24.05 39.23 -15.95
CE1 FP5 T . -23.22 38.09 -15.98
CD1 FP5 T . -23.61 36.96 -16.71
S SO4 U . 1.65 19.56 -16.10
O1 SO4 U . 1.24 20.78 -16.81
O2 SO4 U . 2.76 19.88 -15.21
O3 SO4 U . 2.13 18.63 -17.10
O4 SO4 U . 0.56 18.96 -15.32
S SO4 V . -30.50 24.55 -13.62
O1 SO4 V . -31.96 24.52 -13.53
O2 SO4 V . -29.96 24.51 -12.26
O3 SO4 V . -30.03 25.78 -14.28
O4 SO4 V . -30.00 23.37 -14.33
S SO4 W . -17.84 36.68 1.60
O1 SO4 W . -16.72 35.70 1.59
O2 SO4 W . -17.53 37.94 0.88
O3 SO4 W . -18.20 37.02 2.98
O4 SO4 W . -19.01 36.09 0.96
S SO4 X . -18.86 20.47 -19.89
O1 SO4 X . -19.86 19.62 -19.20
O2 SO4 X . -17.71 19.62 -20.17
O3 SO4 X . -18.47 21.62 -19.05
O4 SO4 X . -19.44 20.94 -21.15
C ACN Y . -28.53 35.47 -15.25
O ACN Y . -28.09 36.28 -14.42
C1 ACN Y . -29.71 35.73 -16.18
C2 ACN Y . -27.80 34.21 -15.68
O6 FP5 Z . -7.20 -1.48 -45.67
C5 FP5 Z . -6.70 -0.36 -45.84
N4 FP5 Z . -6.68 0.58 -44.89
C3 FP5 Z . -7.20 0.52 -43.53
B FP5 Z . -6.21 1.29 -42.54
C7 FP5 Z . -6.03 0.06 -47.14
CG FP5 Z . -4.56 -0.02 -46.81
CD2 FP5 Z . -3.86 -1.21 -47.00
CE2 FP5 Z . -2.52 -1.30 -46.69
CZ FP5 Z . -1.86 -0.20 -46.17
CE1 FP5 Z . -2.55 0.99 -45.96
CD1 FP5 Z . -3.89 1.09 -46.28
S SO4 AA . -10.60 29.37 -39.45
O1 SO4 AA . -11.33 29.02 -38.23
O2 SO4 AA . -9.49 28.43 -39.49
O3 SO4 AA . -10.05 30.73 -39.46
O4 SO4 AA . -11.45 29.20 -40.63
S SO4 BA . -10.71 3.76 -58.68
O1 SO4 BA . -11.86 3.92 -59.58
O2 SO4 BA . -10.83 2.51 -57.91
O3 SO4 BA . -10.65 4.89 -57.73
O4 SO4 BA . -9.49 3.72 -59.47
S SO4 CA . 10.32 11.77 -54.09
O1 SO4 CA . 9.97 10.53 -53.37
O2 SO4 CA . 11.61 11.57 -54.77
O3 SO4 CA . 10.39 12.88 -53.12
O4 SO4 CA . 9.34 12.15 -55.13
S SO4 DA . -16.29 12.71 -50.22
O1 SO4 DA . -14.86 12.83 -49.92
O2 SO4 DA . -16.98 13.97 -49.95
O3 SO4 DA . -16.87 11.64 -49.41
O4 SO4 DA . -16.49 12.39 -51.64
MG MG EA . -8.19 24.91 -62.18
MG MG FA . -25.58 -5.57 -28.47
C ACN GA . -2.13 -1.03 -51.17
O ACN GA . -2.95 -0.09 -51.16
C1 ACN GA . -0.73 -0.98 -51.73
C2 ACN GA . -2.13 -2.04 -50.07
C ACN HA . 12.97 20.62 -43.48
O ACN HA . 14.00 19.93 -43.35
C1 ACN HA . 11.89 20.76 -42.42
C2 ACN HA . 12.71 21.50 -44.69
#